data_3Q0W
# 
_entry.id   3Q0W 
# 
_audit_conform.dict_name       mmcif_pdbx.dic 
_audit_conform.dict_version    5.387 
_audit_conform.dict_location   http://mmcif.pdb.org/dictionaries/ascii/mmcif_pdbx.dic 
# 
loop_
_database_2.database_id 
_database_2.database_code 
_database_2.pdbx_database_accession 
_database_2.pdbx_DOI 
PDB   3Q0W         pdb_00003q0w 10.2210/pdb3q0w/pdb 
RCSB  RCSB063054   ?            ?                   
WWPDB D_1000063054 ?            ?                   
# 
loop_
_pdbx_audit_revision_history.ordinal 
_pdbx_audit_revision_history.data_content_type 
_pdbx_audit_revision_history.major_revision 
_pdbx_audit_revision_history.minor_revision 
_pdbx_audit_revision_history.revision_date 
1 'Structure model' 1 0 2011-12-21 
2 'Structure model' 1 1 2012-04-25 
3 'Structure model' 1 2 2012-05-09 
4 'Structure model' 1 3 2024-02-21 
# 
_pdbx_audit_revision_details.ordinal             1 
_pdbx_audit_revision_details.revision_ordinal    1 
_pdbx_audit_revision_details.data_content_type   'Structure model' 
_pdbx_audit_revision_details.provider            repository 
_pdbx_audit_revision_details.type                'Initial release' 
_pdbx_audit_revision_details.description         ? 
_pdbx_audit_revision_details.details             ? 
# 
loop_
_pdbx_audit_revision_group.ordinal 
_pdbx_audit_revision_group.revision_ordinal 
_pdbx_audit_revision_group.data_content_type 
_pdbx_audit_revision_group.group 
1 2 'Structure model' 'Database references'  
2 3 'Structure model' 'Database references'  
3 4 'Structure model' 'Data collection'      
4 4 'Structure model' 'Database references'  
5 4 'Structure model' 'Derived calculations' 
# 
loop_
_pdbx_audit_revision_category.ordinal 
_pdbx_audit_revision_category.revision_ordinal 
_pdbx_audit_revision_category.data_content_type 
_pdbx_audit_revision_category.category 
1 4 'Structure model' chem_comp_atom     
2 4 'Structure model' chem_comp_bond     
3 4 'Structure model' database_2         
4 4 'Structure model' struct_ref_seq_dif 
5 4 'Structure model' struct_site        
# 
loop_
_pdbx_audit_revision_item.ordinal 
_pdbx_audit_revision_item.revision_ordinal 
_pdbx_audit_revision_item.data_content_type 
_pdbx_audit_revision_item.item 
1 4 'Structure model' '_database_2.pdbx_DOI'                
2 4 'Structure model' '_database_2.pdbx_database_accession' 
3 4 'Structure model' '_struct_ref_seq_dif.details'         
4 4 'Structure model' '_struct_site.pdbx_auth_asym_id'      
5 4 'Structure model' '_struct_site.pdbx_auth_comp_id'      
6 4 'Structure model' '_struct_site.pdbx_auth_seq_id'       
# 
_pdbx_database_status.status_code                     REL 
_pdbx_database_status.entry_id                        3Q0W 
_pdbx_database_status.recvd_initial_deposition_date   2010-12-16 
_pdbx_database_status.deposit_site                    RCSB 
_pdbx_database_status.process_site                    RCSB 
_pdbx_database_status.status_code_sf                  REL 
_pdbx_database_status.status_code_mr                  ? 
_pdbx_database_status.SG_entry                        ? 
_pdbx_database_status.status_code_cs                  ? 
_pdbx_database_status.pdb_format_compatible           Y 
_pdbx_database_status.status_code_nmr_data            ? 
_pdbx_database_status.methods_development_category    ? 
# 
loop_
_pdbx_database_related.db_name 
_pdbx_database_related.db_id 
_pdbx_database_related.details 
_pdbx_database_related.content_type 
PDB 3O8G . unspecified 
PDB 3O8L . unspecified 
PDB 3G1M . unspecified 
PDB 3G1L . unspecified 
PDB 3G1O . unspecified 
PDB 1U9N . unspecified 
PDB 3Q0U . unspecified 
PDB 3Q0V . unspecified 
# 
loop_
_audit_author.name 
_audit_author.pdbx_ordinal 
'Flipo, M.'      1  
'Desrose, M.'    2  
'Dirie, B.'      3  
'Carette, X.'    4  
'Leroux, F.'     5  
'Lens, Z.'       6  
'Rucktooa, P.'   7  
'Piveteau, C.'   8  
'Demirkaya, F.'  9  
'Locht, C.'      10 
'Villeret, V.'   11 
'Christophe, T.' 12 
'Jeon, H.K.'     13 
'Brodin, P.'     14 
'Deprez, B.'     15 
'Baulard, A.'    16 
'Willand, N.'    17 
# 
_citation.id                        primary 
_citation.title                     
;Structural activation of the transcriptional repressor EthR from Mycobacterium tuberculosis by single amino acid change mimicking natural and synthetic ligands.
;
_citation.journal_abbrev            'Nucleic Acids Res.' 
_citation.journal_volume            40 
_citation.page_first                3018 
_citation.page_last                 3030 
_citation.year                      2012 
_citation.journal_id_ASTM           NARHAD 
_citation.country                   UK 
_citation.journal_id_ISSN           0305-1048 
_citation.journal_id_CSD            0389 
_citation.book_publisher            ? 
_citation.pdbx_database_id_PubMed   22156370 
_citation.pdbx_database_id_DOI      10.1093/nar/gkr1113 
# 
loop_
_citation_author.citation_id 
_citation_author.name 
_citation_author.ordinal 
_citation_author.identifier_ORCID 
primary 'Carette, X.'       1  ? 
primary 'Blondiaux, N.'     2  ? 
primary 'Willery, E.'       3  ? 
primary 'Hoos, S.'          4  ? 
primary 'Lecat-Guillet, N.' 5  ? 
primary 'Lens, Z.'          6  ? 
primary 'Wohlkonig, A.'     7  ? 
primary 'Wintjens, R.'      8  ? 
primary 'Soror, S.H.'       9  ? 
primary 'Frenois, F.'       10 ? 
primary 'Dirie, B.'         11 ? 
primary 'Villeret, V.'      12 ? 
primary 'England, P.'       13 ? 
primary 'Lippens, G.'       14 ? 
primary 'Deprez, B.'        15 ? 
primary 'Locht, C.'         16 ? 
primary 'Willand, N.'       17 ? 
primary 'Baulard, A.R.'     18 ? 
# 
loop_
_entity.id 
_entity.type 
_entity.src_method 
_entity.pdbx_description 
_entity.formula_weight 
_entity.pdbx_number_of_molecules 
_entity.pdbx_ec 
_entity.pdbx_mutation 
_entity.pdbx_fragment 
_entity.details 
1 polymer     man 'HTH-type transcriptional regulator EthR'                                                       25953.076 1   ? 
? ? ? 
2 non-polymer syn '(2S)-2-amino-3-methyl-1-{4-[3-(thiophen-2-yl)-1,2,4-oxadiazol-5-yl]piperidin-1-yl}butan-1-one' 334.436   1   ? 
? ? ? 
3 non-polymer syn GLYCEROL                                                                                        92.094    1   ? 
? ? ? 
4 water       nat water                                                                                           18.015    114 ? 
? ? ? 
# 
_entity_poly.entity_id                      1 
_entity_poly.type                           'polypeptide(L)' 
_entity_poly.nstd_linkage                   no 
_entity_poly.nstd_monomer                   no 
_entity_poly.pdbx_seq_one_letter_code       
;MGSSHHHHHHSSGLVPRGSHMTTSAASQASLPRGRRTARPSGDDRELAILATAENLLEDRPLADISVDDLAKGAGISRPT
FYFYFPSKEAVLLTLLDRVVNQADMALQTLAENPADTDRENMWRTGINVFFETFGSHKAVTRAGQAARATSVEVAELWST
FMQKWIAYTAAVIDAERDRGAAPRTLPAHELATALNLMNERTLFASFAGEQPSVPEARVLDTLVHIWVTSIYGENR
;
_entity_poly.pdbx_seq_one_letter_code_can   
;MGSSHHHHHHSSGLVPRGSHMTTSAASQASLPRGRRTARPSGDDRELAILATAENLLEDRPLADISVDDLAKGAGISRPT
FYFYFPSKEAVLLTLLDRVVNQADMALQTLAENPADTDRENMWRTGINVFFETFGSHKAVTRAGQAARATSVEVAELWST
FMQKWIAYTAAVIDAERDRGAAPRTLPAHELATALNLMNERTLFASFAGEQPSVPEARVLDTLVHIWVTSIYGENR
;
_entity_poly.pdbx_strand_id                 A 
_entity_poly.pdbx_target_identifier         ? 
# 
loop_
_pdbx_entity_nonpoly.entity_id 
_pdbx_entity_nonpoly.name 
_pdbx_entity_nonpoly.comp_id 
2 '(2S)-2-amino-3-methyl-1-{4-[3-(thiophen-2-yl)-1,2,4-oxadiazol-5-yl]piperidin-1-yl}butan-1-one' LL5 
3 GLYCEROL                                                                                        GOL 
4 water                                                                                           HOH 
# 
loop_
_entity_poly_seq.entity_id 
_entity_poly_seq.num 
_entity_poly_seq.mon_id 
_entity_poly_seq.hetero 
1 1   MET n 
1 2   GLY n 
1 3   SER n 
1 4   SER n 
1 5   HIS n 
1 6   HIS n 
1 7   HIS n 
1 8   HIS n 
1 9   HIS n 
1 10  HIS n 
1 11  SER n 
1 12  SER n 
1 13  GLY n 
1 14  LEU n 
1 15  VAL n 
1 16  PRO n 
1 17  ARG n 
1 18  GLY n 
1 19  SER n 
1 20  HIS n 
1 21  MET n 
1 22  THR n 
1 23  THR n 
1 24  SER n 
1 25  ALA n 
1 26  ALA n 
1 27  SER n 
1 28  GLN n 
1 29  ALA n 
1 30  SER n 
1 31  LEU n 
1 32  PRO n 
1 33  ARG n 
1 34  GLY n 
1 35  ARG n 
1 36  ARG n 
1 37  THR n 
1 38  ALA n 
1 39  ARG n 
1 40  PRO n 
1 41  SER n 
1 42  GLY n 
1 43  ASP n 
1 44  ASP n 
1 45  ARG n 
1 46  GLU n 
1 47  LEU n 
1 48  ALA n 
1 49  ILE n 
1 50  LEU n 
1 51  ALA n 
1 52  THR n 
1 53  ALA n 
1 54  GLU n 
1 55  ASN n 
1 56  LEU n 
1 57  LEU n 
1 58  GLU n 
1 59  ASP n 
1 60  ARG n 
1 61  PRO n 
1 62  LEU n 
1 63  ALA n 
1 64  ASP n 
1 65  ILE n 
1 66  SER n 
1 67  VAL n 
1 68  ASP n 
1 69  ASP n 
1 70  LEU n 
1 71  ALA n 
1 72  LYS n 
1 73  GLY n 
1 74  ALA n 
1 75  GLY n 
1 76  ILE n 
1 77  SER n 
1 78  ARG n 
1 79  PRO n 
1 80  THR n 
1 81  PHE n 
1 82  TYR n 
1 83  PHE n 
1 84  TYR n 
1 85  PHE n 
1 86  PRO n 
1 87  SER n 
1 88  LYS n 
1 89  GLU n 
1 90  ALA n 
1 91  VAL n 
1 92  LEU n 
1 93  LEU n 
1 94  THR n 
1 95  LEU n 
1 96  LEU n 
1 97  ASP n 
1 98  ARG n 
1 99  VAL n 
1 100 VAL n 
1 101 ASN n 
1 102 GLN n 
1 103 ALA n 
1 104 ASP n 
1 105 MET n 
1 106 ALA n 
1 107 LEU n 
1 108 GLN n 
1 109 THR n 
1 110 LEU n 
1 111 ALA n 
1 112 GLU n 
1 113 ASN n 
1 114 PRO n 
1 115 ALA n 
1 116 ASP n 
1 117 THR n 
1 118 ASP n 
1 119 ARG n 
1 120 GLU n 
1 121 ASN n 
1 122 MET n 
1 123 TRP n 
1 124 ARG n 
1 125 THR n 
1 126 GLY n 
1 127 ILE n 
1 128 ASN n 
1 129 VAL n 
1 130 PHE n 
1 131 PHE n 
1 132 GLU n 
1 133 THR n 
1 134 PHE n 
1 135 GLY n 
1 136 SER n 
1 137 HIS n 
1 138 LYS n 
1 139 ALA n 
1 140 VAL n 
1 141 THR n 
1 142 ARG n 
1 143 ALA n 
1 144 GLY n 
1 145 GLN n 
1 146 ALA n 
1 147 ALA n 
1 148 ARG n 
1 149 ALA n 
1 150 THR n 
1 151 SER n 
1 152 VAL n 
1 153 GLU n 
1 154 VAL n 
1 155 ALA n 
1 156 GLU n 
1 157 LEU n 
1 158 TRP n 
1 159 SER n 
1 160 THR n 
1 161 PHE n 
1 162 MET n 
1 163 GLN n 
1 164 LYS n 
1 165 TRP n 
1 166 ILE n 
1 167 ALA n 
1 168 TYR n 
1 169 THR n 
1 170 ALA n 
1 171 ALA n 
1 172 VAL n 
1 173 ILE n 
1 174 ASP n 
1 175 ALA n 
1 176 GLU n 
1 177 ARG n 
1 178 ASP n 
1 179 ARG n 
1 180 GLY n 
1 181 ALA n 
1 182 ALA n 
1 183 PRO n 
1 184 ARG n 
1 185 THR n 
1 186 LEU n 
1 187 PRO n 
1 188 ALA n 
1 189 HIS n 
1 190 GLU n 
1 191 LEU n 
1 192 ALA n 
1 193 THR n 
1 194 ALA n 
1 195 LEU n 
1 196 ASN n 
1 197 LEU n 
1 198 MET n 
1 199 ASN n 
1 200 GLU n 
1 201 ARG n 
1 202 THR n 
1 203 LEU n 
1 204 PHE n 
1 205 ALA n 
1 206 SER n 
1 207 PHE n 
1 208 ALA n 
1 209 GLY n 
1 210 GLU n 
1 211 GLN n 
1 212 PRO n 
1 213 SER n 
1 214 VAL n 
1 215 PRO n 
1 216 GLU n 
1 217 ALA n 
1 218 ARG n 
1 219 VAL n 
1 220 LEU n 
1 221 ASP n 
1 222 THR n 
1 223 LEU n 
1 224 VAL n 
1 225 HIS n 
1 226 ILE n 
1 227 TRP n 
1 228 VAL n 
1 229 THR n 
1 230 SER n 
1 231 ILE n 
1 232 TYR n 
1 233 GLY n 
1 234 GLU n 
1 235 ASN n 
1 236 ARG n 
# 
_entity_src_gen.entity_id                          1 
_entity_src_gen.pdbx_src_id                        1 
_entity_src_gen.pdbx_alt_source_flag               sample 
_entity_src_gen.pdbx_seq_type                      ? 
_entity_src_gen.pdbx_beg_seq_num                   ? 
_entity_src_gen.pdbx_end_seq_num                   ? 
_entity_src_gen.gene_src_common_name               ? 
_entity_src_gen.gene_src_genus                     ? 
_entity_src_gen.pdbx_gene_src_gene                 'ethR, etaR, MT3970, Rv3855' 
_entity_src_gen.gene_src_species                   ? 
_entity_src_gen.gene_src_strain                    ? 
_entity_src_gen.gene_src_tissue                    ? 
_entity_src_gen.gene_src_tissue_fraction           ? 
_entity_src_gen.gene_src_details                   ? 
_entity_src_gen.pdbx_gene_src_fragment             ? 
_entity_src_gen.pdbx_gene_src_scientific_name      'Mycobacterium tuberculosis' 
_entity_src_gen.pdbx_gene_src_ncbi_taxonomy_id     1773 
_entity_src_gen.pdbx_gene_src_variant              ? 
_entity_src_gen.pdbx_gene_src_cell_line            ? 
_entity_src_gen.pdbx_gene_src_atcc                 ? 
_entity_src_gen.pdbx_gene_src_organ                ? 
_entity_src_gen.pdbx_gene_src_organelle            ? 
_entity_src_gen.pdbx_gene_src_cell                 ? 
_entity_src_gen.pdbx_gene_src_cellular_location    ? 
_entity_src_gen.host_org_common_name               ? 
_entity_src_gen.pdbx_host_org_scientific_name      'Escherichia coli' 
_entity_src_gen.pdbx_host_org_ncbi_taxonomy_id     562 
_entity_src_gen.host_org_genus                     ? 
_entity_src_gen.pdbx_host_org_gene                 ? 
_entity_src_gen.pdbx_host_org_organ                ? 
_entity_src_gen.host_org_species                   ? 
_entity_src_gen.pdbx_host_org_tissue               ? 
_entity_src_gen.pdbx_host_org_tissue_fraction      ? 
_entity_src_gen.pdbx_host_org_strain               ? 
_entity_src_gen.pdbx_host_org_variant              ? 
_entity_src_gen.pdbx_host_org_cell_line            ? 
_entity_src_gen.pdbx_host_org_atcc                 ? 
_entity_src_gen.pdbx_host_org_culture_collection   ? 
_entity_src_gen.pdbx_host_org_cell                 ? 
_entity_src_gen.pdbx_host_org_organelle            ? 
_entity_src_gen.pdbx_host_org_cellular_location    ? 
_entity_src_gen.pdbx_host_org_vector_type          ? 
_entity_src_gen.pdbx_host_org_vector               ? 
_entity_src_gen.host_org_details                   ? 
_entity_src_gen.expression_system_id               ? 
_entity_src_gen.plasmid_name                       ? 
_entity_src_gen.plasmid_details                    ? 
_entity_src_gen.pdbx_description                   ? 
# 
loop_
_chem_comp.id 
_chem_comp.type 
_chem_comp.mon_nstd_flag 
_chem_comp.name 
_chem_comp.pdbx_synonyms 
_chem_comp.formula 
_chem_comp.formula_weight 
ALA 'L-peptide linking' y ALANINE                                                                                         ? 
'C3 H7 N O2'      89.093  
ARG 'L-peptide linking' y ARGININE                                                                                        ? 
'C6 H15 N4 O2 1'  175.209 
ASN 'L-peptide linking' y ASPARAGINE                                                                                      ? 
'C4 H8 N2 O3'     132.118 
ASP 'L-peptide linking' y 'ASPARTIC ACID'                                                                                 ? 
'C4 H7 N O4'      133.103 
GLN 'L-peptide linking' y GLUTAMINE                                                                                       ? 
'C5 H10 N2 O3'    146.144 
GLU 'L-peptide linking' y 'GLUTAMIC ACID'                                                                                 ? 
'C5 H9 N O4'      147.129 
GLY 'peptide linking'   y GLYCINE                                                                                         ? 
'C2 H5 N O2'      75.067  
GOL non-polymer         . GLYCEROL                                                                                        
'GLYCERIN; PROPANE-1,2,3-TRIOL' 'C3 H8 O3'        92.094  
HIS 'L-peptide linking' y HISTIDINE                                                                                       ? 
'C6 H10 N3 O2 1'  156.162 
HOH non-polymer         . WATER                                                                                           ? 'H2 O' 
18.015  
ILE 'L-peptide linking' y ISOLEUCINE                                                                                      ? 
'C6 H13 N O2'     131.173 
LEU 'L-peptide linking' y LEUCINE                                                                                         ? 
'C6 H13 N O2'     131.173 
LL5 non-polymer         . '(2S)-2-amino-3-methyl-1-{4-[3-(thiophen-2-yl)-1,2,4-oxadiazol-5-yl]piperidin-1-yl}butan-1-one' ? 
'C16 H22 N4 O2 S' 334.436 
LYS 'L-peptide linking' y LYSINE                                                                                          ? 
'C6 H15 N2 O2 1'  147.195 
MET 'L-peptide linking' y METHIONINE                                                                                      ? 
'C5 H11 N O2 S'   149.211 
PHE 'L-peptide linking' y PHENYLALANINE                                                                                   ? 
'C9 H11 N O2'     165.189 
PRO 'L-peptide linking' y PROLINE                                                                                         ? 
'C5 H9 N O2'      115.130 
SER 'L-peptide linking' y SERINE                                                                                          ? 
'C3 H7 N O3'      105.093 
THR 'L-peptide linking' y THREONINE                                                                                       ? 
'C4 H9 N O3'      119.119 
TRP 'L-peptide linking' y TRYPTOPHAN                                                                                      ? 
'C11 H12 N2 O2'   204.225 
TYR 'L-peptide linking' y TYROSINE                                                                                        ? 
'C9 H11 N O3'     181.189 
VAL 'L-peptide linking' y VALINE                                                                                          ? 
'C5 H11 N O2'     117.146 
# 
loop_
_pdbx_poly_seq_scheme.asym_id 
_pdbx_poly_seq_scheme.entity_id 
_pdbx_poly_seq_scheme.seq_id 
_pdbx_poly_seq_scheme.mon_id 
_pdbx_poly_seq_scheme.ndb_seq_num 
_pdbx_poly_seq_scheme.pdb_seq_num 
_pdbx_poly_seq_scheme.auth_seq_num 
_pdbx_poly_seq_scheme.pdb_mon_id 
_pdbx_poly_seq_scheme.auth_mon_id 
_pdbx_poly_seq_scheme.pdb_strand_id 
_pdbx_poly_seq_scheme.pdb_ins_code 
_pdbx_poly_seq_scheme.hetero 
A 1 1   MET 1   -19 ?   ?   ?   A . n 
A 1 2   GLY 2   -18 ?   ?   ?   A . n 
A 1 3   SER 3   -17 ?   ?   ?   A . n 
A 1 4   SER 4   -16 ?   ?   ?   A . n 
A 1 5   HIS 5   -15 ?   ?   ?   A . n 
A 1 6   HIS 6   -14 ?   ?   ?   A . n 
A 1 7   HIS 7   -13 ?   ?   ?   A . n 
A 1 8   HIS 8   -12 ?   ?   ?   A . n 
A 1 9   HIS 9   -11 ?   ?   ?   A . n 
A 1 10  HIS 10  -10 ?   ?   ?   A . n 
A 1 11  SER 11  -9  ?   ?   ?   A . n 
A 1 12  SER 12  -8  ?   ?   ?   A . n 
A 1 13  GLY 13  -7  ?   ?   ?   A . n 
A 1 14  LEU 14  -6  ?   ?   ?   A . n 
A 1 15  VAL 15  -5  ?   ?   ?   A . n 
A 1 16  PRO 16  -4  ?   ?   ?   A . n 
A 1 17  ARG 17  -3  ?   ?   ?   A . n 
A 1 18  GLY 18  -2  ?   ?   ?   A . n 
A 1 19  SER 19  -1  ?   ?   ?   A . n 
A 1 20  HIS 20  0   ?   ?   ?   A . n 
A 1 21  MET 21  1   ?   ?   ?   A . n 
A 1 22  THR 22  2   ?   ?   ?   A . n 
A 1 23  THR 23  3   ?   ?   ?   A . n 
A 1 24  SER 24  4   ?   ?   ?   A . n 
A 1 25  ALA 25  5   ?   ?   ?   A . n 
A 1 26  ALA 26  6   ?   ?   ?   A . n 
A 1 27  SER 27  7   ?   ?   ?   A . n 
A 1 28  GLN 28  8   ?   ?   ?   A . n 
A 1 29  ALA 29  9   ?   ?   ?   A . n 
A 1 30  SER 30  10  ?   ?   ?   A . n 
A 1 31  LEU 31  11  ?   ?   ?   A . n 
A 1 32  PRO 32  12  ?   ?   ?   A . n 
A 1 33  ARG 33  13  ?   ?   ?   A . n 
A 1 34  GLY 34  14  ?   ?   ?   A . n 
A 1 35  ARG 35  15  ?   ?   ?   A . n 
A 1 36  ARG 36  16  ?   ?   ?   A . n 
A 1 37  THR 37  17  ?   ?   ?   A . n 
A 1 38  ALA 38  18  ?   ?   ?   A . n 
A 1 39  ARG 39  19  ?   ?   ?   A . n 
A 1 40  PRO 40  20  ?   ?   ?   A . n 
A 1 41  SER 41  21  ?   ?   ?   A . n 
A 1 42  GLY 42  22  22  GLY GLY A . n 
A 1 43  ASP 43  23  23  ASP ASP A . n 
A 1 44  ASP 44  24  24  ASP ASP A . n 
A 1 45  ARG 45  25  25  ARG ARG A . n 
A 1 46  GLU 46  26  26  GLU GLU A . n 
A 1 47  LEU 47  27  27  LEU LEU A . n 
A 1 48  ALA 48  28  28  ALA ALA A . n 
A 1 49  ILE 49  29  29  ILE ILE A . n 
A 1 50  LEU 50  30  30  LEU LEU A . n 
A 1 51  ALA 51  31  31  ALA ALA A . n 
A 1 52  THR 52  32  32  THR THR A . n 
A 1 53  ALA 53  33  33  ALA ALA A . n 
A 1 54  GLU 54  34  34  GLU GLU A . n 
A 1 55  ASN 55  35  35  ASN ASN A . n 
A 1 56  LEU 56  36  36  LEU LEU A . n 
A 1 57  LEU 57  37  37  LEU LEU A . n 
A 1 58  GLU 58  38  38  GLU GLU A . n 
A 1 59  ASP 59  39  39  ASP ASP A . n 
A 1 60  ARG 60  40  40  ARG ARG A . n 
A 1 61  PRO 61  41  41  PRO PRO A . n 
A 1 62  LEU 62  42  42  LEU LEU A . n 
A 1 63  ALA 63  43  43  ALA ALA A . n 
A 1 64  ASP 64  44  44  ASP ASP A . n 
A 1 65  ILE 65  45  45  ILE ILE A . n 
A 1 66  SER 66  46  46  SER SER A . n 
A 1 67  VAL 67  47  47  VAL VAL A . n 
A 1 68  ASP 68  48  48  ASP ASP A . n 
A 1 69  ASP 69  49  49  ASP ASP A . n 
A 1 70  LEU 70  50  50  LEU LEU A . n 
A 1 71  ALA 71  51  51  ALA ALA A . n 
A 1 72  LYS 72  52  52  LYS LYS A . n 
A 1 73  GLY 73  53  53  GLY GLY A . n 
A 1 74  ALA 74  54  54  ALA ALA A . n 
A 1 75  GLY 75  55  55  GLY GLY A . n 
A 1 76  ILE 76  56  56  ILE ILE A . n 
A 1 77  SER 77  57  57  SER SER A . n 
A 1 78  ARG 78  58  58  ARG ARG A . n 
A 1 79  PRO 79  59  59  PRO PRO A . n 
A 1 80  THR 80  60  60  THR THR A . n 
A 1 81  PHE 81  61  61  PHE PHE A . n 
A 1 82  TYR 82  62  62  TYR TYR A . n 
A 1 83  PHE 83  63  63  PHE PHE A . n 
A 1 84  TYR 84  64  64  TYR TYR A . n 
A 1 85  PHE 85  65  65  PHE PHE A . n 
A 1 86  PRO 86  66  66  PRO PRO A . n 
A 1 87  SER 87  67  67  SER SER A . n 
A 1 88  LYS 88  68  68  LYS LYS A . n 
A 1 89  GLU 89  69  69  GLU GLU A . n 
A 1 90  ALA 90  70  70  ALA ALA A . n 
A 1 91  VAL 91  71  71  VAL VAL A . n 
A 1 92  LEU 92  72  72  LEU LEU A . n 
A 1 93  LEU 93  73  73  LEU LEU A . n 
A 1 94  THR 94  74  74  THR THR A . n 
A 1 95  LEU 95  75  75  LEU LEU A . n 
A 1 96  LEU 96  76  76  LEU LEU A . n 
A 1 97  ASP 97  77  77  ASP ASP A . n 
A 1 98  ARG 98  78  78  ARG ARG A . n 
A 1 99  VAL 99  79  79  VAL VAL A . n 
A 1 100 VAL 100 80  80  VAL VAL A . n 
A 1 101 ASN 101 81  81  ASN ASN A . n 
A 1 102 GLN 102 82  82  GLN GLN A . n 
A 1 103 ALA 103 83  83  ALA ALA A . n 
A 1 104 ASP 104 84  84  ASP ASP A . n 
A 1 105 MET 105 85  85  MET MET A . n 
A 1 106 ALA 106 86  86  ALA ALA A . n 
A 1 107 LEU 107 87  87  LEU LEU A . n 
A 1 108 GLN 108 88  88  GLN GLN A . n 
A 1 109 THR 109 89  89  THR THR A . n 
A 1 110 LEU 110 90  90  LEU LEU A . n 
A 1 111 ALA 111 91  91  ALA ALA A . n 
A 1 112 GLU 112 92  92  GLU GLU A . n 
A 1 113 ASN 113 93  93  ASN ASN A . n 
A 1 114 PRO 114 94  94  PRO PRO A . n 
A 1 115 ALA 115 95  95  ALA ALA A . n 
A 1 116 ASP 116 96  96  ASP ASP A . n 
A 1 117 THR 117 97  97  THR THR A . n 
A 1 118 ASP 118 98  98  ASP ASP A . n 
A 1 119 ARG 119 99  99  ARG ARG A . n 
A 1 120 GLU 120 100 100 GLU GLU A . n 
A 1 121 ASN 121 101 101 ASN ASN A . n 
A 1 122 MET 122 102 102 MET MET A . n 
A 1 123 TRP 123 103 103 TRP TRP A . n 
A 1 124 ARG 124 104 104 ARG ARG A . n 
A 1 125 THR 125 105 105 THR THR A . n 
A 1 126 GLY 126 106 106 GLY GLY A . n 
A 1 127 ILE 127 107 107 ILE ILE A . n 
A 1 128 ASN 128 108 108 ASN ASN A . n 
A 1 129 VAL 129 109 109 VAL VAL A . n 
A 1 130 PHE 130 110 110 PHE PHE A . n 
A 1 131 PHE 131 111 111 PHE PHE A . n 
A 1 132 GLU 132 112 112 GLU GLU A . n 
A 1 133 THR 133 113 113 THR THR A . n 
A 1 134 PHE 134 114 114 PHE PHE A . n 
A 1 135 GLY 135 115 115 GLY GLY A . n 
A 1 136 SER 136 116 116 SER SER A . n 
A 1 137 HIS 137 117 117 HIS HIS A . n 
A 1 138 LYS 138 118 118 LYS LYS A . n 
A 1 139 ALA 139 119 119 ALA ALA A . n 
A 1 140 VAL 140 120 120 VAL VAL A . n 
A 1 141 THR 141 121 121 THR THR A . n 
A 1 142 ARG 142 122 122 ARG ARG A . n 
A 1 143 ALA 143 123 123 ALA ALA A . n 
A 1 144 GLY 144 124 124 GLY GLY A . n 
A 1 145 GLN 145 125 125 GLN GLN A . n 
A 1 146 ALA 146 126 126 ALA ALA A . n 
A 1 147 ALA 147 127 127 ALA ALA A . n 
A 1 148 ARG 148 128 128 ARG ARG A . n 
A 1 149 ALA 149 129 129 ALA ALA A . n 
A 1 150 THR 150 130 130 THR THR A . n 
A 1 151 SER 151 131 131 SER SER A . n 
A 1 152 VAL 152 132 132 VAL VAL A . n 
A 1 153 GLU 153 133 133 GLU GLU A . n 
A 1 154 VAL 154 134 134 VAL VAL A . n 
A 1 155 ALA 155 135 135 ALA ALA A . n 
A 1 156 GLU 156 136 136 GLU GLU A . n 
A 1 157 LEU 157 137 137 LEU LEU A . n 
A 1 158 TRP 158 138 138 TRP TRP A . n 
A 1 159 SER 159 139 139 SER SER A . n 
A 1 160 THR 160 140 140 THR THR A . n 
A 1 161 PHE 161 141 141 PHE PHE A . n 
A 1 162 MET 162 142 142 MET MET A . n 
A 1 163 GLN 163 143 143 GLN GLN A . n 
A 1 164 LYS 164 144 144 LYS LYS A . n 
A 1 165 TRP 165 145 145 TRP TRP A . n 
A 1 166 ILE 166 146 146 ILE ILE A . n 
A 1 167 ALA 167 147 147 ALA ALA A . n 
A 1 168 TYR 168 148 148 TYR TYR A . n 
A 1 169 THR 169 149 149 THR THR A . n 
A 1 170 ALA 170 150 150 ALA ALA A . n 
A 1 171 ALA 171 151 151 ALA ALA A . n 
A 1 172 VAL 172 152 152 VAL VAL A . n 
A 1 173 ILE 173 153 153 ILE ILE A . n 
A 1 174 ASP 174 154 154 ASP ASP A . n 
A 1 175 ALA 175 155 155 ALA ALA A . n 
A 1 176 GLU 176 156 156 GLU GLU A . n 
A 1 177 ARG 177 157 157 ARG ARG A . n 
A 1 178 ASP 178 158 158 ASP ASP A . n 
A 1 179 ARG 179 159 159 ARG ARG A . n 
A 1 180 GLY 180 160 160 GLY GLY A . n 
A 1 181 ALA 181 161 161 ALA ALA A . n 
A 1 182 ALA 182 162 162 ALA ALA A . n 
A 1 183 PRO 183 163 163 PRO PRO A . n 
A 1 184 ARG 184 164 164 ARG ARG A . n 
A 1 185 THR 185 165 165 THR THR A . n 
A 1 186 LEU 186 166 166 LEU LEU A . n 
A 1 187 PRO 187 167 167 PRO PRO A . n 
A 1 188 ALA 188 168 168 ALA ALA A . n 
A 1 189 HIS 189 169 169 HIS HIS A . n 
A 1 190 GLU 190 170 170 GLU GLU A . n 
A 1 191 LEU 191 171 171 LEU LEU A . n 
A 1 192 ALA 192 172 172 ALA ALA A . n 
A 1 193 THR 193 173 173 THR THR A . n 
A 1 194 ALA 194 174 174 ALA ALA A . n 
A 1 195 LEU 195 175 175 LEU LEU A . n 
A 1 196 ASN 196 176 176 ASN ASN A . n 
A 1 197 LEU 197 177 177 LEU LEU A . n 
A 1 198 MET 198 178 178 MET MET A . n 
A 1 199 ASN 199 179 179 ASN ASN A . n 
A 1 200 GLU 200 180 180 GLU GLU A . n 
A 1 201 ARG 201 181 181 ARG ARG A . n 
A 1 202 THR 202 182 182 THR THR A . n 
A 1 203 LEU 203 183 183 LEU LEU A . n 
A 1 204 PHE 204 184 184 PHE PHE A . n 
A 1 205 ALA 205 185 185 ALA ALA A . n 
A 1 206 SER 206 186 186 SER SER A . n 
A 1 207 PHE 207 187 187 PHE PHE A . n 
A 1 208 ALA 208 188 188 ALA ALA A . n 
A 1 209 GLY 209 189 189 GLY GLY A . n 
A 1 210 GLU 210 190 190 GLU GLU A . n 
A 1 211 GLN 211 191 191 GLN GLN A . n 
A 1 212 PRO 212 192 192 PRO PRO A . n 
A 1 213 SER 213 193 193 SER SER A . n 
A 1 214 VAL 214 194 194 VAL VAL A . n 
A 1 215 PRO 215 195 195 PRO PRO A . n 
A 1 216 GLU 216 196 196 GLU GLU A . n 
A 1 217 ALA 217 197 197 ALA ALA A . n 
A 1 218 ARG 218 198 198 ARG ARG A . n 
A 1 219 VAL 219 199 199 VAL VAL A . n 
A 1 220 LEU 220 200 200 LEU LEU A . n 
A 1 221 ASP 221 201 201 ASP ASP A . n 
A 1 222 THR 222 202 202 THR THR A . n 
A 1 223 LEU 223 203 203 LEU LEU A . n 
A 1 224 VAL 224 204 204 VAL VAL A . n 
A 1 225 HIS 225 205 205 HIS HIS A . n 
A 1 226 ILE 226 206 206 ILE ILE A . n 
A 1 227 TRP 227 207 207 TRP TRP A . n 
A 1 228 VAL 228 208 208 VAL VAL A . n 
A 1 229 THR 229 209 209 THR THR A . n 
A 1 230 SER 230 210 210 SER SER A . n 
A 1 231 ILE 231 211 211 ILE ILE A . n 
A 1 232 TYR 232 212 212 TYR TYR A . n 
A 1 233 GLY 233 213 213 GLY GLY A . n 
A 1 234 GLU 234 214 214 GLU GLU A . n 
A 1 235 ASN 235 215 ?   ?   ?   A . n 
A 1 236 ARG 236 216 ?   ?   ?   A . n 
# 
loop_
_pdbx_nonpoly_scheme.asym_id 
_pdbx_nonpoly_scheme.entity_id 
_pdbx_nonpoly_scheme.mon_id 
_pdbx_nonpoly_scheme.ndb_seq_num 
_pdbx_nonpoly_scheme.pdb_seq_num 
_pdbx_nonpoly_scheme.auth_seq_num 
_pdbx_nonpoly_scheme.pdb_mon_id 
_pdbx_nonpoly_scheme.auth_mon_id 
_pdbx_nonpoly_scheme.pdb_strand_id 
_pdbx_nonpoly_scheme.pdb_ins_code 
B 2 LL5 1   217 217 LL5 LL5 A . 
C 3 GOL 1   218 218 GOL GOL A . 
D 4 HOH 1   219 219 HOH HOH A . 
D 4 HOH 2   220 220 HOH HOH A . 
D 4 HOH 3   221 221 HOH HOH A . 
D 4 HOH 4   222 222 HOH HOH A . 
D 4 HOH 5   223 223 HOH HOH A . 
D 4 HOH 6   224 224 HOH HOH A . 
D 4 HOH 7   225 225 HOH HOH A . 
D 4 HOH 8   226 226 HOH HOH A . 
D 4 HOH 9   227 227 HOH HOH A . 
D 4 HOH 10  228 228 HOH HOH A . 
D 4 HOH 11  229 229 HOH HOH A . 
D 4 HOH 12  230 230 HOH HOH A . 
D 4 HOH 13  231 231 HOH HOH A . 
D 4 HOH 14  232 232 HOH HOH A . 
D 4 HOH 15  233 233 HOH HOH A . 
D 4 HOH 16  234 234 HOH HOH A . 
D 4 HOH 17  235 235 HOH HOH A . 
D 4 HOH 18  236 236 HOH HOH A . 
D 4 HOH 19  237 237 HOH HOH A . 
D 4 HOH 20  238 238 HOH HOH A . 
D 4 HOH 21  239 239 HOH HOH A . 
D 4 HOH 22  240 240 HOH HOH A . 
D 4 HOH 23  241 241 HOH HOH A . 
D 4 HOH 24  242 242 HOH HOH A . 
D 4 HOH 25  243 243 HOH HOH A . 
D 4 HOH 26  244 244 HOH HOH A . 
D 4 HOH 27  245 245 HOH HOH A . 
D 4 HOH 28  246 246 HOH HOH A . 
D 4 HOH 29  247 247 HOH HOH A . 
D 4 HOH 30  248 248 HOH HOH A . 
D 4 HOH 31  249 249 HOH HOH A . 
D 4 HOH 32  250 250 HOH HOH A . 
D 4 HOH 33  251 251 HOH HOH A . 
D 4 HOH 34  252 252 HOH HOH A . 
D 4 HOH 35  253 253 HOH HOH A . 
D 4 HOH 36  254 254 HOH HOH A . 
D 4 HOH 37  255 255 HOH HOH A . 
D 4 HOH 38  256 256 HOH HOH A . 
D 4 HOH 39  257 257 HOH HOH A . 
D 4 HOH 40  258 258 HOH HOH A . 
D 4 HOH 41  259 259 HOH HOH A . 
D 4 HOH 42  260 260 HOH HOH A . 
D 4 HOH 43  261 261 HOH HOH A . 
D 4 HOH 44  262 262 HOH HOH A . 
D 4 HOH 45  263 263 HOH HOH A . 
D 4 HOH 46  264 264 HOH HOH A . 
D 4 HOH 47  265 265 HOH HOH A . 
D 4 HOH 48  266 266 HOH HOH A . 
D 4 HOH 49  267 267 HOH HOH A . 
D 4 HOH 50  268 268 HOH HOH A . 
D 4 HOH 51  269 269 HOH HOH A . 
D 4 HOH 52  270 270 HOH HOH A . 
D 4 HOH 53  271 271 HOH HOH A . 
D 4 HOH 54  272 272 HOH HOH A . 
D 4 HOH 55  273 273 HOH HOH A . 
D 4 HOH 56  274 274 HOH HOH A . 
D 4 HOH 57  275 275 HOH HOH A . 
D 4 HOH 58  276 276 HOH HOH A . 
D 4 HOH 59  277 277 HOH HOH A . 
D 4 HOH 60  278 278 HOH HOH A . 
D 4 HOH 61  279 279 HOH HOH A . 
D 4 HOH 62  280 280 HOH HOH A . 
D 4 HOH 63  281 281 HOH HOH A . 
D 4 HOH 64  282 282 HOH HOH A . 
D 4 HOH 65  283 283 HOH HOH A . 
D 4 HOH 66  284 284 HOH HOH A . 
D 4 HOH 67  285 285 HOH HOH A . 
D 4 HOH 68  286 286 HOH HOH A . 
D 4 HOH 69  287 287 HOH HOH A . 
D 4 HOH 70  288 288 HOH HOH A . 
D 4 HOH 71  289 289 HOH HOH A . 
D 4 HOH 72  290 290 HOH HOH A . 
D 4 HOH 73  291 291 HOH HOH A . 
D 4 HOH 74  292 292 HOH HOH A . 
D 4 HOH 75  293 293 HOH HOH A . 
D 4 HOH 76  294 294 HOH HOH A . 
D 4 HOH 77  295 295 HOH HOH A . 
D 4 HOH 78  296 296 HOH HOH A . 
D 4 HOH 79  297 297 HOH HOH A . 
D 4 HOH 80  298 298 HOH HOH A . 
D 4 HOH 81  299 299 HOH HOH A . 
D 4 HOH 82  300 300 HOH HOH A . 
D 4 HOH 83  301 301 HOH HOH A . 
D 4 HOH 84  302 302 HOH HOH A . 
D 4 HOH 85  303 303 HOH HOH A . 
D 4 HOH 86  304 304 HOH HOH A . 
D 4 HOH 87  305 305 HOH HOH A . 
D 4 HOH 88  306 306 HOH HOH A . 
D 4 HOH 89  307 307 HOH HOH A . 
D 4 HOH 90  308 308 HOH HOH A . 
D 4 HOH 91  309 309 HOH HOH A . 
D 4 HOH 92  310 310 HOH HOH A . 
D 4 HOH 93  311 311 HOH HOH A . 
D 4 HOH 94  312 312 HOH HOH A . 
D 4 HOH 95  313 313 HOH HOH A . 
D 4 HOH 96  314 314 HOH HOH A . 
D 4 HOH 97  315 315 HOH HOH A . 
D 4 HOH 98  316 316 HOH HOH A . 
D 4 HOH 99  317 317 HOH HOH A . 
D 4 HOH 100 318 318 HOH HOH A . 
D 4 HOH 101 319 319 HOH HOH A . 
D 4 HOH 102 320 320 HOH HOH A . 
D 4 HOH 103 321 321 HOH HOH A . 
D 4 HOH 104 322 322 HOH HOH A . 
D 4 HOH 105 323 323 HOH HOH A . 
D 4 HOH 106 324 324 HOH HOH A . 
D 4 HOH 107 325 325 HOH HOH A . 
D 4 HOH 108 326 326 HOH HOH A . 
D 4 HOH 109 327 327 HOH HOH A . 
D 4 HOH 110 328 328 HOH HOH A . 
D 4 HOH 111 329 329 HOH HOH A . 
D 4 HOH 112 330 330 HOH HOH A . 
D 4 HOH 113 331 331 HOH HOH A . 
D 4 HOH 114 332 332 HOH HOH A . 
# 
loop_
_software.name 
_software.classification 
_software.version 
_software.citation_id 
_software.pdbx_ordinal 
REFMAC refinement       5.5.0066 ? 1 
XDS    'data reduction' .        ? 2 
XDS    'data scaling'   .        ? 3 
# 
_cell.entry_id           3Q0W 
_cell.length_a           119.820 
_cell.length_b           119.820 
_cell.length_c           33.590 
_cell.angle_alpha        90.00 
_cell.angle_beta         90.00 
_cell.angle_gamma        90.00 
_cell.Z_PDB              8 
_cell.pdbx_unique_axis   ? 
_cell.length_a_esd       ? 
_cell.length_b_esd       ? 
_cell.length_c_esd       ? 
_cell.angle_alpha_esd    ? 
_cell.angle_beta_esd     ? 
_cell.angle_gamma_esd    ? 
# 
_symmetry.entry_id                         3Q0W 
_symmetry.space_group_name_H-M             'P 41 21 2' 
_symmetry.pdbx_full_space_group_name_H-M   ? 
_symmetry.cell_setting                     ? 
_symmetry.Int_Tables_number                92 
_symmetry.space_group_name_Hall            ? 
# 
_exptl.entry_id          3Q0W 
_exptl.method            'X-RAY DIFFRACTION' 
_exptl.crystals_number   1 
# 
_exptl_crystal.id                    1 
_exptl_crystal.density_meas          ? 
_exptl_crystal.density_Matthews      2.32 
_exptl_crystal.density_percent_sol   47.04 
_exptl_crystal.description           ? 
_exptl_crystal.F_000                 ? 
_exptl_crystal.preparation           ? 
# 
_exptl_crystal_grow.crystal_id      1 
_exptl_crystal_grow.method          'VAPOR DIFFUSION, HANGING DROP' 
_exptl_crystal_grow.temp            298 
_exptl_crystal_grow.temp_details    ? 
_exptl_crystal_grow.pH              6.5 
_exptl_crystal_grow.pdbx_details    
;Crystals were obtained by the vapor diffusion method, using 0.17M ammonium sulfate, 0.085M sodium cacodylate (pH 6.5), 15% glycerol and 25   35% polyethylene glycol 8,000 as the crystallization solution. The ligands were dissolved in 100% DMSO., VAPOR DIFFUSION, HANGING DROP, temperature 298K
;
_exptl_crystal_grow.pdbx_pH_range   ? 
# 
_diffrn.id                     1 
_diffrn.ambient_temp           100 
_diffrn.ambient_temp_details   ? 
_diffrn.crystal_id             1 
# 
_diffrn_detector.diffrn_id              1 
_diffrn_detector.detector               CCD 
_diffrn_detector.type                   'ADSC QUANTUM 315r' 
_diffrn_detector.pdbx_collection_date   ? 
_diffrn_detector.details                ? 
# 
_diffrn_radiation.diffrn_id                        1 
_diffrn_radiation.wavelength_id                    1 
_diffrn_radiation.pdbx_monochromatic_or_laue_m_l   M 
_diffrn_radiation.monochromator                    ? 
_diffrn_radiation.pdbx_diffrn_protocol             'SINGLE WAVELENGTH' 
_diffrn_radiation.pdbx_scattering_type             x-ray 
# 
_diffrn_radiation_wavelength.id           1 
_diffrn_radiation_wavelength.wavelength   0.97625 
_diffrn_radiation_wavelength.wt           1.0 
# 
_diffrn_source.diffrn_id                   1 
_diffrn_source.source                      SYNCHROTRON 
_diffrn_source.type                        'ESRF BEAMLINE ID23-1' 
_diffrn_source.pdbx_synchrotron_site       ESRF 
_diffrn_source.pdbx_synchrotron_beamline   ID23-1 
_diffrn_source.pdbx_wavelength             ? 
_diffrn_source.pdbx_wavelength_list        0.97625 
# 
_reflns.entry_id                     3Q0W 
_reflns.observed_criterion_sigma_I   0 
_reflns.observed_criterion_sigma_F   0 
_reflns.d_resolution_low             20 
_reflns.d_resolution_high            1.6 
_reflns.number_obs                   32879 
_reflns.number_all                   32879 
_reflns.percent_possible_obs         99.9 
_reflns.pdbx_Rmerge_I_obs            ? 
_reflns.pdbx_Rsym_value              ? 
_reflns.pdbx_netI_over_sigmaI        ? 
_reflns.B_iso_Wilson_estimate        ? 
_reflns.pdbx_redundancy              ? 
_reflns.R_free_details               ? 
_reflns.limit_h_max                  ? 
_reflns.limit_h_min                  ? 
_reflns.limit_k_max                  ? 
_reflns.limit_k_min                  ? 
_reflns.limit_l_max                  ? 
_reflns.limit_l_min                  ? 
_reflns.observed_criterion_F_max     ? 
_reflns.observed_criterion_F_min     ? 
_reflns.pdbx_chi_squared             ? 
_reflns.pdbx_scaling_rejects         ? 
_reflns.pdbx_ordinal                 1 
_reflns.pdbx_diffrn_id               1 
# 
_refine.entry_id                                 3Q0W 
_refine.ls_number_reflns_obs                     31208 
_refine.ls_number_reflns_all                     ? 
_refine.pdbx_ls_sigma_I                          ? 
_refine.pdbx_ls_sigma_F                          . 
_refine.pdbx_data_cutoff_high_absF               ? 
_refine.pdbx_data_cutoff_low_absF                ? 
_refine.pdbx_data_cutoff_high_rms_absF           ? 
_refine.ls_d_res_low                             19.51 
_refine.ls_d_res_high                            1.60 
_refine.ls_percent_reflns_obs                    99.91 
_refine.ls_R_factor_obs                          0.19444 
_refine.ls_R_factor_all                          ? 
_refine.ls_R_factor_R_work                       0.19245 
_refine.ls_R_factor_R_free                       0.23378 
_refine.ls_R_factor_R_free_error                 ? 
_refine.ls_R_factor_R_free_error_details         ? 
_refine.ls_percent_reflns_R_free                 5.1 
_refine.ls_number_reflns_R_free                  1665 
_refine.ls_number_parameters                     ? 
_refine.ls_number_restraints                     ? 
_refine.occupancy_min                            ? 
_refine.occupancy_max                            ? 
_refine.correlation_coeff_Fo_to_Fc               0.952 
_refine.correlation_coeff_Fo_to_Fc_free          0.934 
_refine.B_iso_mean                               23.326 
_refine.aniso_B[1][1]                            0.00 
_refine.aniso_B[2][2]                            0.00 
_refine.aniso_B[3][3]                            -0.01 
_refine.aniso_B[1][2]                            0.00 
_refine.aniso_B[1][3]                            0.00 
_refine.aniso_B[2][3]                            0.00 
_refine.solvent_model_details                    MASK 
_refine.solvent_model_param_ksol                 ? 
_refine.solvent_model_param_bsol                 ? 
_refine.pdbx_solvent_vdw_probe_radii             1.40 
_refine.pdbx_solvent_ion_probe_radii             0.80 
_refine.pdbx_solvent_shrinkage_radii             0.80 
_refine.pdbx_ls_cross_valid_method               THROUGHOUT 
_refine.details                                  'HYDROGENS HAVE BEEN ADDED IN THE RIDING POSITIONS' 
_refine.pdbx_starting_model                      ? 
_refine.pdbx_method_to_determine_struct          'FOURIER SYNTHESIS' 
_refine.pdbx_isotropic_thermal_model             ? 
_refine.pdbx_stereochemistry_target_values       'MAXIMUM LIKELIHOOD' 
_refine.pdbx_stereochem_target_val_spec_case     ? 
_refine.pdbx_R_Free_selection_details            RANDOM 
_refine.pdbx_overall_ESU_R_Free                  0.088 
_refine.overall_SU_ML                            0.053 
_refine.overall_SU_B                             1.490 
_refine.overall_SU_R_Cruickshank_DPI             ? 
_refine.ls_redundancy_reflns_obs                 ? 
_refine.B_iso_min                                ? 
_refine.B_iso_max                                ? 
_refine.overall_SU_R_free                        ? 
_refine.ls_wR_factor_R_free                      ? 
_refine.ls_wR_factor_R_work                      ? 
_refine.overall_FOM_free_R_set                   ? 
_refine.overall_FOM_work_R_set                   ? 
_refine.pdbx_overall_phase_error                 ? 
_refine.pdbx_refine_id                           'X-RAY DIFFRACTION' 
_refine.pdbx_diffrn_id                           1 
_refine.pdbx_overall_ESU_R                       ? 
_refine.pdbx_TLS_residual_ADP_flag               ? 
_refine.pdbx_overall_SU_R_free_Cruickshank_DPI   ? 
_refine.pdbx_overall_SU_R_Blow_DPI               ? 
_refine.pdbx_overall_SU_R_free_Blow_DPI          ? 
# 
_refine_hist.pdbx_refine_id                   'X-RAY DIFFRACTION' 
_refine_hist.cycle_id                         LAST 
_refine_hist.pdbx_number_atoms_protein        1502 
_refine_hist.pdbx_number_atoms_nucleic_acid   0 
_refine_hist.pdbx_number_atoms_ligand         29 
_refine_hist.number_atoms_solvent             114 
_refine_hist.number_atoms_total               1645 
_refine_hist.d_res_high                       1.60 
_refine_hist.d_res_low                        19.51 
# 
loop_
_refine_ls_restr.type 
_refine_ls_restr.dev_ideal 
_refine_ls_restr.dev_ideal_target 
_refine_ls_restr.weight 
_refine_ls_restr.number 
_refine_ls_restr.pdbx_refine_id 
_refine_ls_restr.pdbx_restraint_function 
r_bond_refined_d             0.028  0.022  ? 1563 'X-RAY DIFFRACTION' ? 
r_bond_other_d               ?      ?      ? ?    'X-RAY DIFFRACTION' ? 
r_angle_refined_deg          2.505  1.964  ? 2130 'X-RAY DIFFRACTION' ? 
r_angle_other_deg            ?      ?      ? ?    'X-RAY DIFFRACTION' ? 
r_dihedral_angle_1_deg       4.707  5.000  ? 192  'X-RAY DIFFRACTION' ? 
r_dihedral_angle_2_deg       35.893 23.699 ? 73   'X-RAY DIFFRACTION' ? 
r_dihedral_angle_3_deg       15.202 15.000 ? 241  'X-RAY DIFFRACTION' ? 
r_dihedral_angle_4_deg       18.730 15.000 ? 13   'X-RAY DIFFRACTION' ? 
r_chiral_restr               0.196  0.200  ? 245  'X-RAY DIFFRACTION' ? 
r_gen_planes_refined         0.013  0.021  ? 1197 'X-RAY DIFFRACTION' ? 
r_gen_planes_other           ?      ?      ? ?    'X-RAY DIFFRACTION' ? 
r_nbd_refined                ?      ?      ? ?    'X-RAY DIFFRACTION' ? 
r_nbd_other                  ?      ?      ? ?    'X-RAY DIFFRACTION' ? 
r_nbtor_refined              ?      ?      ? ?    'X-RAY DIFFRACTION' ? 
r_nbtor_other                ?      ?      ? ?    'X-RAY DIFFRACTION' ? 
r_xyhbond_nbd_refined        ?      ?      ? ?    'X-RAY DIFFRACTION' ? 
r_xyhbond_nbd_other          ?      ?      ? ?    'X-RAY DIFFRACTION' ? 
r_metal_ion_refined          ?      ?      ? ?    'X-RAY DIFFRACTION' ? 
r_metal_ion_other            ?      ?      ? ?    'X-RAY DIFFRACTION' ? 
r_symmetry_vdw_refined       ?      ?      ? ?    'X-RAY DIFFRACTION' ? 
r_symmetry_vdw_other         ?      ?      ? ?    'X-RAY DIFFRACTION' ? 
r_symmetry_hbond_refined     ?      ?      ? ?    'X-RAY DIFFRACTION' ? 
r_symmetry_hbond_other       ?      ?      ? ?    'X-RAY DIFFRACTION' ? 
r_symmetry_metal_ion_refined ?      ?      ? ?    'X-RAY DIFFRACTION' ? 
r_symmetry_metal_ion_other   ?      ?      ? ?    'X-RAY DIFFRACTION' ? 
r_mcbond_it                  1.683  1.500  ? 963  'X-RAY DIFFRACTION' ? 
r_mcbond_other               ?      ?      ? ?    'X-RAY DIFFRACTION' ? 
r_mcangle_it                 2.718  2.000  ? 1546 'X-RAY DIFFRACTION' ? 
r_scbond_it                  4.239  3.000  ? 600  'X-RAY DIFFRACTION' ? 
r_scangle_it                 6.587  4.500  ? 584  'X-RAY DIFFRACTION' ? 
r_rigid_bond_restr           ?      ?      ? ?    'X-RAY DIFFRACTION' ? 
r_sphericity_free            ?      ?      ? ?    'X-RAY DIFFRACTION' ? 
r_sphericity_bonded          ?      ?      ? ?    'X-RAY DIFFRACTION' ? 
# 
_refine_ls_shell.pdbx_total_number_of_bins_used   20 
_refine_ls_shell.d_res_high                       1.600 
_refine_ls_shell.d_res_low                        1.641 
_refine_ls_shell.number_reflns_R_work             2207 
_refine_ls_shell.R_factor_R_work                  0.247 
_refine_ls_shell.percent_reflns_obs               100.00 
_refine_ls_shell.R_factor_R_free                  0.273 
_refine_ls_shell.R_factor_R_free_error            ? 
_refine_ls_shell.percent_reflns_R_free            ? 
_refine_ls_shell.number_reflns_R_free             118 
_refine_ls_shell.number_reflns_all                ? 
_refine_ls_shell.R_factor_all                     ? 
_refine_ls_shell.number_reflns_obs                ? 
_refine_ls_shell.redundancy_reflns_obs            ? 
_refine_ls_shell.pdbx_refine_id                   'X-RAY DIFFRACTION' 
# 
_struct.entry_id                  3Q0W 
_struct.title                     'ETHR From mycobacterium tuberculosis in complex with compound BDM33066' 
_struct.pdbx_model_details        ? 
_struct.pdbx_CASP_flag            ? 
_struct.pdbx_model_type_details   ? 
# 
_struct_keywords.entry_id        3Q0W 
_struct_keywords.pdbx_keywords   'TRANSCRIPTION/TRANSCRIPTION INHIBITOR' 
_struct_keywords.text            'TetR family, transcriptional repressor, TRANSCRIPTION-TRANSCRIPTION INHIBITOR complex' 
# 
loop_
_struct_asym.id 
_struct_asym.pdbx_blank_PDB_chainid_flag 
_struct_asym.pdbx_modified 
_struct_asym.entity_id 
_struct_asym.details 
A N N 1 ? 
B N N 2 ? 
C N N 3 ? 
D N N 4 ? 
# 
_struct_ref.id                         1 
_struct_ref.db_name                    UNP 
_struct_ref.db_code                    ETHR_MYCTU 
_struct_ref.pdbx_db_accession          P96222 
_struct_ref.entity_id                  1 
_struct_ref.pdbx_seq_one_letter_code   
;MTTSAASQASLPRGRRTARPSGDDRELAILATAENLLEDRPLADISVDDLAKGAGISRPTFYFYFPSKEAVLLTLLDRVV
NQADMALQTLAENPADTDRENMWRTGINVFFETFGSHKAVTRAGQAARATSVEVAELWSTFMQKWIAYTAAVIDAERDRG
AAPRTLPAHELATALNLMNERTLFASFAGEQPSVPEARVLDTLVHIWVTSIYGENR
;
_struct_ref.pdbx_align_begin           1 
_struct_ref.pdbx_db_isoform            ? 
# 
_struct_ref_seq.align_id                      1 
_struct_ref_seq.ref_id                        1 
_struct_ref_seq.pdbx_PDB_id_code              3Q0W 
_struct_ref_seq.pdbx_strand_id                A 
_struct_ref_seq.seq_align_beg                 21 
_struct_ref_seq.pdbx_seq_align_beg_ins_code   ? 
_struct_ref_seq.seq_align_end                 236 
_struct_ref_seq.pdbx_seq_align_end_ins_code   ? 
_struct_ref_seq.pdbx_db_accession             P96222 
_struct_ref_seq.db_align_beg                  1 
_struct_ref_seq.pdbx_db_align_beg_ins_code    ? 
_struct_ref_seq.db_align_end                  216 
_struct_ref_seq.pdbx_db_align_end_ins_code    ? 
_struct_ref_seq.pdbx_auth_seq_align_beg       1 
_struct_ref_seq.pdbx_auth_seq_align_end       216 
# 
loop_
_struct_ref_seq_dif.align_id 
_struct_ref_seq_dif.pdbx_pdb_id_code 
_struct_ref_seq_dif.mon_id 
_struct_ref_seq_dif.pdbx_pdb_strand_id 
_struct_ref_seq_dif.seq_num 
_struct_ref_seq_dif.pdbx_pdb_ins_code 
_struct_ref_seq_dif.pdbx_seq_db_name 
_struct_ref_seq_dif.pdbx_seq_db_accession_code 
_struct_ref_seq_dif.db_mon_id 
_struct_ref_seq_dif.pdbx_seq_db_seq_num 
_struct_ref_seq_dif.details 
_struct_ref_seq_dif.pdbx_auth_seq_num 
_struct_ref_seq_dif.pdbx_ordinal 
1 3Q0W MET A 1  ? UNP P96222 ? ? 'expression tag' -19 1  
1 3Q0W GLY A 2  ? UNP P96222 ? ? 'expression tag' -18 2  
1 3Q0W SER A 3  ? UNP P96222 ? ? 'expression tag' -17 3  
1 3Q0W SER A 4  ? UNP P96222 ? ? 'expression tag' -16 4  
1 3Q0W HIS A 5  ? UNP P96222 ? ? 'expression tag' -15 5  
1 3Q0W HIS A 6  ? UNP P96222 ? ? 'expression tag' -14 6  
1 3Q0W HIS A 7  ? UNP P96222 ? ? 'expression tag' -13 7  
1 3Q0W HIS A 8  ? UNP P96222 ? ? 'expression tag' -12 8  
1 3Q0W HIS A 9  ? UNP P96222 ? ? 'expression tag' -11 9  
1 3Q0W HIS A 10 ? UNP P96222 ? ? 'expression tag' -10 10 
1 3Q0W SER A 11 ? UNP P96222 ? ? 'expression tag' -9  11 
1 3Q0W SER A 12 ? UNP P96222 ? ? 'expression tag' -8  12 
1 3Q0W GLY A 13 ? UNP P96222 ? ? 'expression tag' -7  13 
1 3Q0W LEU A 14 ? UNP P96222 ? ? 'expression tag' -6  14 
1 3Q0W VAL A 15 ? UNP P96222 ? ? 'expression tag' -5  15 
1 3Q0W PRO A 16 ? UNP P96222 ? ? 'expression tag' -4  16 
1 3Q0W ARG A 17 ? UNP P96222 ? ? 'expression tag' -3  17 
1 3Q0W GLY A 18 ? UNP P96222 ? ? 'expression tag' -2  18 
1 3Q0W SER A 19 ? UNP P96222 ? ? 'expression tag' -1  19 
1 3Q0W HIS A 20 ? UNP P96222 ? ? 'expression tag' 0   20 
# 
_pdbx_struct_assembly.id                   1 
_pdbx_struct_assembly.details              author_and_software_defined_assembly 
_pdbx_struct_assembly.method_details       PISA 
_pdbx_struct_assembly.oligomeric_details   dimeric 
_pdbx_struct_assembly.oligomeric_count     2 
# 
loop_
_pdbx_struct_assembly_prop.biol_id 
_pdbx_struct_assembly_prop.type 
_pdbx_struct_assembly_prop.value 
_pdbx_struct_assembly_prop.details 
1 'ABSA (A^2)' 3360  ? 
1 MORE         -24   ? 
1 'SSA (A^2)'  17110 ? 
# 
_pdbx_struct_assembly_gen.assembly_id       1 
_pdbx_struct_assembly_gen.oper_expression   1,2 
_pdbx_struct_assembly_gen.asym_id_list      A,B,C,D 
# 
loop_
_pdbx_struct_oper_list.id 
_pdbx_struct_oper_list.type 
_pdbx_struct_oper_list.name 
_pdbx_struct_oper_list.symmetry_operation 
_pdbx_struct_oper_list.matrix[1][1] 
_pdbx_struct_oper_list.matrix[1][2] 
_pdbx_struct_oper_list.matrix[1][3] 
_pdbx_struct_oper_list.vector[1] 
_pdbx_struct_oper_list.matrix[2][1] 
_pdbx_struct_oper_list.matrix[2][2] 
_pdbx_struct_oper_list.matrix[2][3] 
_pdbx_struct_oper_list.vector[2] 
_pdbx_struct_oper_list.matrix[3][1] 
_pdbx_struct_oper_list.matrix[3][2] 
_pdbx_struct_oper_list.matrix[3][3] 
_pdbx_struct_oper_list.vector[3] 
1 'identity operation'         1_555 x,y,z            1.0000000000 0.0000000000 0.0000000000 0.0000000000  0.0000000000 1.0000000000  0.0000000000 0.0000000000  0.0000000000 0.0000000000 1.0000000000  0.0000000000 
2 'crystal symmetry operation' 8_665 -y+1,-x+1,-z+1/2 0.7221321779 0.4112605573 0.5562282549 -7.3375418826 0.4112605573 -0.9017873029 0.1328322791 22.7117569852 0.5562282549 0.1328322791 -0.8203448751 5.9252062761 
# 
_struct_biol.id        1 
_struct_biol.details   ? 
# 
loop_
_struct_conf.conf_type_id 
_struct_conf.id 
_struct_conf.pdbx_PDB_helix_id 
_struct_conf.beg_label_comp_id 
_struct_conf.beg_label_asym_id 
_struct_conf.beg_label_seq_id 
_struct_conf.pdbx_beg_PDB_ins_code 
_struct_conf.end_label_comp_id 
_struct_conf.end_label_asym_id 
_struct_conf.end_label_seq_id 
_struct_conf.pdbx_end_PDB_ins_code 
_struct_conf.beg_auth_comp_id 
_struct_conf.beg_auth_asym_id 
_struct_conf.beg_auth_seq_id 
_struct_conf.end_auth_comp_id 
_struct_conf.end_auth_asym_id 
_struct_conf.end_auth_seq_id 
_struct_conf.pdbx_PDB_helix_class 
_struct_conf.details 
_struct_conf.pdbx_PDB_helix_length 
HELX_P HELX_P1  1  GLY A 42  ? ARG A 60  ? GLY A 22  ARG A 40  1 ? 19 
HELX_P HELX_P2  2  PRO A 61  ? ILE A 65  ? PRO A 41  ILE A 45  5 ? 5  
HELX_P HELX_P3  3  SER A 66  ? GLY A 75  ? SER A 46  GLY A 55  1 ? 10 
HELX_P HELX_P4  4  SER A 77  ? PHE A 85  ? SER A 57  PHE A 65  1 ? 9  
HELX_P HELX_P5  5  SER A 87  ? ASN A 113 ? SER A 67  ASN A 93  1 ? 27 
HELX_P HELX_P6  6  ASP A 118 ? SER A 136 ? ASP A 98  SER A 116 1 ? 19 
HELX_P HELX_P7  7  HIS A 137 ? ARG A 148 ? HIS A 117 ARG A 128 1 ? 12 
HELX_P HELX_P8  8  SER A 151 ? ARG A 179 ? SER A 131 ARG A 159 1 ? 29 
HELX_P HELX_P9  9  PRO A 187 ? GLY A 209 ? PRO A 167 GLY A 189 1 ? 23 
HELX_P HELX_P10 10 PRO A 215 ? GLY A 233 ? PRO A 195 GLY A 213 1 ? 19 
# 
_struct_conf_type.id          HELX_P 
_struct_conf_type.criteria    ? 
_struct_conf_type.reference   ? 
# 
_struct_mon_prot_cis.pdbx_id                1 
_struct_mon_prot_cis.label_comp_id          GLN 
_struct_mon_prot_cis.label_seq_id           211 
_struct_mon_prot_cis.label_asym_id          A 
_struct_mon_prot_cis.label_alt_id           . 
_struct_mon_prot_cis.pdbx_PDB_ins_code      ? 
_struct_mon_prot_cis.auth_comp_id           GLN 
_struct_mon_prot_cis.auth_seq_id            191 
_struct_mon_prot_cis.auth_asym_id           A 
_struct_mon_prot_cis.pdbx_label_comp_id_2   PRO 
_struct_mon_prot_cis.pdbx_label_seq_id_2    212 
_struct_mon_prot_cis.pdbx_label_asym_id_2   A 
_struct_mon_prot_cis.pdbx_PDB_ins_code_2    ? 
_struct_mon_prot_cis.pdbx_auth_comp_id_2    PRO 
_struct_mon_prot_cis.pdbx_auth_seq_id_2     192 
_struct_mon_prot_cis.pdbx_auth_asym_id_2    A 
_struct_mon_prot_cis.pdbx_PDB_model_num     1 
_struct_mon_prot_cis.pdbx_omega_angle       5.34 
# 
loop_
_struct_site.id 
_struct_site.pdbx_evidence_code 
_struct_site.pdbx_auth_asym_id 
_struct_site.pdbx_auth_comp_id 
_struct_site.pdbx_auth_seq_id 
_struct_site.pdbx_auth_ins_code 
_struct_site.pdbx_num_residues 
_struct_site.details 
AC1 Software A LL5 217 ? 11 'BINDING SITE FOR RESIDUE LL5 A 217' 
AC2 Software A GOL 218 ? 6  'BINDING SITE FOR RESIDUE GOL A 218' 
# 
loop_
_struct_site_gen.id 
_struct_site_gen.site_id 
_struct_site_gen.pdbx_num_res 
_struct_site_gen.label_comp_id 
_struct_site_gen.label_asym_id 
_struct_site_gen.label_seq_id 
_struct_site_gen.pdbx_auth_ins_code 
_struct_site_gen.auth_comp_id 
_struct_site_gen.auth_asym_id 
_struct_site_gen.auth_seq_id 
_struct_site_gen.label_atom_id 
_struct_site_gen.label_alt_id 
_struct_site_gen.symmetry 
_struct_site_gen.details 
1  AC1 11 MET A 122 ? MET A 102 . ? 1_555 ? 
2  AC1 11 TRP A 123 ? TRP A 103 . ? 1_555 ? 
3  AC1 11 GLY A 126 ? GLY A 106 . ? 1_555 ? 
4  AC1 11 ILE A 127 ? ILE A 107 . ? 1_555 ? 
5  AC1 11 PHE A 130 ? PHE A 110 . ? 1_555 ? 
6  AC1 11 TYR A 168 ? TYR A 148 . ? 1_555 ? 
7  AC1 11 THR A 169 ? THR A 149 . ? 1_555 ? 
8  AC1 11 GLU A 176 ? GLU A 156 . ? 1_555 ? 
9  AC1 11 ASN A 196 ? ASN A 176 . ? 1_555 ? 
10 AC1 11 TRP A 227 ? TRP A 207 . ? 1_555 ? 
11 AC1 11 GOL C .   ? GOL A 218 . ? 1_555 ? 
12 AC2 6  PHE A 130 ? PHE A 110 . ? 1_555 ? 
13 AC2 6  PHE A 134 ? PHE A 114 . ? 1_555 ? 
14 AC2 6  ASN A 196 ? ASN A 176 . ? 1_555 ? 
15 AC2 6  ASN A 199 ? ASN A 179 . ? 1_555 ? 
16 AC2 6  GLU A 200 ? GLU A 180 . ? 1_555 ? 
17 AC2 6  LL5 B .   ? LL5 A 217 . ? 1_555 ? 
# 
loop_
_pdbx_validate_close_contact.id 
_pdbx_validate_close_contact.PDB_model_num 
_pdbx_validate_close_contact.auth_atom_id_1 
_pdbx_validate_close_contact.auth_asym_id_1 
_pdbx_validate_close_contact.auth_comp_id_1 
_pdbx_validate_close_contact.auth_seq_id_1 
_pdbx_validate_close_contact.PDB_ins_code_1 
_pdbx_validate_close_contact.label_alt_id_1 
_pdbx_validate_close_contact.auth_atom_id_2 
_pdbx_validate_close_contact.auth_asym_id_2 
_pdbx_validate_close_contact.auth_comp_id_2 
_pdbx_validate_close_contact.auth_seq_id_2 
_pdbx_validate_close_contact.PDB_ins_code_2 
_pdbx_validate_close_contact.label_alt_id_2 
_pdbx_validate_close_contact.dist 
1 1 O   A HOH 301 ? ? O A HOH 305 ? ? 1.67 
2 1 NZ  A LYS 52  ? ? O A HOH 271 ? ? 1.83 
3 1 O   A HOH 222 ? ? O A HOH 223 ? ? 1.90 
4 1 OD2 A ASP 154 ? ? O A HOH 251 ? ? 1.99 
5 1 O   A PRO 94  ? ? O A HOH 261 ? ? 2.11 
6 1 O   A HOH 223 ? ? O A HOH 281 ? ? 2.12 
# 
_pdbx_validate_symm_contact.id                1 
_pdbx_validate_symm_contact.PDB_model_num     1 
_pdbx_validate_symm_contact.auth_atom_id_1    O 
_pdbx_validate_symm_contact.auth_asym_id_1    A 
_pdbx_validate_symm_contact.auth_comp_id_1    HOH 
_pdbx_validate_symm_contact.auth_seq_id_1     313 
_pdbx_validate_symm_contact.PDB_ins_code_1    ? 
_pdbx_validate_symm_contact.label_alt_id_1    ? 
_pdbx_validate_symm_contact.site_symmetry_1   1_555 
_pdbx_validate_symm_contact.auth_atom_id_2    O 
_pdbx_validate_symm_contact.auth_asym_id_2    A 
_pdbx_validate_symm_contact.auth_comp_id_2    HOH 
_pdbx_validate_symm_contact.auth_seq_id_2     313 
_pdbx_validate_symm_contact.PDB_ins_code_2    ? 
_pdbx_validate_symm_contact.label_alt_id_2    ? 
_pdbx_validate_symm_contact.site_symmetry_2   8_666 
_pdbx_validate_symm_contact.dist              1.99 
# 
loop_
_pdbx_validate_rmsd_angle.id 
_pdbx_validate_rmsd_angle.PDB_model_num 
_pdbx_validate_rmsd_angle.auth_atom_id_1 
_pdbx_validate_rmsd_angle.auth_asym_id_1 
_pdbx_validate_rmsd_angle.auth_comp_id_1 
_pdbx_validate_rmsd_angle.auth_seq_id_1 
_pdbx_validate_rmsd_angle.PDB_ins_code_1 
_pdbx_validate_rmsd_angle.label_alt_id_1 
_pdbx_validate_rmsd_angle.auth_atom_id_2 
_pdbx_validate_rmsd_angle.auth_asym_id_2 
_pdbx_validate_rmsd_angle.auth_comp_id_2 
_pdbx_validate_rmsd_angle.auth_seq_id_2 
_pdbx_validate_rmsd_angle.PDB_ins_code_2 
_pdbx_validate_rmsd_angle.label_alt_id_2 
_pdbx_validate_rmsd_angle.auth_atom_id_3 
_pdbx_validate_rmsd_angle.auth_asym_id_3 
_pdbx_validate_rmsd_angle.auth_comp_id_3 
_pdbx_validate_rmsd_angle.auth_seq_id_3 
_pdbx_validate_rmsd_angle.PDB_ins_code_3 
_pdbx_validate_rmsd_angle.label_alt_id_3 
_pdbx_validate_rmsd_angle.angle_value 
_pdbx_validate_rmsd_angle.angle_target_value 
_pdbx_validate_rmsd_angle.angle_deviation 
_pdbx_validate_rmsd_angle.angle_standard_deviation 
_pdbx_validate_rmsd_angle.linker_flag 
1 1 NE A ARG 157 ? ? CZ A ARG 157 ? ? NH1 A ARG 157 ? ? 116.70 120.30 -3.60 0.50 N 
2 1 NE A ARG 181 ? ? CZ A ARG 181 ? ? NH1 A ARG 181 ? ? 116.92 120.30 -3.38 0.50 N 
# 
loop_
_pdbx_validate_torsion.id 
_pdbx_validate_torsion.PDB_model_num 
_pdbx_validate_torsion.auth_comp_id 
_pdbx_validate_torsion.auth_asym_id 
_pdbx_validate_torsion.auth_seq_id 
_pdbx_validate_torsion.PDB_ins_code 
_pdbx_validate_torsion.label_alt_id 
_pdbx_validate_torsion.phi 
_pdbx_validate_torsion.psi 
1 1 HIS A 117 ? ? -141.86 50.98  
2 1 THR A 165 ? ? -101.01 -97.65 
# 
_pdbx_struct_special_symmetry.id              1 
_pdbx_struct_special_symmetry.PDB_model_num   1 
_pdbx_struct_special_symmetry.auth_asym_id    A 
_pdbx_struct_special_symmetry.auth_comp_id    HOH 
_pdbx_struct_special_symmetry.auth_seq_id     227 
_pdbx_struct_special_symmetry.PDB_ins_code    ? 
_pdbx_struct_special_symmetry.label_asym_id   D 
_pdbx_struct_special_symmetry.label_comp_id   HOH 
_pdbx_struct_special_symmetry.label_seq_id    . 
# 
loop_
_pdbx_unobs_or_zero_occ_residues.id 
_pdbx_unobs_or_zero_occ_residues.PDB_model_num 
_pdbx_unobs_or_zero_occ_residues.polymer_flag 
_pdbx_unobs_or_zero_occ_residues.occupancy_flag 
_pdbx_unobs_or_zero_occ_residues.auth_asym_id 
_pdbx_unobs_or_zero_occ_residues.auth_comp_id 
_pdbx_unobs_or_zero_occ_residues.auth_seq_id 
_pdbx_unobs_or_zero_occ_residues.PDB_ins_code 
_pdbx_unobs_or_zero_occ_residues.label_asym_id 
_pdbx_unobs_or_zero_occ_residues.label_comp_id 
_pdbx_unobs_or_zero_occ_residues.label_seq_id 
1  1 Y 1 A MET -19 ? A MET 1   
2  1 Y 1 A GLY -18 ? A GLY 2   
3  1 Y 1 A SER -17 ? A SER 3   
4  1 Y 1 A SER -16 ? A SER 4   
5  1 Y 1 A HIS -15 ? A HIS 5   
6  1 Y 1 A HIS -14 ? A HIS 6   
7  1 Y 1 A HIS -13 ? A HIS 7   
8  1 Y 1 A HIS -12 ? A HIS 8   
9  1 Y 1 A HIS -11 ? A HIS 9   
10 1 Y 1 A HIS -10 ? A HIS 10  
11 1 Y 1 A SER -9  ? A SER 11  
12 1 Y 1 A SER -8  ? A SER 12  
13 1 Y 1 A GLY -7  ? A GLY 13  
14 1 Y 1 A LEU -6  ? A LEU 14  
15 1 Y 1 A VAL -5  ? A VAL 15  
16 1 Y 1 A PRO -4  ? A PRO 16  
17 1 Y 1 A ARG -3  ? A ARG 17  
18 1 Y 1 A GLY -2  ? A GLY 18  
19 1 Y 1 A SER -1  ? A SER 19  
20 1 Y 1 A HIS 0   ? A HIS 20  
21 1 Y 1 A MET 1   ? A MET 21  
22 1 Y 1 A THR 2   ? A THR 22  
23 1 Y 1 A THR 3   ? A THR 23  
24 1 Y 1 A SER 4   ? A SER 24  
25 1 Y 1 A ALA 5   ? A ALA 25  
26 1 Y 1 A ALA 6   ? A ALA 26  
27 1 Y 1 A SER 7   ? A SER 27  
28 1 Y 1 A GLN 8   ? A GLN 28  
29 1 Y 1 A ALA 9   ? A ALA 29  
30 1 Y 1 A SER 10  ? A SER 30  
31 1 Y 1 A LEU 11  ? A LEU 31  
32 1 Y 1 A PRO 12  ? A PRO 32  
33 1 Y 1 A ARG 13  ? A ARG 33  
34 1 Y 1 A GLY 14  ? A GLY 34  
35 1 Y 1 A ARG 15  ? A ARG 35  
36 1 Y 1 A ARG 16  ? A ARG 36  
37 1 Y 1 A THR 17  ? A THR 37  
38 1 Y 1 A ALA 18  ? A ALA 38  
39 1 Y 1 A ARG 19  ? A ARG 39  
40 1 Y 1 A PRO 20  ? A PRO 40  
41 1 Y 1 A SER 21  ? A SER 41  
42 1 Y 1 A ASN 215 ? A ASN 235 
43 1 Y 1 A ARG 216 ? A ARG 236 
# 
loop_
_chem_comp_atom.comp_id 
_chem_comp_atom.atom_id 
_chem_comp_atom.type_symbol 
_chem_comp_atom.pdbx_aromatic_flag 
_chem_comp_atom.pdbx_stereo_config 
_chem_comp_atom.pdbx_ordinal 
ALA N    N N N 1   
ALA CA   C N S 2   
ALA C    C N N 3   
ALA O    O N N 4   
ALA CB   C N N 5   
ALA OXT  O N N 6   
ALA H    H N N 7   
ALA H2   H N N 8   
ALA HA   H N N 9   
ALA HB1  H N N 10  
ALA HB2  H N N 11  
ALA HB3  H N N 12  
ALA HXT  H N N 13  
ARG N    N N N 14  
ARG CA   C N S 15  
ARG C    C N N 16  
ARG O    O N N 17  
ARG CB   C N N 18  
ARG CG   C N N 19  
ARG CD   C N N 20  
ARG NE   N N N 21  
ARG CZ   C N N 22  
ARG NH1  N N N 23  
ARG NH2  N N N 24  
ARG OXT  O N N 25  
ARG H    H N N 26  
ARG H2   H N N 27  
ARG HA   H N N 28  
ARG HB2  H N N 29  
ARG HB3  H N N 30  
ARG HG2  H N N 31  
ARG HG3  H N N 32  
ARG HD2  H N N 33  
ARG HD3  H N N 34  
ARG HE   H N N 35  
ARG HH11 H N N 36  
ARG HH12 H N N 37  
ARG HH21 H N N 38  
ARG HH22 H N N 39  
ARG HXT  H N N 40  
ASN N    N N N 41  
ASN CA   C N S 42  
ASN C    C N N 43  
ASN O    O N N 44  
ASN CB   C N N 45  
ASN CG   C N N 46  
ASN OD1  O N N 47  
ASN ND2  N N N 48  
ASN OXT  O N N 49  
ASN H    H N N 50  
ASN H2   H N N 51  
ASN HA   H N N 52  
ASN HB2  H N N 53  
ASN HB3  H N N 54  
ASN HD21 H N N 55  
ASN HD22 H N N 56  
ASN HXT  H N N 57  
ASP N    N N N 58  
ASP CA   C N S 59  
ASP C    C N N 60  
ASP O    O N N 61  
ASP CB   C N N 62  
ASP CG   C N N 63  
ASP OD1  O N N 64  
ASP OD2  O N N 65  
ASP OXT  O N N 66  
ASP H    H N N 67  
ASP H2   H N N 68  
ASP HA   H N N 69  
ASP HB2  H N N 70  
ASP HB3  H N N 71  
ASP HD2  H N N 72  
ASP HXT  H N N 73  
GLN N    N N N 74  
GLN CA   C N S 75  
GLN C    C N N 76  
GLN O    O N N 77  
GLN CB   C N N 78  
GLN CG   C N N 79  
GLN CD   C N N 80  
GLN OE1  O N N 81  
GLN NE2  N N N 82  
GLN OXT  O N N 83  
GLN H    H N N 84  
GLN H2   H N N 85  
GLN HA   H N N 86  
GLN HB2  H N N 87  
GLN HB3  H N N 88  
GLN HG2  H N N 89  
GLN HG3  H N N 90  
GLN HE21 H N N 91  
GLN HE22 H N N 92  
GLN HXT  H N N 93  
GLU N    N N N 94  
GLU CA   C N S 95  
GLU C    C N N 96  
GLU O    O N N 97  
GLU CB   C N N 98  
GLU CG   C N N 99  
GLU CD   C N N 100 
GLU OE1  O N N 101 
GLU OE2  O N N 102 
GLU OXT  O N N 103 
GLU H    H N N 104 
GLU H2   H N N 105 
GLU HA   H N N 106 
GLU HB2  H N N 107 
GLU HB3  H N N 108 
GLU HG2  H N N 109 
GLU HG3  H N N 110 
GLU HE2  H N N 111 
GLU HXT  H N N 112 
GLY N    N N N 113 
GLY CA   C N N 114 
GLY C    C N N 115 
GLY O    O N N 116 
GLY OXT  O N N 117 
GLY H    H N N 118 
GLY H2   H N N 119 
GLY HA2  H N N 120 
GLY HA3  H N N 121 
GLY HXT  H N N 122 
GOL C1   C N N 123 
GOL O1   O N N 124 
GOL C2   C N N 125 
GOL O2   O N N 126 
GOL C3   C N N 127 
GOL O3   O N N 128 
GOL H11  H N N 129 
GOL H12  H N N 130 
GOL HO1  H N N 131 
GOL H2   H N N 132 
GOL HO2  H N N 133 
GOL H31  H N N 134 
GOL H32  H N N 135 
GOL HO3  H N N 136 
HIS N    N N N 137 
HIS CA   C N S 138 
HIS C    C N N 139 
HIS O    O N N 140 
HIS CB   C N N 141 
HIS CG   C Y N 142 
HIS ND1  N Y N 143 
HIS CD2  C Y N 144 
HIS CE1  C Y N 145 
HIS NE2  N Y N 146 
HIS OXT  O N N 147 
HIS H    H N N 148 
HIS H2   H N N 149 
HIS HA   H N N 150 
HIS HB2  H N N 151 
HIS HB3  H N N 152 
HIS HD1  H N N 153 
HIS HD2  H N N 154 
HIS HE1  H N N 155 
HIS HE2  H N N 156 
HIS HXT  H N N 157 
HOH O    O N N 158 
HOH H1   H N N 159 
HOH H2   H N N 160 
ILE N    N N N 161 
ILE CA   C N S 162 
ILE C    C N N 163 
ILE O    O N N 164 
ILE CB   C N S 165 
ILE CG1  C N N 166 
ILE CG2  C N N 167 
ILE CD1  C N N 168 
ILE OXT  O N N 169 
ILE H    H N N 170 
ILE H2   H N N 171 
ILE HA   H N N 172 
ILE HB   H N N 173 
ILE HG12 H N N 174 
ILE HG13 H N N 175 
ILE HG21 H N N 176 
ILE HG22 H N N 177 
ILE HG23 H N N 178 
ILE HD11 H N N 179 
ILE HD12 H N N 180 
ILE HD13 H N N 181 
ILE HXT  H N N 182 
LEU N    N N N 183 
LEU CA   C N S 184 
LEU C    C N N 185 
LEU O    O N N 186 
LEU CB   C N N 187 
LEU CG   C N N 188 
LEU CD1  C N N 189 
LEU CD2  C N N 190 
LEU OXT  O N N 191 
LEU H    H N N 192 
LEU H2   H N N 193 
LEU HA   H N N 194 
LEU HB2  H N N 195 
LEU HB3  H N N 196 
LEU HG   H N N 197 
LEU HD11 H N N 198 
LEU HD12 H N N 199 
LEU HD13 H N N 200 
LEU HD21 H N N 201 
LEU HD22 H N N 202 
LEU HD23 H N N 203 
LEU HXT  H N N 204 
LL5 C22  C N N 205 
LL5 C20  C N N 206 
LL5 C21  C N N 207 
LL5 C19  C N S 208 
LL5 N33  N N N 209 
LL5 C7   C N N 210 
LL5 O32  O N N 211 
LL5 N1   N N N 212 
LL5 C2   C N N 213 
LL5 C3   C N N 214 
LL5 C6   C N N 215 
LL5 C5   C N N 216 
LL5 C4   C N N 217 
LL5 C14  C Y N 218 
LL5 N23  N Y N 219 
LL5 O26  O Y N 220 
LL5 N25  N Y N 221 
LL5 C24  C Y N 222 
LL5 C27  C Y N 223 
LL5 C31  C Y N 224 
LL5 C30  C Y N 225 
LL5 C29  C Y N 226 
LL5 S28  S Y N 227 
LL5 H22  H N N 228 
LL5 H22A H N N 229 
LL5 H22B H N N 230 
LL5 H20  H N N 231 
LL5 H21  H N N 232 
LL5 H21A H N N 233 
LL5 H21B H N N 234 
LL5 H19  H N N 235 
LL5 HN33 H N N 236 
LL5 HN3A H N N 237 
LL5 H2   H N N 238 
LL5 H2A  H N N 239 
LL5 H3   H N N 240 
LL5 H3A  H N N 241 
LL5 H6   H N N 242 
LL5 H6A  H N N 243 
LL5 H5   H N N 244 
LL5 H5A  H N N 245 
LL5 H4   H N N 246 
LL5 H31  H N N 247 
LL5 H30  H N N 248 
LL5 H29  H N N 249 
LYS N    N N N 250 
LYS CA   C N S 251 
LYS C    C N N 252 
LYS O    O N N 253 
LYS CB   C N N 254 
LYS CG   C N N 255 
LYS CD   C N N 256 
LYS CE   C N N 257 
LYS NZ   N N N 258 
LYS OXT  O N N 259 
LYS H    H N N 260 
LYS H2   H N N 261 
LYS HA   H N N 262 
LYS HB2  H N N 263 
LYS HB3  H N N 264 
LYS HG2  H N N 265 
LYS HG3  H N N 266 
LYS HD2  H N N 267 
LYS HD3  H N N 268 
LYS HE2  H N N 269 
LYS HE3  H N N 270 
LYS HZ1  H N N 271 
LYS HZ2  H N N 272 
LYS HZ3  H N N 273 
LYS HXT  H N N 274 
MET N    N N N 275 
MET CA   C N S 276 
MET C    C N N 277 
MET O    O N N 278 
MET CB   C N N 279 
MET CG   C N N 280 
MET SD   S N N 281 
MET CE   C N N 282 
MET OXT  O N N 283 
MET H    H N N 284 
MET H2   H N N 285 
MET HA   H N N 286 
MET HB2  H N N 287 
MET HB3  H N N 288 
MET HG2  H N N 289 
MET HG3  H N N 290 
MET HE1  H N N 291 
MET HE2  H N N 292 
MET HE3  H N N 293 
MET HXT  H N N 294 
PHE N    N N N 295 
PHE CA   C N S 296 
PHE C    C N N 297 
PHE O    O N N 298 
PHE CB   C N N 299 
PHE CG   C Y N 300 
PHE CD1  C Y N 301 
PHE CD2  C Y N 302 
PHE CE1  C Y N 303 
PHE CE2  C Y N 304 
PHE CZ   C Y N 305 
PHE OXT  O N N 306 
PHE H    H N N 307 
PHE H2   H N N 308 
PHE HA   H N N 309 
PHE HB2  H N N 310 
PHE HB3  H N N 311 
PHE HD1  H N N 312 
PHE HD2  H N N 313 
PHE HE1  H N N 314 
PHE HE2  H N N 315 
PHE HZ   H N N 316 
PHE HXT  H N N 317 
PRO N    N N N 318 
PRO CA   C N S 319 
PRO C    C N N 320 
PRO O    O N N 321 
PRO CB   C N N 322 
PRO CG   C N N 323 
PRO CD   C N N 324 
PRO OXT  O N N 325 
PRO H    H N N 326 
PRO HA   H N N 327 
PRO HB2  H N N 328 
PRO HB3  H N N 329 
PRO HG2  H N N 330 
PRO HG3  H N N 331 
PRO HD2  H N N 332 
PRO HD3  H N N 333 
PRO HXT  H N N 334 
SER N    N N N 335 
SER CA   C N S 336 
SER C    C N N 337 
SER O    O N N 338 
SER CB   C N N 339 
SER OG   O N N 340 
SER OXT  O N N 341 
SER H    H N N 342 
SER H2   H N N 343 
SER HA   H N N 344 
SER HB2  H N N 345 
SER HB3  H N N 346 
SER HG   H N N 347 
SER HXT  H N N 348 
THR N    N N N 349 
THR CA   C N S 350 
THR C    C N N 351 
THR O    O N N 352 
THR CB   C N R 353 
THR OG1  O N N 354 
THR CG2  C N N 355 
THR OXT  O N N 356 
THR H    H N N 357 
THR H2   H N N 358 
THR HA   H N N 359 
THR HB   H N N 360 
THR HG1  H N N 361 
THR HG21 H N N 362 
THR HG22 H N N 363 
THR HG23 H N N 364 
THR HXT  H N N 365 
TRP N    N N N 366 
TRP CA   C N S 367 
TRP C    C N N 368 
TRP O    O N N 369 
TRP CB   C N N 370 
TRP CG   C Y N 371 
TRP CD1  C Y N 372 
TRP CD2  C Y N 373 
TRP NE1  N Y N 374 
TRP CE2  C Y N 375 
TRP CE3  C Y N 376 
TRP CZ2  C Y N 377 
TRP CZ3  C Y N 378 
TRP CH2  C Y N 379 
TRP OXT  O N N 380 
TRP H    H N N 381 
TRP H2   H N N 382 
TRP HA   H N N 383 
TRP HB2  H N N 384 
TRP HB3  H N N 385 
TRP HD1  H N N 386 
TRP HE1  H N N 387 
TRP HE3  H N N 388 
TRP HZ2  H N N 389 
TRP HZ3  H N N 390 
TRP HH2  H N N 391 
TRP HXT  H N N 392 
TYR N    N N N 393 
TYR CA   C N S 394 
TYR C    C N N 395 
TYR O    O N N 396 
TYR CB   C N N 397 
TYR CG   C Y N 398 
TYR CD1  C Y N 399 
TYR CD2  C Y N 400 
TYR CE1  C Y N 401 
TYR CE2  C Y N 402 
TYR CZ   C Y N 403 
TYR OH   O N N 404 
TYR OXT  O N N 405 
TYR H    H N N 406 
TYR H2   H N N 407 
TYR HA   H N N 408 
TYR HB2  H N N 409 
TYR HB3  H N N 410 
TYR HD1  H N N 411 
TYR HD2  H N N 412 
TYR HE1  H N N 413 
TYR HE2  H N N 414 
TYR HH   H N N 415 
TYR HXT  H N N 416 
VAL N    N N N 417 
VAL CA   C N S 418 
VAL C    C N N 419 
VAL O    O N N 420 
VAL CB   C N N 421 
VAL CG1  C N N 422 
VAL CG2  C N N 423 
VAL OXT  O N N 424 
VAL H    H N N 425 
VAL H2   H N N 426 
VAL HA   H N N 427 
VAL HB   H N N 428 
VAL HG11 H N N 429 
VAL HG12 H N N 430 
VAL HG13 H N N 431 
VAL HG21 H N N 432 
VAL HG22 H N N 433 
VAL HG23 H N N 434 
VAL HXT  H N N 435 
# 
loop_
_chem_comp_bond.comp_id 
_chem_comp_bond.atom_id_1 
_chem_comp_bond.atom_id_2 
_chem_comp_bond.value_order 
_chem_comp_bond.pdbx_aromatic_flag 
_chem_comp_bond.pdbx_stereo_config 
_chem_comp_bond.pdbx_ordinal 
ALA N   CA   sing N N 1   
ALA N   H    sing N N 2   
ALA N   H2   sing N N 3   
ALA CA  C    sing N N 4   
ALA CA  CB   sing N N 5   
ALA CA  HA   sing N N 6   
ALA C   O    doub N N 7   
ALA C   OXT  sing N N 8   
ALA CB  HB1  sing N N 9   
ALA CB  HB2  sing N N 10  
ALA CB  HB3  sing N N 11  
ALA OXT HXT  sing N N 12  
ARG N   CA   sing N N 13  
ARG N   H    sing N N 14  
ARG N   H2   sing N N 15  
ARG CA  C    sing N N 16  
ARG CA  CB   sing N N 17  
ARG CA  HA   sing N N 18  
ARG C   O    doub N N 19  
ARG C   OXT  sing N N 20  
ARG CB  CG   sing N N 21  
ARG CB  HB2  sing N N 22  
ARG CB  HB3  sing N N 23  
ARG CG  CD   sing N N 24  
ARG CG  HG2  sing N N 25  
ARG CG  HG3  sing N N 26  
ARG CD  NE   sing N N 27  
ARG CD  HD2  sing N N 28  
ARG CD  HD3  sing N N 29  
ARG NE  CZ   sing N N 30  
ARG NE  HE   sing N N 31  
ARG CZ  NH1  sing N N 32  
ARG CZ  NH2  doub N N 33  
ARG NH1 HH11 sing N N 34  
ARG NH1 HH12 sing N N 35  
ARG NH2 HH21 sing N N 36  
ARG NH2 HH22 sing N N 37  
ARG OXT HXT  sing N N 38  
ASN N   CA   sing N N 39  
ASN N   H    sing N N 40  
ASN N   H2   sing N N 41  
ASN CA  C    sing N N 42  
ASN CA  CB   sing N N 43  
ASN CA  HA   sing N N 44  
ASN C   O    doub N N 45  
ASN C   OXT  sing N N 46  
ASN CB  CG   sing N N 47  
ASN CB  HB2  sing N N 48  
ASN CB  HB3  sing N N 49  
ASN CG  OD1  doub N N 50  
ASN CG  ND2  sing N N 51  
ASN ND2 HD21 sing N N 52  
ASN ND2 HD22 sing N N 53  
ASN OXT HXT  sing N N 54  
ASP N   CA   sing N N 55  
ASP N   H    sing N N 56  
ASP N   H2   sing N N 57  
ASP CA  C    sing N N 58  
ASP CA  CB   sing N N 59  
ASP CA  HA   sing N N 60  
ASP C   O    doub N N 61  
ASP C   OXT  sing N N 62  
ASP CB  CG   sing N N 63  
ASP CB  HB2  sing N N 64  
ASP CB  HB3  sing N N 65  
ASP CG  OD1  doub N N 66  
ASP CG  OD2  sing N N 67  
ASP OD2 HD2  sing N N 68  
ASP OXT HXT  sing N N 69  
GLN N   CA   sing N N 70  
GLN N   H    sing N N 71  
GLN N   H2   sing N N 72  
GLN CA  C    sing N N 73  
GLN CA  CB   sing N N 74  
GLN CA  HA   sing N N 75  
GLN C   O    doub N N 76  
GLN C   OXT  sing N N 77  
GLN CB  CG   sing N N 78  
GLN CB  HB2  sing N N 79  
GLN CB  HB3  sing N N 80  
GLN CG  CD   sing N N 81  
GLN CG  HG2  sing N N 82  
GLN CG  HG3  sing N N 83  
GLN CD  OE1  doub N N 84  
GLN CD  NE2  sing N N 85  
GLN NE2 HE21 sing N N 86  
GLN NE2 HE22 sing N N 87  
GLN OXT HXT  sing N N 88  
GLU N   CA   sing N N 89  
GLU N   H    sing N N 90  
GLU N   H2   sing N N 91  
GLU CA  C    sing N N 92  
GLU CA  CB   sing N N 93  
GLU CA  HA   sing N N 94  
GLU C   O    doub N N 95  
GLU C   OXT  sing N N 96  
GLU CB  CG   sing N N 97  
GLU CB  HB2  sing N N 98  
GLU CB  HB3  sing N N 99  
GLU CG  CD   sing N N 100 
GLU CG  HG2  sing N N 101 
GLU CG  HG3  sing N N 102 
GLU CD  OE1  doub N N 103 
GLU CD  OE2  sing N N 104 
GLU OE2 HE2  sing N N 105 
GLU OXT HXT  sing N N 106 
GLY N   CA   sing N N 107 
GLY N   H    sing N N 108 
GLY N   H2   sing N N 109 
GLY CA  C    sing N N 110 
GLY CA  HA2  sing N N 111 
GLY CA  HA3  sing N N 112 
GLY C   O    doub N N 113 
GLY C   OXT  sing N N 114 
GLY OXT HXT  sing N N 115 
GOL C1  O1   sing N N 116 
GOL C1  C2   sing N N 117 
GOL C1  H11  sing N N 118 
GOL C1  H12  sing N N 119 
GOL O1  HO1  sing N N 120 
GOL C2  O2   sing N N 121 
GOL C2  C3   sing N N 122 
GOL C2  H2   sing N N 123 
GOL O2  HO2  sing N N 124 
GOL C3  O3   sing N N 125 
GOL C3  H31  sing N N 126 
GOL C3  H32  sing N N 127 
GOL O3  HO3  sing N N 128 
HIS N   CA   sing N N 129 
HIS N   H    sing N N 130 
HIS N   H2   sing N N 131 
HIS CA  C    sing N N 132 
HIS CA  CB   sing N N 133 
HIS CA  HA   sing N N 134 
HIS C   O    doub N N 135 
HIS C   OXT  sing N N 136 
HIS CB  CG   sing N N 137 
HIS CB  HB2  sing N N 138 
HIS CB  HB3  sing N N 139 
HIS CG  ND1  sing Y N 140 
HIS CG  CD2  doub Y N 141 
HIS ND1 CE1  doub Y N 142 
HIS ND1 HD1  sing N N 143 
HIS CD2 NE2  sing Y N 144 
HIS CD2 HD2  sing N N 145 
HIS CE1 NE2  sing Y N 146 
HIS CE1 HE1  sing N N 147 
HIS NE2 HE2  sing N N 148 
HIS OXT HXT  sing N N 149 
HOH O   H1   sing N N 150 
HOH O   H2   sing N N 151 
ILE N   CA   sing N N 152 
ILE N   H    sing N N 153 
ILE N   H2   sing N N 154 
ILE CA  C    sing N N 155 
ILE CA  CB   sing N N 156 
ILE CA  HA   sing N N 157 
ILE C   O    doub N N 158 
ILE C   OXT  sing N N 159 
ILE CB  CG1  sing N N 160 
ILE CB  CG2  sing N N 161 
ILE CB  HB   sing N N 162 
ILE CG1 CD1  sing N N 163 
ILE CG1 HG12 sing N N 164 
ILE CG1 HG13 sing N N 165 
ILE CG2 HG21 sing N N 166 
ILE CG2 HG22 sing N N 167 
ILE CG2 HG23 sing N N 168 
ILE CD1 HD11 sing N N 169 
ILE CD1 HD12 sing N N 170 
ILE CD1 HD13 sing N N 171 
ILE OXT HXT  sing N N 172 
LEU N   CA   sing N N 173 
LEU N   H    sing N N 174 
LEU N   H2   sing N N 175 
LEU CA  C    sing N N 176 
LEU CA  CB   sing N N 177 
LEU CA  HA   sing N N 178 
LEU C   O    doub N N 179 
LEU C   OXT  sing N N 180 
LEU CB  CG   sing N N 181 
LEU CB  HB2  sing N N 182 
LEU CB  HB3  sing N N 183 
LEU CG  CD1  sing N N 184 
LEU CG  CD2  sing N N 185 
LEU CG  HG   sing N N 186 
LEU CD1 HD11 sing N N 187 
LEU CD1 HD12 sing N N 188 
LEU CD1 HD13 sing N N 189 
LEU CD2 HD21 sing N N 190 
LEU CD2 HD22 sing N N 191 
LEU CD2 HD23 sing N N 192 
LEU OXT HXT  sing N N 193 
LL5 C22 C20  sing N N 194 
LL5 C22 H22  sing N N 195 
LL5 C22 H22A sing N N 196 
LL5 C22 H22B sing N N 197 
LL5 C20 C19  sing N N 198 
LL5 C20 C21  sing N N 199 
LL5 C20 H20  sing N N 200 
LL5 C21 H21  sing N N 201 
LL5 C21 H21A sing N N 202 
LL5 C21 H21B sing N N 203 
LL5 C7  C19  sing N N 204 
LL5 N33 C19  sing N N 205 
LL5 C19 H19  sing N N 206 
LL5 N33 HN33 sing N N 207 
LL5 N33 HN3A sing N N 208 
LL5 O32 C7   doub N N 209 
LL5 C7  N1   sing N N 210 
LL5 C6  N1   sing N N 211 
LL5 N1  C2   sing N N 212 
LL5 C3  C2   sing N N 213 
LL5 C2  H2   sing N N 214 
LL5 C2  H2A  sing N N 215 
LL5 C4  C3   sing N N 216 
LL5 C3  H3   sing N N 217 
LL5 C3  H3A  sing N N 218 
LL5 C5  C6   sing N N 219 
LL5 C6  H6   sing N N 220 
LL5 C6  H6A  sing N N 221 
LL5 C5  C4   sing N N 222 
LL5 C5  H5   sing N N 223 
LL5 C5  H5A  sing N N 224 
LL5 C14 C4   sing N N 225 
LL5 C4  H4   sing N N 226 
LL5 O26 C14  sing Y N 227 
LL5 C14 N23  doub Y N 228 
LL5 C24 N23  sing Y N 229 
LL5 N25 O26  sing Y N 230 
LL5 N25 C24  doub Y N 231 
LL5 C24 C27  sing Y N 232 
LL5 S28 C27  sing Y N 233 
LL5 C27 C31  doub Y N 234 
LL5 C30 C31  sing Y N 235 
LL5 C31 H31  sing N N 236 
LL5 C29 C30  doub Y N 237 
LL5 C30 H30  sing N N 238 
LL5 S28 C29  sing Y N 239 
LL5 C29 H29  sing N N 240 
LYS N   CA   sing N N 241 
LYS N   H    sing N N 242 
LYS N   H2   sing N N 243 
LYS CA  C    sing N N 244 
LYS CA  CB   sing N N 245 
LYS CA  HA   sing N N 246 
LYS C   O    doub N N 247 
LYS C   OXT  sing N N 248 
LYS CB  CG   sing N N 249 
LYS CB  HB2  sing N N 250 
LYS CB  HB3  sing N N 251 
LYS CG  CD   sing N N 252 
LYS CG  HG2  sing N N 253 
LYS CG  HG3  sing N N 254 
LYS CD  CE   sing N N 255 
LYS CD  HD2  sing N N 256 
LYS CD  HD3  sing N N 257 
LYS CE  NZ   sing N N 258 
LYS CE  HE2  sing N N 259 
LYS CE  HE3  sing N N 260 
LYS NZ  HZ1  sing N N 261 
LYS NZ  HZ2  sing N N 262 
LYS NZ  HZ3  sing N N 263 
LYS OXT HXT  sing N N 264 
MET N   CA   sing N N 265 
MET N   H    sing N N 266 
MET N   H2   sing N N 267 
MET CA  C    sing N N 268 
MET CA  CB   sing N N 269 
MET CA  HA   sing N N 270 
MET C   O    doub N N 271 
MET C   OXT  sing N N 272 
MET CB  CG   sing N N 273 
MET CB  HB2  sing N N 274 
MET CB  HB3  sing N N 275 
MET CG  SD   sing N N 276 
MET CG  HG2  sing N N 277 
MET CG  HG3  sing N N 278 
MET SD  CE   sing N N 279 
MET CE  HE1  sing N N 280 
MET CE  HE2  sing N N 281 
MET CE  HE3  sing N N 282 
MET OXT HXT  sing N N 283 
PHE N   CA   sing N N 284 
PHE N   H    sing N N 285 
PHE N   H2   sing N N 286 
PHE CA  C    sing N N 287 
PHE CA  CB   sing N N 288 
PHE CA  HA   sing N N 289 
PHE C   O    doub N N 290 
PHE C   OXT  sing N N 291 
PHE CB  CG   sing N N 292 
PHE CB  HB2  sing N N 293 
PHE CB  HB3  sing N N 294 
PHE CG  CD1  doub Y N 295 
PHE CG  CD2  sing Y N 296 
PHE CD1 CE1  sing Y N 297 
PHE CD1 HD1  sing N N 298 
PHE CD2 CE2  doub Y N 299 
PHE CD2 HD2  sing N N 300 
PHE CE1 CZ   doub Y N 301 
PHE CE1 HE1  sing N N 302 
PHE CE2 CZ   sing Y N 303 
PHE CE2 HE2  sing N N 304 
PHE CZ  HZ   sing N N 305 
PHE OXT HXT  sing N N 306 
PRO N   CA   sing N N 307 
PRO N   CD   sing N N 308 
PRO N   H    sing N N 309 
PRO CA  C    sing N N 310 
PRO CA  CB   sing N N 311 
PRO CA  HA   sing N N 312 
PRO C   O    doub N N 313 
PRO C   OXT  sing N N 314 
PRO CB  CG   sing N N 315 
PRO CB  HB2  sing N N 316 
PRO CB  HB3  sing N N 317 
PRO CG  CD   sing N N 318 
PRO CG  HG2  sing N N 319 
PRO CG  HG3  sing N N 320 
PRO CD  HD2  sing N N 321 
PRO CD  HD3  sing N N 322 
PRO OXT HXT  sing N N 323 
SER N   CA   sing N N 324 
SER N   H    sing N N 325 
SER N   H2   sing N N 326 
SER CA  C    sing N N 327 
SER CA  CB   sing N N 328 
SER CA  HA   sing N N 329 
SER C   O    doub N N 330 
SER C   OXT  sing N N 331 
SER CB  OG   sing N N 332 
SER CB  HB2  sing N N 333 
SER CB  HB3  sing N N 334 
SER OG  HG   sing N N 335 
SER OXT HXT  sing N N 336 
THR N   CA   sing N N 337 
THR N   H    sing N N 338 
THR N   H2   sing N N 339 
THR CA  C    sing N N 340 
THR CA  CB   sing N N 341 
THR CA  HA   sing N N 342 
THR C   O    doub N N 343 
THR C   OXT  sing N N 344 
THR CB  OG1  sing N N 345 
THR CB  CG2  sing N N 346 
THR CB  HB   sing N N 347 
THR OG1 HG1  sing N N 348 
THR CG2 HG21 sing N N 349 
THR CG2 HG22 sing N N 350 
THR CG2 HG23 sing N N 351 
THR OXT HXT  sing N N 352 
TRP N   CA   sing N N 353 
TRP N   H    sing N N 354 
TRP N   H2   sing N N 355 
TRP CA  C    sing N N 356 
TRP CA  CB   sing N N 357 
TRP CA  HA   sing N N 358 
TRP C   O    doub N N 359 
TRP C   OXT  sing N N 360 
TRP CB  CG   sing N N 361 
TRP CB  HB2  sing N N 362 
TRP CB  HB3  sing N N 363 
TRP CG  CD1  doub Y N 364 
TRP CG  CD2  sing Y N 365 
TRP CD1 NE1  sing Y N 366 
TRP CD1 HD1  sing N N 367 
TRP CD2 CE2  doub Y N 368 
TRP CD2 CE3  sing Y N 369 
TRP NE1 CE2  sing Y N 370 
TRP NE1 HE1  sing N N 371 
TRP CE2 CZ2  sing Y N 372 
TRP CE3 CZ3  doub Y N 373 
TRP CE3 HE3  sing N N 374 
TRP CZ2 CH2  doub Y N 375 
TRP CZ2 HZ2  sing N N 376 
TRP CZ3 CH2  sing Y N 377 
TRP CZ3 HZ3  sing N N 378 
TRP CH2 HH2  sing N N 379 
TRP OXT HXT  sing N N 380 
TYR N   CA   sing N N 381 
TYR N   H    sing N N 382 
TYR N   H2   sing N N 383 
TYR CA  C    sing N N 384 
TYR CA  CB   sing N N 385 
TYR CA  HA   sing N N 386 
TYR C   O    doub N N 387 
TYR C   OXT  sing N N 388 
TYR CB  CG   sing N N 389 
TYR CB  HB2  sing N N 390 
TYR CB  HB3  sing N N 391 
TYR CG  CD1  doub Y N 392 
TYR CG  CD2  sing Y N 393 
TYR CD1 CE1  sing Y N 394 
TYR CD1 HD1  sing N N 395 
TYR CD2 CE2  doub Y N 396 
TYR CD2 HD2  sing N N 397 
TYR CE1 CZ   doub Y N 398 
TYR CE1 HE1  sing N N 399 
TYR CE2 CZ   sing Y N 400 
TYR CE2 HE2  sing N N 401 
TYR CZ  OH   sing N N 402 
TYR OH  HH   sing N N 403 
TYR OXT HXT  sing N N 404 
VAL N   CA   sing N N 405 
VAL N   H    sing N N 406 
VAL N   H2   sing N N 407 
VAL CA  C    sing N N 408 
VAL CA  CB   sing N N 409 
VAL CA  HA   sing N N 410 
VAL C   O    doub N N 411 
VAL C   OXT  sing N N 412 
VAL CB  CG1  sing N N 413 
VAL CB  CG2  sing N N 414 
VAL CB  HB   sing N N 415 
VAL CG1 HG11 sing N N 416 
VAL CG1 HG12 sing N N 417 
VAL CG1 HG13 sing N N 418 
VAL CG2 HG21 sing N N 419 
VAL CG2 HG22 sing N N 420 
VAL CG2 HG23 sing N N 421 
VAL OXT HXT  sing N N 422 
# 
_atom_sites.entry_id                    3Q0W 
_atom_sites.fract_transf_matrix[1][1]   -0.00721996 
_atom_sites.fract_transf_matrix[1][2]   0.00416582 
_atom_sites.fract_transf_matrix[1][3]   -0.00041705 
_atom_sites.fract_transf_matrix[2][1]   0.00373250 
_atom_sites.fract_transf_matrix[2][2]   0.00678136 
_atom_sites.fract_transf_matrix[2][3]   0.00312046 
_atom_sites.fract_transf_matrix[3][1]   0.00676469 
_atom_sites.fract_transf_matrix[3][2]   0.00896387 
_atom_sites.fract_transf_matrix[3][3]   -0.02757173 
_atom_sites.fract_transf_vector[1]      0.216980 
_atom_sites.fract_transf_vector[2]      0.637919 
_atom_sites.fract_transf_vector[3]      0.254712 
# 
loop_
_atom_type.symbol 
C 
N 
O 
S 
# 
loop_
_atom_site.group_PDB 
_atom_site.id 
_atom_site.type_symbol 
_atom_site.label_atom_id 
_atom_site.label_alt_id 
_atom_site.label_comp_id 
_atom_site.label_asym_id 
_atom_site.label_entity_id 
_atom_site.label_seq_id 
_atom_site.pdbx_PDB_ins_code 
_atom_site.Cartn_x 
_atom_site.Cartn_y 
_atom_site.Cartn_z 
_atom_site.occupancy 
_atom_site.B_iso_or_equiv 
_atom_site.pdbx_formal_charge 
_atom_site.auth_seq_id 
_atom_site.auth_comp_id 
_atom_site.auth_asym_id 
_atom_site.auth_atom_id 
_atom_site.pdbx_PDB_model_num 
ATOM   1    N N   . GLY A 1 42  ? 25.293  -11.819 -0.796  1.00 56.06 ? 22  GLY A N   1 
ATOM   2    C CA  . GLY A 1 42  ? 24.684  -12.712 0.226   1.00 55.73 ? 22  GLY A CA  1 
ATOM   3    C C   . GLY A 1 42  ? 23.201  -12.424 0.190   1.00 55.73 ? 22  GLY A C   1 
ATOM   4    O O   . GLY A 1 42  ? 22.749  -11.388 0.687   1.00 55.90 ? 22  GLY A O   1 
ATOM   5    N N   . ASP A 1 43  ? 22.444  -13.316 -0.444  1.00 55.13 ? 23  ASP A N   1 
ATOM   6    C CA  . ASP A 1 43  ? 20.997  -13.157 -0.503  1.00 53.75 ? 23  ASP A CA  1 
ATOM   7    C C   . ASP A 1 43  ? 20.499  -13.116 0.913   1.00 51.65 ? 23  ASP A C   1 
ATOM   8    O O   . ASP A 1 43  ? 19.614  -12.345 1.235   1.00 51.96 ? 23  ASP A O   1 
ATOM   9    C CB  . ASP A 1 43  ? 20.352  -14.316 -1.249  1.00 54.68 ? 23  ASP A CB  1 
ATOM   10   C CG  . ASP A 1 43  ? 19.916  -13.928 -2.633  1.00 57.98 ? 23  ASP A CG  1 
ATOM   11   O OD1 . ASP A 1 43  ? 19.238  -12.879 -2.726  1.00 61.82 ? 23  ASP A OD1 1 
ATOM   12   O OD2 . ASP A 1 43  ? 20.243  -14.652 -3.614  1.00 61.27 ? 23  ASP A OD2 1 
ATOM   13   N N   . ASP A 1 44  ? 21.098  -13.950 1.754   1.00 48.34 ? 24  ASP A N   1 
ATOM   14   C CA  . ASP A 1 44  ? 20.741  -14.020 3.152   1.00 45.48 ? 24  ASP A CA  1 
ATOM   15   C C   . ASP A 1 44  ? 21.152  -12.766 3.920   1.00 41.43 ? 24  ASP A C   1 
ATOM   16   O O   . ASP A 1 44  ? 20.470  -12.370 4.823   1.00 38.70 ? 24  ASP A O   1 
ATOM   17   C CB  . ASP A 1 44  ? 21.403  -15.232 3.810   1.00 46.55 ? 24  ASP A CB  1 
ATOM   18   C CG  . ASP A 1 44  ? 21.258  -16.511 2.980   1.00 50.52 ? 24  ASP A CG  1 
ATOM   19   O OD1 . ASP A 1 44  ? 20.486  -16.534 1.975   1.00 53.23 ? 24  ASP A OD1 1 
ATOM   20   O OD2 . ASP A 1 44  ? 21.937  -17.505 3.351   1.00 56.47 ? 24  ASP A OD2 1 
ATOM   21   N N   . ARG A 1 45  ? 22.298  -12.172 3.607   1.00 38.40 ? 25  ARG A N   1 
ATOM   22   C CA  . ARG A 1 45  ? 22.699  -11.020 4.406   1.00 34.38 ? 25  ARG A CA  1 
ATOM   23   C C   . ARG A 1 45  ? 21.782  -9.805  4.100   1.00 31.87 ? 25  ARG A C   1 
ATOM   24   O O   . ARG A 1 45  ? 21.451  -9.020  4.980   1.00 30.05 ? 25  ARG A O   1 
ATOM   25   C CB  . ARG A 1 45  ? 24.206  -10.681 4.263   1.00 35.03 ? 25  ARG A CB  1 
ATOM   26   C CG  . ARG A 1 45  ? 24.977  -11.244 5.433   1.00 36.48 ? 25  ARG A CG  1 
ATOM   27   C CD  . ARG A 1 45  ? 26.265  -11.981 5.084   1.00 43.52 ? 25  ARG A CD  1 
ATOM   28   N NE  . ARG A 1 45  ? 27.134  -11.159 4.269   1.00 45.21 ? 25  ARG A NE  1 
ATOM   29   C CZ  . ARG A 1 45  ? 28.367  -11.511 3.925   1.00 48.34 ? 25  ARG A CZ  1 
ATOM   30   N NH1 . ARG A 1 45  ? 28.869  -12.681 4.330   1.00 49.39 ? 25  ARG A NH1 1 
ATOM   31   N NH2 . ARG A 1 45  ? 29.093  -10.696 3.173   1.00 45.47 ? 25  ARG A NH2 1 
ATOM   32   N N   . GLU A 1 46  ? 21.416  -9.679  2.846   1.00 30.58 ? 26  GLU A N   1 
ATOM   33   C CA  . GLU A 1 46  ? 20.526  -8.588  2.462   1.00 29.18 ? 26  GLU A CA  1 
ATOM   34   C C   . GLU A 1 46  ? 19.178  -8.805  3.114   1.00 28.46 ? 26  GLU A C   1 
ATOM   35   O O   . GLU A 1 46  ? 18.600  -7.877  3.629   1.00 27.06 ? 26  GLU A O   1 
ATOM   36   C CB  . GLU A 1 46  ? 20.356  -8.572  0.953   1.00 30.04 ? 26  GLU A CB  1 
ATOM   37   C CG  . GLU A 1 46  ? 19.686  -7.346  0.468   1.00 33.96 ? 26  GLU A CG  1 
ATOM   38   C CD  . GLU A 1 46  ? 19.709  -7.227  -1.061  1.00 42.39 ? 26  GLU A CD  1 
ATOM   39   O OE1 . GLU A 1 46  ? 20.798  -7.399  -1.654  1.00 45.01 ? 26  GLU A OE1 1 
ATOM   40   O OE2 . GLU A 1 46  ? 18.629  -6.963  -1.644  1.00 47.01 ? 26  GLU A OE2 1 
ATOM   41   N N   . LEU A 1 47  ? 18.671  -10.029 3.050   1.00 29.03 ? 27  LEU A N   1 
ATOM   42   C CA  . LEU A 1 47  ? 17.399  -10.379 3.693   1.00 29.94 ? 27  LEU A CA  1 
ATOM   43   C C   . LEU A 1 47  ? 17.417  -10.171 5.186   1.00 27.76 ? 27  LEU A C   1 
ATOM   44   O O   . LEU A 1 47  ? 16.411  -9.711  5.791   1.00 25.49 ? 27  LEU A O   1 
ATOM   45   C CB  . LEU A 1 47  ? 16.978  -11.826 3.381   1.00 31.94 ? 27  LEU A CB  1 
ATOM   46   C CG  . LEU A 1 47  ? 16.646  -12.213 1.919   1.00 36.58 ? 27  LEU A CG  1 
ATOM   47   C CD1 . LEU A 1 47  ? 16.797  -13.702 1.648   1.00 39.28 ? 27  LEU A CD1 1 
ATOM   48   C CD2 . LEU A 1 47  ? 15.250  -11.731 1.546   1.00 39.78 ? 27  LEU A CD2 1 
ATOM   49   N N   . ALA A 1 48  ? 18.549  -10.525 5.832   1.00 25.55 ? 28  ALA A N   1 
ATOM   50   C CA  . ALA A 1 48  ? 18.674  -10.224 7.250   1.00 25.34 ? 28  ALA A CA  1 
ATOM   51   C C   . ALA A 1 48  ? 18.620  -8.738  7.541   1.00 21.48 ? 28  ALA A C   1 
ATOM   52   O O   . ALA A 1 48  ? 18.052  -8.308  8.535   1.00 20.90 ? 28  ALA A O   1 
ATOM   53   C CB  . ALA A 1 48  ? 19.992  -10.875 7.874   1.00 26.04 ? 28  ALA A CB  1 
ATOM   54   N N   . ILE A 1 49  ? 19.232  -7.900  6.681   1.00 20.22 ? 29  ILE A N   1 
ATOM   55   C CA  . ILE A 1 49  ? 19.134  -6.522  6.887   1.00 16.66 ? 29  ILE A CA  1 
ATOM   56   C C   . ILE A 1 49  ? 17.650  -6.062  6.799   1.00 17.26 ? 29  ILE A C   1 
ATOM   57   O O   . ILE A 1 49  ? 17.233  -5.328  7.637   1.00 19.44 ? 29  ILE A O   1 
ATOM   58   C CB  . ILE A 1 49  ? 19.939  -5.675  5.827   1.00 16.52 ? 29  ILE A CB  1 
ATOM   59   C CG1 . ILE A 1 49  ? 21.416  -5.958  6.159   1.00 16.34 ? 29  ILE A CG1 1 
ATOM   60   C CG2 . ILE A 1 49  ? 19.740  -4.188  6.048   1.00 18.36 ? 29  ILE A CG2 1 
ATOM   61   C CD1 . ILE A 1 49  ? 22.320  -5.546  4.919   1.00 17.97 ? 29  ILE A CD1 1 
ATOM   62   N N   . LEU A 1 50  ? 16.988  -6.481  5.746   1.00 19.90 ? 30  LEU A N   1 
ATOM   63   C CA  . LEU A 1 50  ? 15.588  -6.037  5.545   1.00 20.34 ? 30  LEU A CA  1 
ATOM   64   C C   . LEU A 1 50  ? 14.704  -6.518  6.702   1.00 21.29 ? 30  LEU A C   1 
ATOM   65   O O   . LEU A 1 50  ? 13.820  -5.786  7.133   1.00 20.64 ? 30  LEU A O   1 
ATOM   66   C CB  . LEU A 1 50  ? 15.073  -6.590  4.243   1.00 19.47 ? 30  LEU A CB  1 
ATOM   67   C CG  . LEU A 1 50  ? 15.716  -6.013  2.965   1.00 21.06 ? 30  LEU A CG  1 
ATOM   68   C CD1 . LEU A 1 50  ? 15.424  -6.943  1.777   1.00 26.09 ? 30  LEU A CD1 1 
ATOM   69   C CD2 . LEU A 1 50  ? 15.232  -4.581  2.737   1.00 21.18 ? 30  LEU A CD2 1 
ATOM   70   N N   . ALA A 1 51  ? 14.942  -7.724  7.173   1.00 21.24 ? 31  ALA A N   1 
ATOM   71   C CA  . ALA A 1 51  ? 14.177  -8.251  8.319   1.00 23.07 ? 31  ALA A CA  1 
ATOM   72   C C   . ALA A 1 51  ? 14.409  -7.445  9.588   1.00 23.41 ? 31  ALA A C   1 
ATOM   73   O O   . ALA A 1 51  ? 13.468  -7.051  10.284  1.00 21.58 ? 31  ALA A O   1 
ATOM   74   C CB  . ALA A 1 51  ? 14.449  -9.726  8.515   1.00 23.97 ? 31  ALA A CB  1 
ATOM   75   N N   . THR A 1 52  ? 15.678  -7.138  9.924   1.00 22.37 ? 32  THR A N   1 
ATOM   76   C CA  . THR A 1 52  ? 15.927  -6.252  11.014  1.00 22.26 ? 32  THR A CA  1 
ATOM   77   C C   . THR A 1 52  ? 15.284  -4.890  10.923  1.00 22.52 ? 32  THR A C   1 
ATOM   78   O O   . THR A 1 52  ? 14.759  -4.390  11.916  1.00 22.10 ? 32  THR A O   1 
ATOM   79   C CB  . THR A 1 52  ? 17.493  -6.102  11.149  1.00 21.76 ? 32  THR A CB  1 
ATOM   80   O OG1 . THR A 1 52  ? 17.989  -7.430  11.301  1.00 26.21 ? 32  THR A OG1 1 
ATOM   81   C CG2 . THR A 1 52  ? 17.878  -5.209  12.244  1.00 24.99 ? 32  THR A CG2 1 
ATOM   82   N N   . ALA A 1 53  ? 15.319  -4.284  9.719   1.00 18.17 ? 33  ALA A N   1 
ATOM   83   C CA  . ALA A 1 53  ? 14.760  -2.963  9.521   1.00 19.58 ? 33  ALA A CA  1 
ATOM   84   C C   . ALA A 1 53  ? 13.227  -3.059  9.769   1.00 17.59 ? 33  ALA A C   1 
ATOM   85   O O   . ALA A 1 53  ? 12.688  -2.214  10.479  1.00 20.46 ? 33  ALA A O   1 
ATOM   86   C CB  . ALA A 1 53  ? 15.041  -2.484  8.155   1.00 17.99 ? 33  ALA A CB  1 
ATOM   87   N N   . GLU A 1 54  ? 12.613  -4.107  9.279   1.00 20.21 ? 34  GLU A N   1 
ATOM   88   C CA  . GLU A 1 54  ? 11.131  -4.113  9.444   1.00 21.47 ? 34  GLU A CA  1 
ATOM   89   C C   . GLU A 1 54  ? 10.861  -4.314  10.934  1.00 23.18 ? 34  GLU A C   1 
ATOM   90   O O   . GLU A 1 54  ? 9.909   -3.783  11.491  1.00 24.85 ? 34  GLU A O   1 
ATOM   91   C CB  . GLU A 1 54  ? 10.538  -5.213  8.585   1.00 23.12 ? 34  GLU A CB  1 
ATOM   92   C CG  . GLU A 1 54  ? 9.008   -5.344  8.784   1.00 26.97 ? 34  GLU A CG  1 
ATOM   93   C CD  . GLU A 1 54  ? 8.274   -5.884  7.563   1.00 31.08 ? 34  GLU A CD  1 
ATOM   94   O OE1 . GLU A 1 54  ? 7.101   -5.478  7.363   1.00 31.69 ? 34  GLU A OE1 1 
ATOM   95   O OE2 . GLU A 1 54  ? 8.861   -6.673  6.782   1.00 33.48 ? 34  GLU A OE2 1 
ATOM   96   N N   . ASN A 1 55  ? 11.677  -5.125  11.565  1.00 23.21 ? 35  ASN A N   1 
ATOM   97   C CA  . ASN A 1 55  ? 11.480  -5.359  13.026  1.00 27.39 ? 35  ASN A CA  1 
ATOM   98   C C   . ASN A 1 55  ? 11.743  -4.090  13.801  1.00 27.20 ? 35  ASN A C   1 
ATOM   99   O O   . ASN A 1 55  ? 10.953  -3.657  14.662  1.00 28.89 ? 35  ASN A O   1 
ATOM   100  C CB  . ASN A 1 55  ? 12.321  -6.534  13.498  1.00 29.40 ? 35  ASN A CB  1 
ATOM   101  C CG  . ASN A 1 55  ? 11.783  -7.863  13.015  1.00 36.29 ? 35  ASN A CG  1 
ATOM   102  O OD1 . ASN A 1 55  ? 12.455  -8.920  13.100  1.00 43.04 ? 35  ASN A OD1 1 
ATOM   103  N ND2 . ASN A 1 55  ? 10.562  -7.829  12.481  1.00 45.18 ? 35  ASN A ND2 1 
ATOM   104  N N   . LEU A 1 56  ? 12.812  -3.357  13.506  1.00 25.49 ? 36  LEU A N   1 
ATOM   105  C CA  . LEU A 1 56  ? 13.024  -2.163  14.265  1.00 26.57 ? 36  LEU A CA  1 
ATOM   106  C C   . LEU A 1 56  ? 11.994  -1.062  13.995  1.00 26.25 ? 36  LEU A C   1 
ATOM   107  O O   . LEU A 1 56  ? 11.713  -0.238  14.849  1.00 27.95 ? 36  LEU A O   1 
ATOM   108  C CB  . LEU A 1 56  ? 14.456  -1.631  14.066  1.00 25.62 ? 36  LEU A CB  1 
ATOM   109  C CG  . LEU A 1 56  ? 15.554  -2.662  14.469  1.00 27.46 ? 36  LEU A CG  1 
ATOM   110  C CD1 . LEU A 1 56  ? 16.947  -2.070  14.165  1.00 29.41 ? 36  LEU A CD1 1 
ATOM   111  C CD2 . LEU A 1 56  ? 15.457  -3.039  15.947  1.00 25.98 ? 36  LEU A CD2 1 
ATOM   112  N N   . LEU A 1 57  ? 11.459  -1.029  12.780  1.00 25.36 ? 37  LEU A N   1 
ATOM   113  C CA  . LEU A 1 57  ? 10.534  0.045   12.475  1.00 24.91 ? 37  LEU A CA  1 
ATOM   114  C C   . LEU A 1 57  ? 9.238   -0.135  13.266  1.00 26.08 ? 37  LEU A C   1 
ATOM   115  O O   . LEU A 1 57  ? 8.511   0.846   13.393  1.00 27.15 ? 37  LEU A O   1 
ATOM   116  C CB  . LEU A 1 57  ? 10.292  0.160   10.976  1.00 24.27 ? 37  LEU A CB  1 
ATOM   117  C CG  . LEU A 1 57  ? 11.413  0.948   10.216  1.00 19.01 ? 37  LEU A CG  1 
ATOM   118  C CD1 . LEU A 1 57  ? 11.357  0.460   8.751   1.00 21.62 ? 37  LEU A CD1 1 
ATOM   119  C CD2 . LEU A 1 57  ? 11.428  2.483   10.360  1.00 23.21 ? 37  LEU A CD2 1 
ATOM   120  N N   . GLU A 1 58  ? 8.991   -1.324  13.761  1.00 28.22 ? 38  GLU A N   1 
ATOM   121  C CA  . GLU A 1 58  ? 7.815   -1.545  14.670  1.00 33.49 ? 38  GLU A CA  1 
ATOM   122  C C   . GLU A 1 58  ? 7.963   -0.635  15.873  1.00 36.81 ? 38  GLU A C   1 
ATOM   123  O O   . GLU A 1 58  ? 6.981   -0.099  16.386  1.00 38.19 ? 38  GLU A O   1 
ATOM   124  C CB  . GLU A 1 58  ? 7.708   -2.950  15.236  1.00 34.20 ? 38  GLU A CB  1 
ATOM   125  C CG  . GLU A 1 58  ? 7.723   -4.180  14.325  1.00 39.15 ? 38  GLU A CG  1 
ATOM   126  C CD  . GLU A 1 58  ? 6.874   -4.095  13.095  1.00 47.70 ? 38  GLU A CD  1 
ATOM   127  O OE1 . GLU A 1 58  ? 7.241   -4.750  12.088  1.00 47.32 ? 38  GLU A OE1 1 
ATOM   128  O OE2 . GLU A 1 58  ? 5.843   -3.382  13.115  1.00 53.01 ? 38  GLU A OE2 1 
ATOM   129  N N   . ASP A 1 59  ? 9.202   -0.437  16.333  1.00 39.05 ? 39  ASP A N   1 
ATOM   130  C CA  . ASP A 1 59  ? 9.419   0.260   17.620  1.00 40.83 ? 39  ASP A CA  1 
ATOM   131  C C   . ASP A 1 59  ? 9.765   1.723   17.556  1.00 39.85 ? 39  ASP A C   1 
ATOM   132  O O   . ASP A 1 59  ? 9.471   2.453   18.496  1.00 38.89 ? 39  ASP A O   1 
ATOM   133  C CB  . ASP A 1 59  ? 10.438  -0.483  18.450  1.00 43.07 ? 39  ASP A CB  1 
ATOM   134  C CG  . ASP A 1 59  ? 10.117  -1.948  18.543  1.00 47.47 ? 39  ASP A CG  1 
ATOM   135  O OD1 . ASP A 1 59  ? 8.917   -2.295  18.723  1.00 53.47 ? 39  ASP A OD1 1 
ATOM   136  O OD2 . ASP A 1 59  ? 11.067  -2.747  18.431  1.00 51.94 ? 39  ASP A OD2 1 
ATOM   137  N N   . ARG A 1 60  ? 10.399  2.163   16.473  1.00 37.66 ? 40  ARG A N   1 
ATOM   138  C CA  . ARG A 1 60  ? 10.721  3.566   16.338  1.00 37.19 ? 40  ARG A CA  1 
ATOM   139  C C   . ARG A 1 60  ? 10.716  3.922   14.881  1.00 36.51 ? 40  ARG A C   1 
ATOM   140  O O   . ARG A 1 60  ? 10.677  3.041   14.019  1.00 35.32 ? 40  ARG A O   1 
ATOM   141  C CB  . ARG A 1 60  ? 12.120  3.833   16.896  1.00 38.23 ? 40  ARG A CB  1 
ATOM   142  C CG  . ARG A 1 60  ? 13.086  2.660   16.720  1.00 40.44 ? 40  ARG A CG  1 
ATOM   143  C CD  . ARG A 1 60  ? 13.040  1.732   17.946  1.00 47.30 ? 40  ARG A CD  1 
ATOM   144  N NE  . ARG A 1 60  ? 14.139  0.780   17.888  1.00 50.28 ? 40  ARG A NE  1 
ATOM   145  C CZ  . ARG A 1 60  ? 15.394  1.145   17.685  1.00 49.35 ? 40  ARG A CZ  1 
ATOM   146  N NH1 . ARG A 1 60  ? 15.664  2.423   17.491  1.00 48.35 ? 40  ARG A NH1 1 
ATOM   147  N NH2 . ARG A 1 60  ? 16.353  0.238   17.605  1.00 49.96 ? 40  ARG A NH2 1 
ATOM   148  N N   . PRO A 1 61  ? 10.734  5.214   14.604  1.00 35.93 ? 41  PRO A N   1 
ATOM   149  C CA  . PRO A 1 61  ? 10.859  5.756   13.273  1.00 36.00 ? 41  PRO A CA  1 
ATOM   150  C C   . PRO A 1 61  ? 12.280  5.568   12.732  1.00 35.05 ? 41  PRO A C   1 
ATOM   151  O O   . PRO A 1 61  ? 13.224  5.236   13.489  1.00 35.53 ? 41  PRO A O   1 
ATOM   152  C CB  . PRO A 1 61  ? 10.539  7.254   13.447  1.00 36.32 ? 41  PRO A CB  1 
ATOM   153  C CG  . PRO A 1 61  ? 10.826  7.535   14.895  1.00 37.24 ? 41  PRO A CG  1 
ATOM   154  C CD  . PRO A 1 61  ? 10.474  6.246   15.626  1.00 36.76 ? 41  PRO A CD  1 
ATOM   155  N N   . LEU A 1 62  ? 12.407  5.795   11.435  1.00 34.67 ? 42  LEU A N   1 
ATOM   156  C CA  . LEU A 1 62  ? 13.649  5.544   10.742  1.00 35.67 ? 42  LEU A CA  1 
ATOM   157  C C   . LEU A 1 62  ? 14.737  6.506   11.288  1.00 36.41 ? 42  LEU A C   1 
ATOM   158  O O   . LEU A 1 62  ? 15.914  6.171   11.376  1.00 36.79 ? 42  LEU A O   1 
ATOM   159  C CB  . LEU A 1 62  ? 13.444  5.742   9.245   1.00 32.61 ? 42  LEU A CB  1 
ATOM   160  C CG  . LEU A 1 62  ? 14.663  5.243   8.492   1.00 34.67 ? 42  LEU A CG  1 
ATOM   161  C CD1 . LEU A 1 62  ? 14.747  3.723   8.622   1.00 30.54 ? 42  LEU A CD1 1 
ATOM   162  C CD2 . LEU A 1 62  ? 14.666  5.744   7.020   1.00 32.54 ? 42  LEU A CD2 1 
ATOM   163  N N   . ALA A 1 63  ? 14.317  7.704   11.672  1.00 37.67 ? 43  ALA A N   1 
ATOM   164  C CA  . ALA A 1 63  ? 15.235  8.715   12.171  1.00 39.18 ? 43  ALA A CA  1 
ATOM   165  C C   . ALA A 1 63  ? 15.982  8.227   13.421  1.00 39.82 ? 43  ALA A C   1 
ATOM   166  O O   . ALA A 1 63  ? 17.151  8.638   13.666  1.00 42.17 ? 43  ALA A O   1 
ATOM   167  C CB  . ALA A 1 63  ? 14.485  10.038  12.428  1.00 38.87 ? 43  ALA A CB  1 
ATOM   168  N N   . ASP A 1 64  ? 15.378  7.302   14.166  1.00 40.25 ? 44  ASP A N   1 
ATOM   169  C CA  . ASP A 1 64  ? 15.917  6.776   15.435  1.00 39.64 ? 44  ASP A CA  1 
ATOM   170  C C   . ASP A 1 64  ? 16.547  5.382   15.306  1.00 38.79 ? 44  ASP A C   1 
ATOM   171  O O   . ASP A 1 64  ? 16.818  4.742   16.312  1.00 37.85 ? 44  ASP A O   1 
ATOM   172  C CB  . ASP A 1 64  ? 14.796  6.616   16.484  1.00 41.25 ? 44  ASP A CB  1 
ATOM   173  C CG  . ASP A 1 64  ? 14.258  7.947   17.024  1.00 44.79 ? 44  ASP A CG  1 
ATOM   174  O OD1 . ASP A 1 64  ? 13.248  7.909   17.776  1.00 49.02 ? 44  ASP A OD1 1 
ATOM   175  O OD2 . ASP A 1 64  ? 14.818  9.028   16.726  1.00 45.94 ? 44  ASP A OD2 1 
ATOM   176  N N   . ILE A 1 65  ? 16.674  4.882   14.077  1.00 37.04 ? 45  ILE A N   1 
ATOM   177  C CA  . ILE A 1 65  ? 17.347  3.625   13.804  1.00 35.38 ? 45  ILE A CA  1 
ATOM   178  C C   . ILE A 1 65  ? 18.642  4.071   13.122  1.00 34.10 ? 45  ILE A C   1 
ATOM   179  O O   . ILE A 1 65  ? 18.627  4.872   12.205  1.00 33.38 ? 45  ILE A O   1 
ATOM   180  C CB  . ILE A 1 65  ? 16.501  2.680   12.881  1.00 35.31 ? 45  ILE A CB  1 
ATOM   181  C CG1 . ILE A 1 65  ? 15.122  2.460   13.519  1.00 32.98 ? 45  ILE A CG1 1 
ATOM   182  C CG2 . ILE A 1 65  ? 17.200  1.289   12.603  1.00 34.08 ? 45  ILE A CG2 1 
ATOM   183  C CD1 . ILE A 1 65  ? 14.248  1.377   12.876  1.00 28.95 ? 45  ILE A CD1 1 
ATOM   184  N N   . SER A 1 66  ? 19.778  3.597   13.612  1.00 32.52 ? 46  SER A N   1 
ATOM   185  C CA  . SER A 1 66  ? 21.021  3.990   12.952  1.00 32.10 ? 46  SER A CA  1 
ATOM   186  C C   . SER A 1 66  ? 21.502  2.837   12.043  1.00 31.16 ? 46  SER A C   1 
ATOM   187  O O   . SER A 1 66  ? 21.129  1.683   12.248  1.00 28.98 ? 46  SER A O   1 
ATOM   188  C CB  . SER A 1 66  ? 22.080  4.266   14.015  1.00 32.24 ? 46  SER A CB  1 
ATOM   189  O OG  . SER A 1 66  ? 22.363  3.021   14.665  1.00 30.96 ? 46  SER A OG  1 
ATOM   190  N N   . VAL A 1 67  ? 22.371  3.158   11.073  1.00 30.20 ? 47  VAL A N   1 
ATOM   191  C CA  . VAL A 1 67  ? 23.009  2.085   10.312  1.00 31.69 ? 47  VAL A CA  1 
ATOM   192  C C   . VAL A 1 67  ? 23.642  1.074   11.262  1.00 29.73 ? 47  VAL A C   1 
ATOM   193  O O   . VAL A 1 67  ? 23.583  -0.126  11.032  1.00 29.35 ? 47  VAL A O   1 
ATOM   194  C CB  . VAL A 1 67  ? 24.014  2.659   9.312   1.00 30.71 ? 47  VAL A CB  1 
ATOM   195  C CG1 . VAL A 1 67  ? 24.918  1.538   8.724   1.00 33.14 ? 47  VAL A CG1 1 
ATOM   196  C CG2 . VAL A 1 67  ? 23.247  3.338   8.218   1.00 30.72 ? 47  VAL A CG2 1 
ATOM   197  N N   . ASP A 1 68  ? 24.245  1.528   12.359  1.00 31.95 ? 48  ASP A N   1 
ATOM   198  C CA  . ASP A 1 68  ? 24.859  0.527   13.266  1.00 32.26 ? 48  ASP A CA  1 
ATOM   199  C C   . ASP A 1 68  ? 23.830  -0.467  13.861  1.00 31.70 ? 48  ASP A C   1 
ATOM   200  O O   . ASP A 1 68  ? 24.074  -1.635  14.023  1.00 31.04 ? 48  ASP A O   1 
ATOM   201  C CB  . ASP A 1 68  ? 25.705  1.232   14.342  1.00 34.09 ? 48  ASP A CB  1 
ATOM   202  C CG  . ASP A 1 68  ? 27.081  1.682   13.796  1.00 37.50 ? 48  ASP A CG  1 
ATOM   203  O OD1 . ASP A 1 68  ? 27.359  1.582   12.560  1.00 44.36 ? 48  ASP A OD1 1 
ATOM   204  O OD2 . ASP A 1 68  ? 27.920  2.122   14.604  1.00 44.54 ? 48  ASP A OD2 1 
ATOM   205  N N   . ASP A 1 69  ? 22.610  0.027   14.096  1.00 30.88 ? 49  ASP A N   1 
ATOM   206  C CA  . ASP A 1 69  ? 21.534  -0.771  14.585  1.00 29.85 ? 49  ASP A CA  1 
ATOM   207  C C   . ASP A 1 69  ? 21.139  -1.894  13.565  1.00 25.79 ? 49  ASP A C   1 
ATOM   208  O O   . ASP A 1 69  ? 20.933  -3.073  13.905  1.00 25.96 ? 49  ASP A O   1 
ATOM   209  C CB  . ASP A 1 69  ? 20.295  0.172   14.747  1.00 28.78 ? 49  ASP A CB  1 
ATOM   210  C CG  . ASP A 1 69  ? 20.390  1.186   15.926  1.00 36.35 ? 49  ASP A CG  1 
ATOM   211  O OD1 . ASP A 1 69  ? 19.658  2.223   15.832  1.00 39.01 ? 49  ASP A OD1 1 
ATOM   212  O OD2 . ASP A 1 69  ? 21.110  0.945   16.947  1.00 37.38 ? 49  ASP A OD2 1 
ATOM   213  N N   . LEU A 1 70  ? 21.075  -1.525  12.279  1.00 25.53 ? 50  LEU A N   1 
ATOM   214  C CA  . LEU A 1 70  ? 20.680  -2.506  11.251  1.00 23.98 ? 50  LEU A CA  1 
ATOM   215  C C   . LEU A 1 70  ? 21.763  -3.564  11.105  1.00 24.39 ? 50  LEU A C   1 
ATOM   216  O O   . LEU A 1 70  ? 21.530  -4.758  10.940  1.00 23.33 ? 50  LEU A O   1 
ATOM   217  C CB  . LEU A 1 70  ? 20.433  -1.824  9.899   1.00 24.40 ? 50  LEU A CB  1 
ATOM   218  C CG  . LEU A 1 70  ? 19.285  -0.773  9.946   1.00 23.82 ? 50  LEU A CG  1 
ATOM   219  C CD1 . LEU A 1 70  ? 19.264  0.027   8.646   1.00 28.26 ? 50  LEU A CD1 1 
ATOM   220  C CD2 . LEU A 1 70  ? 17.896  -1.454  10.159  1.00 23.41 ? 50  LEU A CD2 1 
ATOM   221  N N   . ALA A 1 71  ? 22.997  -3.082  11.111  1.00 24.70 ? 51  ALA A N   1 
ATOM   222  C CA  . ALA A 1 71  ? 24.093  -4.000  11.014  1.00 25.56 ? 51  ALA A CA  1 
ATOM   223  C C   . ALA A 1 71  ? 24.149  -5.009  12.193  1.00 24.70 ? 51  ALA A C   1 
ATOM   224  O O   . ALA A 1 71  ? 24.230  -6.176  11.928  1.00 24.69 ? 51  ALA A O   1 
ATOM   225  C CB  . ALA A 1 71  ? 25.384  -3.245  10.862  1.00 23.45 ? 51  ALA A CB  1 
ATOM   226  N N   . LYS A 1 72  ? 24.150  -4.494  13.448  1.00 29.80 ? 52  LYS A N   1 
ATOM   227  C CA  . LYS A 1 72  ? 24.037  -5.334  14.673  1.00 32.10 ? 52  LYS A CA  1 
ATOM   228  C C   . LYS A 1 72  ? 22.905  -6.334  14.545  1.00 31.59 ? 52  LYS A C   1 
ATOM   229  O O   . LYS A 1 72  ? 23.083  -7.549  14.668  1.00 30.44 ? 52  LYS A O   1 
ATOM   230  C CB  . LYS A 1 72  ? 23.724  -4.500  15.921  1.00 35.06 ? 52  LYS A CB  1 
ATOM   231  C CG  . LYS A 1 72  ? 24.817  -3.602  16.500  1.00 38.58 ? 52  LYS A CG  1 
ATOM   232  C CD  . LYS A 1 72  ? 25.318  -4.158  17.864  1.00 45.08 ? 52  LYS A CD  1 
ATOM   233  C CE  . LYS A 1 72  ? 26.569  -3.405  18.384  1.00 48.53 ? 52  LYS A CE  1 
ATOM   234  N NZ  . LYS A 1 72  ? 27.382  -4.072  19.494  1.00 46.72 ? 52  LYS A NZ  1 
ATOM   235  N N   . GLY A 1 73  ? 21.695  -5.834  14.241  1.00 31.56 ? 53  GLY A N   1 
ATOM   236  C CA  . GLY A 1 73  ? 20.648  -6.844  14.087  1.00 26.74 ? 53  GLY A CA  1 
ATOM   237  C C   . GLY A 1 73  ? 20.869  -7.851  13.017  1.00 27.70 ? 53  GLY A C   1 
ATOM   238  O O   . GLY A 1 73  ? 20.460  -9.002  13.151  1.00 28.05 ? 53  GLY A O   1 
ATOM   239  N N   . ALA A 1 74  ? 21.507  -7.503  11.896  1.00 25.57 ? 54  ALA A N   1 
ATOM   240  C CA  . ALA A 1 74  ? 21.728  -8.557  10.897  1.00 26.02 ? 54  ALA A CA  1 
ATOM   241  C C   . ALA A 1 74  ? 22.982  -9.416  11.096  1.00 27.61 ? 54  ALA A C   1 
ATOM   242  O O   . ALA A 1 74  ? 23.267  -10.273 10.256  1.00 29.17 ? 54  ALA A O   1 
ATOM   243  C CB  . ALA A 1 74  ? 21.781  -7.929  9.416   1.00 23.86 ? 54  ALA A CB  1 
ATOM   244  N N   . GLY A 1 75  ? 23.742  -9.143  12.147  1.00 28.03 ? 55  GLY A N   1 
ATOM   245  C CA  . GLY A 1 75  ? 24.972  -9.972  12.388  1.00 28.31 ? 55  GLY A CA  1 
ATOM   246  C C   . GLY A 1 75  ? 26.137  -9.599  11.445  1.00 24.12 ? 55  GLY A C   1 
ATOM   247  O O   . GLY A 1 75  ? 26.894  -10.497 11.056  1.00 26.87 ? 55  GLY A O   1 
ATOM   248  N N   . ILE A 1 76  ? 26.258  -8.321  11.121  1.00 24.38 ? 56  ILE A N   1 
ATOM   249  C CA  . ILE A 1 76  ? 27.249  -7.899  10.116  1.00 22.76 ? 56  ILE A CA  1 
ATOM   250  C C   . ILE A 1 76  ? 27.872  -6.649  10.587  1.00 22.25 ? 56  ILE A C   1 
ATOM   251  O O   . ILE A 1 76  ? 27.398  -5.958  11.485  1.00 21.29 ? 56  ILE A O   1 
ATOM   252  C CB  . ILE A 1 76  ? 26.623  -7.674  8.656   1.00 23.87 ? 56  ILE A CB  1 
ATOM   253  C CG1 . ILE A 1 76  ? 25.662  -6.498  8.724   1.00 20.24 ? 56  ILE A CG1 1 
ATOM   254  C CG2 . ILE A 1 76  ? 26.003  -8.943  8.154   1.00 23.58 ? 56  ILE A CG2 1 
ATOM   255  C CD1 . ILE A 1 76  ? 25.016  -6.195  7.435   1.00 21.15 ? 56  ILE A CD1 1 
ATOM   256  N N   . SER A 1 77  ? 29.012  -6.277  9.979   1.00 20.21 ? 57  SER A N   1 
ATOM   257  C CA  . SER A 1 77  ? 29.632  -5.040  10.333  1.00 18.53 ? 57  SER A CA  1 
ATOM   258  C C   . SER A 1 77  ? 29.043  -3.856  9.580   1.00 17.15 ? 57  SER A C   1 
ATOM   259  O O   . SER A 1 77  ? 28.328  -4.099  8.562   1.00 17.69 ? 57  SER A O   1 
ATOM   260  C CB  . SER A 1 77  ? 31.134  -5.223  9.912   1.00 17.21 ? 57  SER A CB  1 
ATOM   261  O OG  . SER A 1 77  ? 31.274  -5.175  8.508   1.00 16.78 ? 57  SER A OG  1 
ATOM   262  N N   . ARG A 1 78  ? 29.304  -2.632  10.009  1.00 17.90 ? 58  ARG A N   1 
ATOM   263  C CA  . ARG A 1 78  ? 28.829  -1.475  9.324   1.00 18.76 ? 58  ARG A CA  1 
ATOM   264  C C   . ARG A 1 78  ? 29.319  -1.435  7.878   1.00 19.46 ? 58  ARG A C   1 
ATOM   265  O O   . ARG A 1 78  ? 28.599  -1.215  6.957   1.00 15.73 ? 58  ARG A O   1 
ATOM   266  C CB  . ARG A 1 78  ? 29.070  -0.154  10.088  1.00 22.58 ? 58  ARG A CB  1 
ATOM   267  C CG  . ARG A 1 78  ? 28.835  1.032   9.266   1.00 27.79 ? 58  ARG A CG  1 
ATOM   268  C CD  . ARG A 1 78  ? 29.718  2.277   9.645   1.00 31.32 ? 58  ARG A CD  1 
ATOM   269  N NE  . ARG A 1 78  ? 29.358  2.662   10.973  1.00 36.30 ? 58  ARG A NE  1 
ATOM   270  C CZ  . ARG A 1 78  ? 30.008  3.579   11.670  1.00 41.56 ? 58  ARG A CZ  1 
ATOM   271  N NH1 . ARG A 1 78  ? 29.599  3.855   12.907  1.00 43.22 ? 58  ARG A NH1 1 
ATOM   272  N NH2 . ARG A 1 78  ? 31.056  4.208   11.117  1.00 40.27 ? 58  ARG A NH2 1 
ATOM   273  N N   . PRO A 1 79  ? 30.636  -1.646  7.610   1.00 18.15 ? 59  PRO A N   1 
ATOM   274  C CA  . PRO A 1 79  ? 30.939  -1.503  6.208   1.00 16.08 ? 59  PRO A CA  1 
ATOM   275  C C   . PRO A 1 79  ? 30.323  -2.671  5.334   1.00 13.83 ? 59  PRO A C   1 
ATOM   276  O O   . PRO A 1 79  ? 30.144  -2.521  4.117   1.00 15.48 ? 59  PRO A O   1 
ATOM   277  C CB  . PRO A 1 79  ? 32.531  -1.523  6.173   1.00 18.63 ? 59  PRO A CB  1 
ATOM   278  C CG  . PRO A 1 79  ? 32.793  -2.305  7.294   1.00 17.19 ? 59  PRO A CG  1 
ATOM   279  C CD  . PRO A 1 79  ? 31.833  -1.926  8.457   1.00 18.60 ? 59  PRO A CD  1 
ATOM   280  N N   . THR A 1 80  ? 30.128  -3.823  5.938   1.00 14.78 ? 60  THR A N   1 
ATOM   281  C CA  . THR A 1 80  ? 29.416  -4.847  5.175   1.00 14.01 ? 60  THR A CA  1 
ATOM   282  C C   . THR A 1 80  ? 27.983  -4.388  4.829   1.00 17.20 ? 60  THR A C   1 
ATOM   283  O O   . THR A 1 80  ? 27.520  -4.699  3.722   1.00 17.38 ? 60  THR A O   1 
ATOM   284  C CB  . THR A 1 80  ? 29.468  -6.185  5.873   1.00 16.51 ? 60  THR A CB  1 
ATOM   285  O OG1 . THR A 1 80  ? 30.824  -6.703  5.846   1.00 15.08 ? 60  THR A OG1 1 
ATOM   286  C CG2 . THR A 1 80  ? 28.575  -7.220  5.134   1.00 15.30 ? 60  THR A CG2 1 
ATOM   287  N N   . PHE A 1 81  ? 27.348  -3.784  5.784   1.00 16.30 ? 61  PHE A N   1 
ATOM   288  C CA  . PHE A 1 81  ? 25.999  -3.151  5.527   1.00 15.69 ? 61  PHE A CA  1 
ATOM   289  C C   . PHE A 1 81  ? 26.011  -2.287  4.312   1.00 17.03 ? 61  PHE A C   1 
ATOM   290  O O   . PHE A 1 81  ? 25.154  -2.395  3.406   1.00 17.30 ? 61  PHE A O   1 
ATOM   291  C CB  . PHE A 1 81  ? 25.502  -2.381  6.733   1.00 17.81 ? 61  PHE A CB  1 
ATOM   292  C CG  . PHE A 1 81  ? 24.286  -1.520  6.402   1.00 17.37 ? 61  PHE A CG  1 
ATOM   293  C CD1 . PHE A 1 81  ? 24.413  -0.270  5.911   1.00 18.72 ? 61  PHE A CD1 1 
ATOM   294  C CD2 . PHE A 1 81  ? 23.023  -2.087  6.578   1.00 24.15 ? 61  PHE A CD2 1 
ATOM   295  C CE1 . PHE A 1 81  ? 23.258  0.563   5.584   1.00 23.71 ? 61  PHE A CE1 1 
ATOM   296  C CE2 . PHE A 1 81  ? 21.897  -1.340  6.237   1.00 23.45 ? 61  PHE A CE2 1 
ATOM   297  C CZ  . PHE A 1 81  ? 22.010  -0.047  5.763   1.00 20.46 ? 61  PHE A CZ  1 
ATOM   298  N N   . TYR A 1 82  ? 27.019  -1.422  4.226   1.00 17.51 ? 62  TYR A N   1 
ATOM   299  C CA  . TYR A 1 82  ? 27.134  -0.487  3.113   1.00 20.08 ? 62  TYR A CA  1 
ATOM   300  C C   . TYR A 1 82  ? 27.487  -1.126  1.778   1.00 19.14 ? 62  TYR A C   1 
ATOM   301  O O   . TYR A 1 82  ? 27.304  -0.487  0.751   1.00 21.53 ? 62  TYR A O   1 
ATOM   302  C CB  . TYR A 1 82  ? 28.196  0.493   3.505   1.00 19.19 ? 62  TYR A CB  1 
ATOM   303  C CG  . TYR A 1 82  ? 27.688  1.578   4.403   1.00 22.84 ? 62  TYR A CG  1 
ATOM   304  C CD1 . TYR A 1 82  ? 26.595  2.366   4.017   1.00 22.96 ? 62  TYR A CD1 1 
ATOM   305  C CD2 . TYR A 1 82  ? 28.303  1.858   5.611   1.00 24.70 ? 62  TYR A CD2 1 
ATOM   306  C CE1 . TYR A 1 82  ? 26.165  3.390   4.832   1.00 21.86 ? 62  TYR A CE1 1 
ATOM   307  C CE2 . TYR A 1 82  ? 27.901  2.896   6.389   1.00 30.75 ? 62  TYR A CE2 1 
ATOM   308  C CZ  . TYR A 1 82  ? 26.772  3.653   5.979   1.00 25.37 ? 62  TYR A CZ  1 
ATOM   309  O OH  . TYR A 1 82  ? 26.399  4.671   6.792   1.00 31.33 ? 62  TYR A OH  1 
ATOM   310  N N   . PHE A 1 83  ? 27.968  -2.375  1.762   1.00 17.11 ? 63  PHE A N   1 
ATOM   311  C CA  . PHE A 1 83  ? 28.053  -3.078  0.532   1.00 16.72 ? 63  PHE A CA  1 
ATOM   312  C C   . PHE A 1 83  ? 26.690  -3.445  -0.032  1.00 18.81 ? 63  PHE A C   1 
ATOM   313  O O   . PHE A 1 83  ? 26.467  -3.385  -1.220  1.00 20.53 ? 63  PHE A O   1 
ATOM   314  C CB  . PHE A 1 83  ? 28.777  -4.405  0.728   1.00 16.97 ? 63  PHE A CB  1 
ATOM   315  C CG  . PHE A 1 83  ? 28.919  -5.193  -0.531  1.00 17.61 ? 63  PHE A CG  1 
ATOM   316  C CD1 . PHE A 1 83  ? 29.911  -4.846  -1.498  1.00 19.64 ? 63  PHE A CD1 1 
ATOM   317  C CD2 . PHE A 1 83  ? 28.184  -6.371  -0.744  1.00 21.88 ? 63  PHE A CD2 1 
ATOM   318  C CE1 . PHE A 1 83  ? 30.019  -5.594  -2.677  1.00 22.89 ? 63  PHE A CE1 1 
ATOM   319  C CE2 . PHE A 1 83  ? 28.336  -7.122  -1.910  1.00 24.27 ? 63  PHE A CE2 1 
ATOM   320  C CZ  . PHE A 1 83  ? 29.273  -6.740  -2.871  1.00 22.70 ? 63  PHE A CZ  1 
ATOM   321  N N   . TYR A 1 84  ? 25.775  -3.721  0.873   1.00 18.52 ? 64  TYR A N   1 
ATOM   322  C CA  . TYR A 1 84  ? 24.391  -4.080  0.414   1.00 19.79 ? 64  TYR A CA  1 
ATOM   323  C C   . TYR A 1 84  ? 23.409  -2.927  0.165   1.00 21.18 ? 64  TYR A C   1 
ATOM   324  O O   . TYR A 1 84  ? 22.511  -3.137  -0.696  1.00 22.82 ? 64  TYR A O   1 
ATOM   325  C CB  . TYR A 1 84  ? 23.776  -5.078  1.422   1.00 18.64 ? 64  TYR A CB  1 
ATOM   326  C CG  . TYR A 1 84  ? 24.458  -6.386  1.373   1.00 18.73 ? 64  TYR A CG  1 
ATOM   327  C CD1 . TYR A 1 84  ? 25.384  -6.775  2.331   1.00 19.37 ? 64  TYR A CD1 1 
ATOM   328  C CD2 . TYR A 1 84  ? 24.214  -7.263  0.272   1.00 23.69 ? 64  TYR A CD2 1 
ATOM   329  C CE1 . TYR A 1 84  ? 26.027  -7.938  2.234   1.00 21.95 ? 64  TYR A CE1 1 
ATOM   330  C CE2 . TYR A 1 84  ? 24.893  -8.438  0.160   1.00 27.86 ? 64  TYR A CE2 1 
ATOM   331  C CZ  . TYR A 1 84  ? 25.793  -8.784  1.159   1.00 29.49 ? 64  TYR A CZ  1 
ATOM   332  O OH  . TYR A 1 84  ? 26.474  -9.991  1.078   1.00 33.95 ? 64  TYR A OH  1 
ATOM   333  N N   . PHE A 1 85  ? 23.493  -1.819  0.927   1.00 18.57 ? 65  PHE A N   1 
ATOM   334  C CA  . PHE A 1 85  ? 22.628  -0.623  0.804   1.00 20.98 ? 65  PHE A CA  1 
ATOM   335  C C   . PHE A 1 85  ? 23.437  0.578   1.071   1.00 22.97 ? 65  PHE A C   1 
ATOM   336  O O   . PHE A 1 85  ? 24.283  0.559   2.038   1.00 21.11 ? 65  PHE A O   1 
ATOM   337  C CB  . PHE A 1 85  ? 21.487  -0.695  1.862   1.00 19.31 ? 65  PHE A CB  1 
ATOM   338  C CG  . PHE A 1 85  ? 20.573  -1.846  1.668   1.00 20.60 ? 65  PHE A CG  1 
ATOM   339  C CD1 . PHE A 1 85  ? 20.803  -3.059  2.327   1.00 21.17 ? 65  PHE A CD1 1 
ATOM   340  C CD2 . PHE A 1 85  ? 19.451  -1.747  0.792   1.00 20.21 ? 65  PHE A CD2 1 
ATOM   341  C CE1 . PHE A 1 85  ? 19.986  -4.182  2.181   1.00 19.72 ? 65  PHE A CE1 1 
ATOM   342  C CE2 . PHE A 1 85  ? 18.599  -2.834  0.619   1.00 20.31 ? 65  PHE A CE2 1 
ATOM   343  C CZ  . PHE A 1 85  ? 18.819  -4.087  1.341   1.00 21.49 ? 65  PHE A CZ  1 
ATOM   344  N N   . PRO A 1 86  ? 23.249  1.654   0.291   1.00 23.84 ? 66  PRO A N   1 
ATOM   345  C CA  . PRO A 1 86  ? 24.008  2.892   0.558   1.00 26.38 ? 66  PRO A CA  1 
ATOM   346  C C   . PRO A 1 86  ? 23.555  3.662   1.754   1.00 26.41 ? 66  PRO A C   1 
ATOM   347  O O   . PRO A 1 86  ? 24.263  4.545   2.185   1.00 29.35 ? 66  PRO A O   1 
ATOM   348  C CB  . PRO A 1 86  ? 23.777  3.754   -0.711  1.00 25.59 ? 66  PRO A CB  1 
ATOM   349  C CG  . PRO A 1 86  ? 22.681  3.127   -1.442  1.00 28.18 ? 66  PRO A CG  1 
ATOM   350  C CD  . PRO A 1 86  ? 22.392  1.746   -0.911  1.00 25.05 ? 66  PRO A CD  1 
ATOM   351  N N   . SER A 1 87  ? 22.372  3.367   2.351   1.00 24.35 ? 67  SER A N   1 
ATOM   352  C CA  . SER A 1 87  ? 21.894  4.194   3.422   1.00 24.65 ? 67  SER A CA  1 
ATOM   353  C C   . SER A 1 87  ? 20.696  3.465   4.029   1.00 23.41 ? 67  SER A C   1 
ATOM   354  O O   . SER A 1 87  ? 20.151  2.542   3.388   1.00 21.75 ? 67  SER A O   1 
ATOM   355  C CB  . SER A 1 87  ? 21.383  5.550   2.892   1.00 26.70 ? 67  SER A CB  1 
ATOM   356  O OG  . SER A 1 87  ? 20.293  5.304   1.977   1.00 25.63 ? 67  SER A OG  1 
ATOM   357  N N   . LYS A 1 88  ? 20.274  3.903   5.199   1.00 26.55 ? 68  LYS A N   1 
ATOM   358  C CA  . LYS A 1 88  ? 19.140  3.224   5.822   1.00 27.42 ? 68  LYS A CA  1 
ATOM   359  C C   . LYS A 1 88  ? 17.892  3.618   5.014   1.00 26.80 ? 68  LYS A C   1 
ATOM   360  O O   . LYS A 1 88  ? 16.935  2.828   4.910   1.00 26.13 ? 68  LYS A O   1 
ATOM   361  C CB  . LYS A 1 88  ? 18.993  3.561   7.305   1.00 28.21 ? 68  LYS A CB  1 
ATOM   362  C CG  . LYS A 1 88  ? 18.682  4.988   7.535   1.00 27.95 ? 68  LYS A CG  1 
ATOM   363  C CD  . LYS A 1 88  ? 18.925  5.386   9.043   1.00 31.02 ? 68  LYS A CD  1 
ATOM   364  C CE  . LYS A 1 88  ? 18.666  6.880   9.160   1.00 30.79 ? 68  LYS A CE  1 
ATOM   365  N NZ  . LYS A 1 88  ? 18.624  7.388   10.556  1.00 35.34 ? 68  LYS A NZ  1 
ATOM   366  N N   . GLU A 1 89  ? 17.905  4.779   4.360   1.00 28.33 ? 69  GLU A N   1 
ATOM   367  C CA  . GLU A 1 89  ? 16.825  5.124   3.447   1.00 27.98 ? 69  GLU A CA  1 
ATOM   368  C C   . GLU A 1 89  ? 16.637  4.146   2.257   1.00 28.13 ? 69  GLU A C   1 
ATOM   369  O O   . GLU A 1 89  ? 15.510  3.903   1.816   1.00 25.68 ? 69  GLU A O   1 
ATOM   370  C CB  . GLU A 1 89  ? 16.970  6.574   2.965   1.00 28.85 ? 69  GLU A CB  1 
ATOM   371  C CG  . GLU A 1 89  ? 16.923  7.565   4.128   1.00 34.88 ? 69  GLU A CG  1 
ATOM   372  C CD  . GLU A 1 89  ? 18.261  7.831   4.852   1.00 41.07 ? 69  GLU A CD  1 
ATOM   373  O OE1 . GLU A 1 89  ? 19.370  7.321   4.508   1.00 38.13 ? 69  GLU A OE1 1 
ATOM   374  O OE2 . GLU A 1 89  ? 18.164  8.566   5.840   1.00 46.30 ? 69  GLU A OE2 1 
ATOM   375  N N   . ALA A 1 90  ? 17.706  3.580   1.700   1.00 23.59 ? 70  ALA A N   1 
ATOM   376  C CA  . ALA A 1 90  ? 17.585  2.661   0.633   1.00 22.63 ? 70  ALA A CA  1 
ATOM   377  C C   . ALA A 1 90  ? 16.957  1.370   1.153   1.00 19.05 ? 70  ALA A C   1 
ATOM   378  O O   . ALA A 1 90  ? 16.380  0.593   0.362   1.00 20.72 ? 70  ALA A O   1 
ATOM   379  C CB  . ALA A 1 90  ? 18.996  2.333   -0.027  1.00 23.81 ? 70  ALA A CB  1 
ATOM   380  N N   . VAL A 1 91  ? 17.206  1.071   2.443   1.00 18.62 ? 71  VAL A N   1 
ATOM   381  C CA  . VAL A 1 91  ? 16.629  -0.135  3.049   1.00 17.48 ? 71  VAL A CA  1 
ATOM   382  C C   . VAL A 1 91  ? 15.116  0.058   3.067   1.00 16.97 ? 71  VAL A C   1 
ATOM   383  O O   . VAL A 1 91  ? 14.423  -0.885  2.692   1.00 17.92 ? 71  VAL A O   1 
ATOM   384  C CB  . VAL A 1 91  ? 17.111  -0.287  4.456   1.00 17.23 ? 71  VAL A CB  1 
ATOM   385  C CG1 . VAL A 1 91  ? 16.515  -1.500  5.153   1.00 16.77 ? 71  VAL A CG1 1 
ATOM   386  C CG2 . VAL A 1 91  ? 18.670  -0.550  4.360   1.00 16.73 ? 71  VAL A CG2 1 
ATOM   387  N N   . LEU A 1 92  ? 14.725  1.245   3.455   1.00 18.17 ? 72  LEU A N   1 
ATOM   388  C CA  . LEU A 1 92  ? 13.210  1.502   3.537   1.00 20.48 ? 72  LEU A CA  1 
ATOM   389  C C   . LEU A 1 92  ? 12.623  1.449   2.146   1.00 20.54 ? 72  LEU A C   1 
ATOM   390  O O   . LEU A 1 92  ? 11.553  0.774   1.899   1.00 21.98 ? 72  LEU A O   1 
ATOM   391  C CB  . LEU A 1 92  ? 12.910  2.796   4.269   1.00 20.95 ? 72  LEU A CB  1 
ATOM   392  C CG  . LEU A 1 92  ? 11.409  3.177   4.189   1.00 21.58 ? 72  LEU A CG  1 
ATOM   393  C CD1 . LEU A 1 92  ? 10.623  2.182   4.943   1.00 24.50 ? 72  LEU A CD1 1 
ATOM   394  C CD2 . LEU A 1 92  ? 11.196  4.639   4.700   1.00 24.57 ? 72  LEU A CD2 1 
ATOM   395  N N   . LEU A 1 93  ? 13.305  2.070   1.193   1.00 20.27 ? 73  LEU A N   1 
ATOM   396  C CA  . LEU A 1 93  ? 12.832  1.986   -0.154  1.00 21.03 ? 73  LEU A CA  1 
ATOM   397  C C   . LEU A 1 93  ? 12.679  0.558   -0.659  1.00 19.91 ? 73  LEU A C   1 
ATOM   398  O O   . LEU A 1 93  ? 11.664  0.206   -1.346  1.00 20.10 ? 73  LEU A O   1 
ATOM   399  C CB  . LEU A 1 93  ? 13.775  2.760   -1.093  1.00 23.76 ? 73  LEU A CB  1 
ATOM   400  C CG  . LEU A 1 93  ? 13.404  2.781   -2.551  1.00 23.82 ? 73  LEU A CG  1 
ATOM   401  C CD1 . LEU A 1 93  ? 12.069  3.566   -2.800  1.00 22.45 ? 73  LEU A CD1 1 
ATOM   402  C CD2 . LEU A 1 93  ? 14.518  3.558   -3.272  1.00 26.52 ? 73  LEU A CD2 1 
ATOM   403  N N   . THR A 1 94  ? 13.680  -0.329  -0.419  1.00 17.27 ? 74  THR A N   1 
ATOM   404  C CA  . THR A 1 94  ? 13.493  -1.693  -0.779  1.00 17.45 ? 74  THR A CA  1 
ATOM   405  C C   . THR A 1 94  ? 12.332  -2.380  -0.044  1.00 16.80 ? 74  THR A C   1 
ATOM   406  O O   . THR A 1 94  ? 11.638  -3.250  -0.674  1.00 19.59 ? 74  THR A O   1 
ATOM   407  C CB  . THR A 1 94  ? 14.835  -2.459  -0.446  1.00 18.94 ? 74  THR A CB  1 
ATOM   408  O OG1 . THR A 1 94  ? 15.863  -1.738  -1.173  1.00 22.15 ? 74  THR A OG1 1 
ATOM   409  C CG2 . THR A 1 94  ? 14.761  -3.888  -0.966  1.00 22.10 ? 74  THR A CG2 1 
ATOM   410  N N   . LEU A 1 95  ? 12.193  -2.090  1.252   1.00 17.91 ? 75  LEU A N   1 
ATOM   411  C CA  . LEU A 1 95  ? 11.073  -2.710  2.019   1.00 16.82 ? 75  LEU A CA  1 
ATOM   412  C C   . LEU A 1 95  ? 9.751   -2.232  1.353   1.00 17.35 ? 75  LEU A C   1 
ATOM   413  O O   . LEU A 1 95  ? 8.894   -3.037  1.101   1.00 16.85 ? 75  LEU A O   1 
ATOM   414  C CB  . LEU A 1 95  ? 11.093  -2.273  3.477   1.00 19.17 ? 75  LEU A CB  1 
ATOM   415  C CG  . LEU A 1 95  ? 12.157  -2.978  4.311   1.00 21.00 ? 75  LEU A CG  1 
ATOM   416  C CD1 . LEU A 1 95  ? 12.231  -2.219  5.710   1.00 24.22 ? 75  LEU A CD1 1 
ATOM   417  C CD2 . LEU A 1 95  ? 11.961  -4.527  4.353   1.00 21.54 ? 75  LEU A CD2 1 
ATOM   418  N N   . LEU A 1 96  ? 9.678   -0.986  1.035   1.00 18.08 ? 76  LEU A N   1 
ATOM   419  C CA  . LEU A 1 96  ? 8.376   -0.476  0.486   1.00 18.68 ? 76  LEU A CA  1 
ATOM   420  C C   . LEU A 1 96  ? 8.122   -1.070  -0.883  1.00 18.56 ? 76  LEU A C   1 
ATOM   421  O O   . LEU A 1 96  ? 6.946   -1.351  -1.236  1.00 18.43 ? 76  LEU A O   1 
ATOM   422  C CB  . LEU A 1 96  ? 8.434   1.058   0.422   1.00 21.29 ? 76  LEU A CB  1 
ATOM   423  C CG  . LEU A 1 96  ? 7.212   1.926   0.704   1.00 29.11 ? 76  LEU A CG  1 
ATOM   424  C CD1 . LEU A 1 96  ? 7.243   3.117   -0.246  1.00 22.61 ? 76  LEU A CD1 1 
ATOM   425  C CD2 . LEU A 1 96  ? 5.844   1.248   0.841   1.00 27.22 ? 76  LEU A CD2 1 
ATOM   426  N N   . ASP A 1 97  ? 9.143   -1.150  -1.781  1.00 16.52 ? 77  ASP A N   1 
ATOM   427  C CA  . ASP A 1 97  ? 9.019   -1.768  -3.053  1.00 18.16 ? 77  ASP A CA  1 
ATOM   428  C C   . ASP A 1 97  ? 8.498   -3.149  -2.923  1.00 19.33 ? 77  ASP A C   1 
ATOM   429  O O   . ASP A 1 97  ? 7.679   -3.611  -3.714  1.00 18.88 ? 77  ASP A O   1 
ATOM   430  C CB  . ASP A 1 97  ? 10.445  -1.828  -3.703  1.00 18.44 ? 77  ASP A CB  1 
ATOM   431  C CG  . ASP A 1 97  ? 10.377  -2.194  -5.140  1.00 26.70 ? 77  ASP A CG  1 
ATOM   432  O OD1 . ASP A 1 97  ? 10.656  -3.366  -5.409  1.00 36.79 ? 77  ASP A OD1 1 
ATOM   433  O OD2 . ASP A 1 97  ? 10.038  -1.355  -5.997  1.00 34.93 ? 77  ASP A OD2 1 
ATOM   434  N N   . ARG A 1 98  ? 8.983   -3.875  -1.908  1.00 18.97 ? 78  ARG A N   1 
ATOM   435  C CA  . ARG A 1 98  ? 8.509   -5.232  -1.798  1.00 18.58 ? 78  ARG A CA  1 
ATOM   436  C C   . ARG A 1 98  ? 7.012   -5.282  -1.425  1.00 17.51 ? 78  ARG A C   1 
ATOM   437  O O   . ARG A 1 98  ? 6.315   -6.133  -1.928  1.00 16.19 ? 78  ARG A O   1 
ATOM   438  C CB  . ARG A 1 98  ? 9.321   -6.094  -0.811  1.00 21.57 ? 78  ARG A CB  1 
ATOM   439  C CG  . ARG A 1 98  ? 10.753  -6.381  -1.408  1.00 27.69 ? 78  ARG A CG  1 
ATOM   440  C CD  . ARG A 1 98  ? 11.799  -6.663  -0.303  1.00 37.17 ? 78  ARG A CD  1 
ATOM   441  N NE  . ARG A 1 98  ? 13.026  -7.316  -0.795  1.00 45.17 ? 78  ARG A NE  1 
ATOM   442  C CZ  . ARG A 1 98  ? 13.206  -8.639  -0.840  1.00 47.44 ? 78  ARG A CZ  1 
ATOM   443  N NH1 . ARG A 1 98  ? 12.233  -9.481  -0.493  1.00 49.14 ? 78  ARG A NH1 1 
ATOM   444  N NH2 . ARG A 1 98  ? 14.365  -9.127  -1.261  1.00 51.90 ? 78  ARG A NH2 1 
ATOM   445  N N   . VAL A 1 99  ? 6.611   -4.377  -0.530  1.00 17.59 ? 79  VAL A N   1 
ATOM   446  C CA  . VAL A 1 99  ? 5.199   -4.396  -0.127  1.00 16.76 ? 79  VAL A CA  1 
ATOM   447  C C   . VAL A 1 99  ? 4.268   -3.951  -1.244  1.00 15.67 ? 79  VAL A C   1 
ATOM   448  O O   . VAL A 1 99  ? 3.205   -4.619  -1.491  1.00 15.20 ? 79  VAL A O   1 
ATOM   449  C CB  . VAL A 1 99  ? 5.020   -3.478  1.105   1.00 17.96 ? 79  VAL A CB  1 
ATOM   450  C CG1 . VAL A 1 99  ? 3.491   -3.332  1.353   1.00 18.36 ? 79  VAL A CG1 1 
ATOM   451  C CG2 . VAL A 1 99  ? 5.653   -4.092  2.330   1.00 21.22 ? 79  VAL A CG2 1 
ATOM   452  N N   . VAL A 1 100 ? 4.689   -2.899  -1.970  1.00 15.81 ? 80  VAL A N   1 
ATOM   453  C CA  . VAL A 1 100 ? 3.862   -2.397  -3.088  1.00 15.85 ? 80  VAL A CA  1 
ATOM   454  C C   . VAL A 1 100 ? 3.725   -3.425  -4.192  1.00 15.55 ? 80  VAL A C   1 
ATOM   455  O O   . VAL A 1 100 ? 2.640   -3.625  -4.788  1.00 16.14 ? 80  VAL A O   1 
ATOM   456  C CB  . VAL A 1 100 ? 4.215   -1.046  -3.697  1.00 17.58 ? 80  VAL A CB  1 
ATOM   457  C CG1 . VAL A 1 100 ? 4.100   0.046   -2.578  1.00 21.25 ? 80  VAL A CG1 1 
ATOM   458  C CG2 . VAL A 1 100 ? 5.568   -1.009  -4.469  1.00 23.72 ? 80  VAL A CG2 1 
ATOM   459  N N   . ASN A 1 101 ? 4.843   -4.144  -4.488  1.00 13.75 ? 81  ASN A N   1 
ATOM   460  C CA  . ASN A 1 101 ? 4.699   -5.158  -5.492  1.00 16.03 ? 81  ASN A CA  1 
ATOM   461  C C   . ASN A 1 101 ? 3.923   -6.353  -5.027  1.00 14.47 ? 81  ASN A C   1 
ATOM   462  O O   . ASN A 1 101 ? 3.240   -6.998  -5.819  1.00 16.54 ? 81  ASN A O   1 
ATOM   463  C CB  . ASN A 1 101 ? 6.155   -5.583  -5.930  1.00 15.25 ? 81  ASN A CB  1 
ATOM   464  C CG  . ASN A 1 101 ? 6.723   -4.667  -7.019  1.00 18.01 ? 81  ASN A CG  1 
ATOM   465  O OD1 . ASN A 1 101 ? 6.336   -4.798  -8.242  1.00 20.23 ? 81  ASN A OD1 1 
ATOM   466  N ND2 . ASN A 1 101 ? 7.532   -3.681  -6.617  1.00 20.46 ? 81  ASN A ND2 1 
ATOM   467  N N   . GLN A 1 102 ? 3.949   -6.619  -3.750  1.00 13.96 ? 82  GLN A N   1 
ATOM   468  C CA  . GLN A 1 102 ? 3.174   -7.742  -3.269  1.00 15.93 ? 82  GLN A CA  1 
ATOM   469  C C   . GLN A 1 102 ? 1.666   -7.410  -3.434  1.00 14.54 ? 82  GLN A C   1 
ATOM   470  O O   . GLN A 1 102 ? 0.852   -8.227  -3.884  1.00 14.97 ? 82  GLN A O   1 
ATOM   471  C CB  . GLN A 1 102 ? 3.456   -7.983  -1.767  1.00 17.14 ? 82  GLN A CB  1 
ATOM   472  C CG  . GLN A 1 102 ? 2.654   -9.185  -1.187  1.00 22.52 ? 82  GLN A CG  1 
ATOM   473  C CD  . GLN A 1 102 ? 3.006   -9.419  0.267   1.00 26.89 ? 82  GLN A CD  1 
ATOM   474  O OE1 . GLN A 1 102 ? 4.099   -9.100  0.681   1.00 37.12 ? 82  GLN A OE1 1 
ATOM   475  N NE2 . GLN A 1 102 ? 2.082   -9.975  1.035   1.00 31.52 ? 82  GLN A NE2 1 
ATOM   476  N N   . ALA A 1 103 ? 1.333   -6.148  -3.059  1.00 12.16 ? 83  ALA A N   1 
ATOM   477  C CA  . ALA A 1 103 ? -0.078  -5.780  -3.239  1.00 15.26 ? 83  ALA A CA  1 
ATOM   478  C C   . ALA A 1 103 ? -0.475  -5.817  -4.761  1.00 13.88 ? 83  ALA A C   1 
ATOM   479  O O   . ALA A 1 103 ? -1.530  -6.279  -5.150  1.00 13.82 ? 83  ALA A O   1 
ATOM   480  C CB  . ALA A 1 103 ? -0.315  -4.346  -2.655  1.00 13.01 ? 83  ALA A CB  1 
ATOM   481  N N   . ASP A 1 104 ? 0.369   -5.286  -5.642  1.00 14.62 ? 84  ASP A N   1 
ATOM   482  C CA  . ASP A 1 104 ? 0.116   -5.215  -7.054  1.00 14.35 ? 84  ASP A CA  1 
ATOM   483  C C   . ASP A 1 104 ? -0.018  -6.622  -7.662  1.00 14.70 ? 84  ASP A C   1 
ATOM   484  O O   . ASP A 1 104 ? -0.965  -6.894  -8.337  1.00 15.12 ? 84  ASP A O   1 
ATOM   485  C CB  . ASP A 1 104 ? 1.280   -4.457  -7.686  1.00 14.94 ? 84  ASP A CB  1 
ATOM   486  C CG  . ASP A 1 104 ? 1.003   -4.113  -9.116  1.00 18.71 ? 84  ASP A CG  1 
ATOM   487  O OD1 . ASP A 1 104 ? 1.645   -4.639  -10.093 1.00 20.54 ? 84  ASP A OD1 1 
ATOM   488  O OD2 . ASP A 1 104 ? -0.106  -3.518  -9.373  1.00 17.14 ? 84  ASP A OD2 1 
ATOM   489  N N   . MET A 1 105 ? 0.904   -7.525  -7.263  1.00 15.01 ? 85  MET A N   1 
ATOM   490  C CA  . MET A 1 105 ? 0.785   -8.882  -7.753  1.00 17.28 ? 85  MET A CA  1 
ATOM   491  C C   . MET A 1 105 ? -0.523  -9.569  -7.296  1.00 17.02 ? 85  MET A C   1 
ATOM   492  O O   . MET A 1 105 ? -1.172  -10.260 -8.050  1.00 17.57 ? 85  MET A O   1 
ATOM   493  C CB  . MET A 1 105 ? 2.053   -9.712  -7.415  1.00 18.89 ? 85  MET A CB  1 
ATOM   494  C CG  . MET A 1 105 ? 3.239   -9.176  -8.179  1.00 28.21 ? 85  MET A CG  1 
ATOM   495  S SD  . MET A 1 105 ? 4.796   -10.073 -7.711  1.00 44.84 ? 85  MET A SD  1 
ATOM   496  C CE  . MET A 1 105 ? 6.069   -8.964  -8.385  1.00 42.45 ? 85  MET A CE  1 
ATOM   497  N N   . ALA A 1 106 ? -0.963  -9.301  -6.064  1.00 16.36 ? 86  ALA A N   1 
ATOM   498  C CA  . ALA A 1 106 ? -2.173  -9.903  -5.567  1.00 14.03 ? 86  ALA A CA  1 
ATOM   499  C C   . ALA A 1 106 ? -3.445  -9.358  -6.309  1.00 15.51 ? 86  ALA A C   1 
ATOM   500  O O   . ALA A 1 106 ? -4.383  -10.047 -6.668  1.00 16.14 ? 86  ALA A O   1 
ATOM   501  C CB  . ALA A 1 106 ? -2.280  -9.650  -4.033  1.00 16.55 ? 86  ALA A CB  1 
ATOM   502  N N   . LEU A 1 107 ? -3.400  -8.072  -6.612  1.00 15.23 ? 87  LEU A N   1 
ATOM   503  C CA  . LEU A 1 107 ? -4.504  -7.497  -7.376  1.00 17.45 ? 87  LEU A CA  1 
ATOM   504  C C   . LEU A 1 107 ? -4.513  -8.029  -8.775  1.00 17.91 ? 87  LEU A C   1 
ATOM   505  O O   . LEU A 1 107 ? -5.560  -8.353  -9.273  1.00 16.99 ? 87  LEU A O   1 
ATOM   506  C CB  . LEU A 1 107 ? -4.440  -5.946  -7.360  1.00 17.14 ? 87  LEU A CB  1 
ATOM   507  C CG  . LEU A 1 107 ? -5.665  -5.267  -8.070  1.00 18.76 ? 87  LEU A CG  1 
ATOM   508  C CD1 . LEU A 1 107 ? -6.827  -5.423  -7.170  1.00 19.24 ? 87  LEU A CD1 1 
ATOM   509  C CD2 . LEU A 1 107 ? -5.288  -3.728  -8.073  1.00 18.29 ? 87  LEU A CD2 1 
ATOM   510  N N   . GLN A 1 108 ? -3.346  -8.223  -9.357  1.00 16.50 ? 88  GLN A N   1 
ATOM   511  C CA  . GLN A 1 108 ? -3.298  -8.803  -10.740 1.00 21.26 ? 88  GLN A CA  1 
ATOM   512  C C   . GLN A 1 108 ? -3.882  -10.228 -10.694 1.00 21.21 ? 88  GLN A C   1 
ATOM   513  O O   . GLN A 1 108 ? -4.621  -10.637 -11.559 1.00 19.73 ? 88  GLN A O   1 
ATOM   514  C CB  . GLN A 1 108 ? -1.824  -8.831  -11.221 1.00 22.80 ? 88  GLN A CB  1 
ATOM   515  C CG  . GLN A 1 108 ? -1.657  -9.420  -12.608 1.00 30.14 ? 88  GLN A CG  1 
ATOM   516  C CD  . GLN A 1 108 ? -0.406  -8.961  -13.338 1.00 38.81 ? 88  GLN A CD  1 
ATOM   517  O OE1 . GLN A 1 108 ? -0.326  -9.053  -14.584 1.00 48.19 ? 88  GLN A OE1 1 
ATOM   518  N NE2 . GLN A 1 108 ? 0.577   -8.498  -12.602 1.00 36.19 ? 88  GLN A NE2 1 
ATOM   519  N N   . THR A 1 109 ? -3.555  -11.007 -9.651  1.00 21.54 ? 89  THR A N   1 
ATOM   520  C CA  . THR A 1 109 ? -4.116  -12.378 -9.529  1.00 23.63 ? 89  THR A CA  1 
ATOM   521  C C   . THR A 1 109 ? -5.620  -12.339 -9.428  1.00 22.44 ? 89  THR A C   1 
ATOM   522  O O   . THR A 1 109 ? -6.383  -13.056 -10.101 1.00 24.19 ? 89  THR A O   1 
ATOM   523  C CB  . THR A 1 109 ? -3.537  -13.037 -8.253  1.00 24.94 ? 89  THR A CB  1 
ATOM   524  O OG1 . THR A 1 109 ? -2.104  -13.241 -8.421  1.00 23.01 ? 89  THR A OG1 1 
ATOM   525  C CG2 . THR A 1 109 ? -4.276  -14.337 -7.935  1.00 27.99 ? 89  THR A CG2 1 
ATOM   526  N N   . LEU A 1 110 ? -6.103  -11.430 -8.587  1.00 21.48 ? 90  LEU A N   1 
ATOM   527  C CA  . LEU A 1 110 ? -7.516  -11.335 -8.461  1.00 21.26 ? 90  LEU A CA  1 
ATOM   528  C C   . LEU A 1 110 ? -8.144  -10.896 -9.764  1.00 22.08 ? 90  LEU A C   1 
ATOM   529  O O   . LEU A 1 110 ? -9.245  -11.376 -10.116 1.00 23.19 ? 90  LEU A O   1 
ATOM   530  C CB  . LEU A 1 110 ? -7.861  -10.286 -7.411  1.00 21.87 ? 90  LEU A CB  1 
ATOM   531  C CG  . LEU A 1 110 ? -9.018  -10.428 -6.455  1.00 29.03 ? 90  LEU A CG  1 
ATOM   532  C CD1 . LEU A 1 110 ? -9.515  -9.063  -5.916  1.00 25.67 ? 90  LEU A CD1 1 
ATOM   533  C CD2 . LEU A 1 110 ? -10.066 -11.596 -6.622  1.00 25.02 ? 90  LEU A CD2 1 
ATOM   534  N N   . ALA A 1 111 ? -7.508  -9.986  -10.474 1.00 23.43 ? 91  ALA A N   1 
ATOM   535  C CA  . ALA A 1 111 ? -8.114  -9.460  -11.683 1.00 24.58 ? 91  ALA A CA  1 
ATOM   536  C C   . ALA A 1 111 ? -8.273  -10.608 -12.683 1.00 28.01 ? 91  ALA A C   1 
ATOM   537  O O   . ALA A 1 111 ? -9.272  -10.707 -13.378 1.00 30.27 ? 91  ALA A O   1 
ATOM   538  C CB  . ALA A 1 111 ? -7.261  -8.361  -12.294 1.00 25.25 ? 91  ALA A CB  1 
ATOM   539  N N   . GLU A 1 112 ? -7.282  -11.479 -12.723 1.00 28.62 ? 92  GLU A N   1 
ATOM   540  C CA  . GLU A 1 112 ? -7.359  -12.736 -13.545 1.00 32.79 ? 92  GLU A CA  1 
ATOM   541  C C   . GLU A 1 112 ? -8.362  -13.769 -13.011 1.00 33.18 ? 92  GLU A C   1 
ATOM   542  O O   . GLU A 1 112 ? -8.867  -14.625 -13.759 1.00 34.28 ? 92  GLU A O   1 
ATOM   543  C CB  . GLU A 1 112 ? -5.981  -13.313 -13.662 1.00 32.49 ? 92  GLU A CB  1 
ATOM   544  C CG  . GLU A 1 112 ? -5.002  -12.386 -14.428 1.00 36.48 ? 92  GLU A CG  1 
ATOM   545  C CD  . GLU A 1 112 ? -3.518  -12.723 -14.193 1.00 39.33 ? 92  GLU A CD  1 
ATOM   546  O OE1 . GLU A 1 112 ? -3.208  -13.624 -13.387 1.00 41.36 ? 92  GLU A OE1 1 
ATOM   547  O OE2 . GLU A 1 112 ? -2.649  -12.092 -14.823 1.00 39.77 ? 92  GLU A OE2 1 
ATOM   548  N N   . ASN A 1 113 ? -8.663  -13.705 -11.722 1.00 34.17 ? 93  ASN A N   1 
ATOM   549  C CA  . ASN A 1 113 ? -9.492  -14.738 -11.047 1.00 36.17 ? 93  ASN A CA  1 
ATOM   550  C C   . ASN A 1 113 ? -10.556 -14.120 -10.181 1.00 37.21 ? 93  ASN A C   1 
ATOM   551  O O   . ASN A 1 113 ? -10.531 -14.313 -8.951  1.00 37.61 ? 93  ASN A O   1 
ATOM   552  C CB  . ASN A 1 113 ? -8.607  -15.535 -10.093 1.00 37.50 ? 93  ASN A CB  1 
ATOM   553  C CG  . ASN A 1 113 ? -7.559  -16.287 -10.818 1.00 38.73 ? 93  ASN A CG  1 
ATOM   554  O OD1 . ASN A 1 113 ? -6.374  -15.948 -10.771 1.00 42.40 ? 93  ASN A OD1 1 
ATOM   555  N ND2 . ASN A 1 113 ? -7.989  -17.316 -11.539 1.00 40.22 ? 93  ASN A ND2 1 
ATOM   556  N N   . PRO A 1 114 ? -11.496 -13.389 -10.794 1.00 38.84 ? 94  PRO A N   1 
ATOM   557  C CA  . PRO A 1 114 ? -12.453 -12.586 -9.978  1.00 39.62 ? 94  PRO A CA  1 
ATOM   558  C C   . PRO A 1 114 ? -13.446 -13.510 -9.188  1.00 40.49 ? 94  PRO A C   1 
ATOM   559  O O   . PRO A 1 114 ? -13.792 -14.604 -9.673  1.00 40.97 ? 94  PRO A O   1 
ATOM   560  C CB  . PRO A 1 114 ? -13.171 -11.705 -11.035 1.00 39.85 ? 94  PRO A CB  1 
ATOM   561  C CG  . PRO A 1 114 ? -13.014 -12.533 -12.366 1.00 39.28 ? 94  PRO A CG  1 
ATOM   562  C CD  . PRO A 1 114 ? -11.650 -13.187 -12.250 1.00 37.18 ? 94  PRO A CD  1 
ATOM   563  N N   . ALA A 1 115 ? -13.897 -13.078 -8.004  1.00 40.65 ? 95  ALA A N   1 
ATOM   564  C CA  . ALA A 1 115 ? -14.842 -13.881 -7.211  1.00 40.33 ? 95  ALA A CA  1 
ATOM   565  C C   . ALA A 1 115 ? -16.229 -13.958 -7.844  1.00 41.08 ? 95  ALA A C   1 
ATOM   566  O O   . ALA A 1 115 ? -16.736 -12.994 -8.414  1.00 41.66 ? 95  ALA A O   1 
ATOM   567  C CB  . ALA A 1 115 ? -14.928 -13.395 -5.756  1.00 39.93 ? 95  ALA A CB  1 
ATOM   568  N N   . ASP A 1 116 ? -16.851 -15.119 -7.747  1.00 40.28 ? 96  ASP A N   1 
ATOM   569  C CA  . ASP A 1 116 ? -18.160 -15.329 -8.352  1.00 39.90 ? 96  ASP A CA  1 
ATOM   570  C C   . ASP A 1 116 ? -19.271 -14.998 -7.354  1.00 38.58 ? 96  ASP A C   1 
ATOM   571  O O   . ASP A 1 116 ? -19.808 -15.879 -6.640  1.00 38.28 ? 96  ASP A O   1 
ATOM   572  C CB  . ASP A 1 116 ? -18.276 -16.800 -8.767  1.00 40.44 ? 96  ASP A CB  1 
ATOM   573  C CG  . ASP A 1 116 ? -19.576 -17.090 -9.399  1.00 46.09 ? 96  ASP A CG  1 
ATOM   574  O OD1 . ASP A 1 116 ? -20.248 -16.078 -9.729  1.00 51.89 ? 96  ASP A OD1 1 
ATOM   575  O OD2 . ASP A 1 116 ? -19.932 -18.285 -9.561  1.00 48.13 ? 96  ASP A OD2 1 
ATOM   576  N N   . THR A 1 117 ? -19.627 -13.722 -7.267  1.00 34.37 ? 97  THR A N   1 
ATOM   577  C CA  . THR A 1 117 ? -20.460 -13.266 -6.204  1.00 31.80 ? 97  THR A CA  1 
ATOM   578  C C   . THR A 1 117 ? -20.891 -11.918 -6.776  1.00 29.75 ? 97  THR A C   1 
ATOM   579  O O   . THR A 1 117 ? -20.495 -11.615 -7.887  1.00 29.24 ? 97  THR A O   1 
ATOM   580  C CB  . THR A 1 117 ? -19.596 -13.211 -4.898  1.00 32.20 ? 97  THR A CB  1 
ATOM   581  O OG1 . THR A 1 117 ? -20.326 -12.704 -3.764  1.00 36.44 ? 97  THR A OG1 1 
ATOM   582  C CG2 . THR A 1 117 ? -18.294 -12.456 -5.096  1.00 28.27 ? 97  THR A CG2 1 
ATOM   583  N N   . ASP A 1 118 ? -21.613 -11.132 -6.010  1.00 28.69 ? 98  ASP A N   1 
ATOM   584  C CA  . ASP A 1 118 ? -22.169 -9.880  -6.530  1.00 29.81 ? 98  ASP A CA  1 
ATOM   585  C C   . ASP A 1 118 ? -21.136 -8.761  -6.476  1.00 29.25 ? 98  ASP A C   1 
ATOM   586  O O   . ASP A 1 118 ? -19.977 -8.978  -6.014  1.00 27.47 ? 98  ASP A O   1 
ATOM   587  C CB  . ASP A 1 118 ? -23.401 -9.461  -5.757  1.00 29.62 ? 98  ASP A CB  1 
ATOM   588  C CG  . ASP A 1 118 ? -23.168 -9.294  -4.280  1.00 32.45 ? 98  ASP A CG  1 
ATOM   589  O OD1 . ASP A 1 118 ? -22.079 -8.926  -3.810  1.00 34.82 ? 98  ASP A OD1 1 
ATOM   590  O OD2 . ASP A 1 118 ? -24.135 -9.487  -3.500  1.00 37.79 ? 98  ASP A OD2 1 
ATOM   591  N N   . ARG A 1 119 ? -21.526 -7.645  -7.094  1.00 27.46 ? 99  ARG A N   1 
ATOM   592  C CA  . ARG A 1 119 ? -20.606 -6.464  -7.252  1.00 26.91 ? 99  ARG A CA  1 
ATOM   593  C C   . ARG A 1 119 ? -20.004 -5.981  -5.931  1.00 24.58 ? 99  ARG A C   1 
ATOM   594  O O   . ARG A 1 119 ? -18.786 -5.752  -5.838  1.00 25.64 ? 99  ARG A O   1 
ATOM   595  C CB  . ARG A 1 119 ? -21.293 -5.369  -8.099  1.00 25.90 ? 99  ARG A CB  1 
ATOM   596  C CG  . ARG A 1 119 ? -21.303 -5.733  -9.580  1.00 30.75 ? 99  ARG A CG  1 
ATOM   597  C CD  . ARG A 1 119 ? -22.306 -4.874  -10.442 1.00 27.95 ? 99  ARG A CD  1 
ATOM   598  N NE  . ARG A 1 119 ? -21.911 -4.998  -11.842 1.00 30.74 ? 99  ARG A NE  1 
ATOM   599  C CZ  . ARG A 1 119 ? -22.495 -5.831  -12.695 1.00 32.85 ? 99  ARG A CZ  1 
ATOM   600  N NH1 . ARG A 1 119 ? -23.514 -6.600  -12.272 1.00 33.60 ? 99  ARG A NH1 1 
ATOM   601  N NH2 . ARG A 1 119 ? -22.055 -5.904  -13.944 1.00 33.54 ? 99  ARG A NH2 1 
ATOM   602  N N   . GLU A 1 120 ? -20.818 -5.829  -4.927  1.00 23.08 ? 100 GLU A N   1 
ATOM   603  C CA  . GLU A 1 120 ? -20.362 -5.428  -3.684  1.00 22.71 ? 100 GLU A CA  1 
ATOM   604  C C   . GLU A 1 120 ? -19.273 -6.314  -3.121  1.00 23.52 ? 100 GLU A C   1 
ATOM   605  O O   . GLU A 1 120 ? -18.247 -5.872  -2.630  1.00 22.91 ? 100 GLU A O   1 
ATOM   606  C CB  . GLU A 1 120 ? -21.519 -5.373  -2.723  1.00 26.06 ? 100 GLU A CB  1 
ATOM   607  C CG  . GLU A 1 120 ? -21.040 -4.526  -1.601  1.00 32.02 ? 100 GLU A CG  1 
ATOM   608  C CD  . GLU A 1 120 ? -21.682 -4.711  -0.293  1.00 42.34 ? 100 GLU A CD  1 
ATOM   609  O OE1 . GLU A 1 120 ? -21.069 -5.355  0.584   1.00 45.85 ? 100 GLU A OE1 1 
ATOM   610  O OE2 . GLU A 1 120 ? -22.765 -4.132  -0.106  1.00 44.02 ? 100 GLU A OE2 1 
ATOM   611  N N   . ASN A 1 121 ? -19.529 -7.611  -3.159  1.00 22.69 ? 101 ASN A N   1 
ATOM   612  C CA  . ASN A 1 121 ? -18.518 -8.469  -2.596  1.00 22.33 ? 101 ASN A CA  1 
ATOM   613  C C   . ASN A 1 121 ? -17.285 -8.556  -3.444  1.00 20.61 ? 101 ASN A C   1 
ATOM   614  O O   . ASN A 1 121 ? -16.205 -8.800  -2.913  1.00 18.69 ? 101 ASN A O   1 
ATOM   615  C CB  . ASN A 1 121 ? -19.082 -9.900  -2.426  1.00 23.48 ? 101 ASN A CB  1 
ATOM   616  C CG  . ASN A 1 121 ? -18.796 -10.385 -1.062  1.00 29.14 ? 101 ASN A CG  1 
ATOM   617  O OD1 . ASN A 1 121 ? -19.316 -9.822  -0.046  1.00 40.27 ? 101 ASN A OD1 1 
ATOM   618  N ND2 . ASN A 1 121 ? -17.957 -11.388 -0.967  1.00 38.57 ? 101 ASN A ND2 1 
ATOM   619  N N   . MET A 1 122 ? -17.416 -8.358  -4.750  1.00 19.19 ? 102 MET A N   1 
ATOM   620  C CA  . MET A 1 122 ? -16.273 -8.267  -5.606  1.00 20.36 ? 102 MET A CA  1 
ATOM   621  C C   . MET A 1 122 ? -15.383 -7.055  -5.329  1.00 18.01 ? 102 MET A C   1 
ATOM   622  O O   . MET A 1 122 ? -14.168 -7.210  -5.245  1.00 18.87 ? 102 MET A O   1 
ATOM   623  C CB  . MET A 1 122 ? -16.629 -8.341  -7.057  1.00 24.01 ? 102 MET A CB  1 
ATOM   624  C CG  . MET A 1 122 ? -17.301 -9.665  -7.317  1.00 27.34 ? 102 MET A CG  1 
ATOM   625  S SD  . MET A 1 122 ? -17.917 -9.849  -9.050  1.00 40.12 ? 102 MET A SD  1 
ATOM   626  C CE  . MET A 1 122 ? -19.269 -8.770  -9.284  1.00 32.78 ? 102 MET A CE  1 
ATOM   627  N N   . TRP A 1 123 ? -15.993 -5.896  -5.072  1.00 16.71 ? 103 TRP A N   1 
ATOM   628  C CA  . TRP A 1 123 ? -15.193 -4.746  -4.804  1.00 15.16 ? 103 TRP A CA  1 
ATOM   629  C C   . TRP A 1 123 ? -14.553 -4.960  -3.393  1.00 14.17 ? 103 TRP A C   1 
ATOM   630  O O   . TRP A 1 123 ? -13.439 -4.505  -3.187  1.00 14.96 ? 103 TRP A O   1 
ATOM   631  C CB  . TRP A 1 123 ? -16.063 -3.439  -4.748  1.00 15.62 ? 103 TRP A CB  1 
ATOM   632  C CG  . TRP A 1 123 ? -16.342 -2.929  -6.177  1.00 12.99 ? 103 TRP A CG  1 
ATOM   633  C CD1 . TRP A 1 123 ? -17.603 -2.945  -6.798  1.00 15.51 ? 103 TRP A CD1 1 
ATOM   634  C CD2 . TRP A 1 123 ? -15.460 -2.293  -7.067  1.00 18.24 ? 103 TRP A CD2 1 
ATOM   635  N NE1 . TRP A 1 123 ? -17.490 -2.438  -8.027  1.00 15.66 ? 103 TRP A NE1 1 
ATOM   636  C CE2 . TRP A 1 123 ? -16.214 -1.987  -8.239  1.00 17.38 ? 103 TRP A CE2 1 
ATOM   637  C CE3 . TRP A 1 123 ? -14.074 -2.033  -7.064  1.00 14.97 ? 103 TRP A CE3 1 
ATOM   638  C CZ2 . TRP A 1 123 ? -15.648 -1.433  -9.381  1.00 17.05 ? 103 TRP A CZ2 1 
ATOM   639  C CZ3 . TRP A 1 123 ? -13.505 -1.449  -8.226  1.00 18.33 ? 103 TRP A CZ3 1 
ATOM   640  C CH2 . TRP A 1 123 ? -14.292 -1.139  -9.353  1.00 18.96 ? 103 TRP A CH2 1 
ATOM   641  N N   . ARG A 1 124 ? -15.277 -5.544  -2.483  1.00 13.02 ? 104 ARG A N   1 
ATOM   642  C CA  . ARG A 1 124 ? -14.721 -5.828  -1.151  1.00 14.07 ? 104 ARG A CA  1 
ATOM   643  C C   . ARG A 1 124 ? -13.437 -6.693  -1.297  1.00 14.11 ? 104 ARG A C   1 
ATOM   644  O O   . ARG A 1 124 ? -12.474 -6.529  -0.562  1.00 14.14 ? 104 ARG A O   1 
ATOM   645  C CB  . ARG A 1 124 ? -15.765 -6.495  -0.204  1.00 15.26 ? 104 ARG A CB  1 
ATOM   646  C CG  . ARG A 1 124 ? -15.242 -6.735  1.154   1.00 16.99 ? 104 ARG A CG  1 
ATOM   647  C CD  . ARG A 1 124 ? -16.252 -7.401  2.093   1.00 23.35 ? 104 ARG A CD  1 
ATOM   648  N NE  . ARG A 1 124 ? -17.224 -6.348  2.529   1.00 32.29 ? 104 ARG A NE  1 
ATOM   649  C CZ  . ARG A 1 124 ? -18.410 -6.085  2.012   1.00 36.38 ? 104 ARG A CZ  1 
ATOM   650  N NH1 . ARG A 1 124 ? -18.932 -6.853  1.042   1.00 38.72 ? 104 ARG A NH1 1 
ATOM   651  N NH2 . ARG A 1 124 ? -19.101 -5.036  2.531   1.00 27.65 ? 104 ARG A NH2 1 
ATOM   652  N N   . THR A 1 125 ? -13.517 -7.663  -2.206  1.00 15.10 ? 105 THR A N   1 
ATOM   653  C CA  . THR A 1 125 ? -12.362 -8.556  -2.334  1.00 13.98 ? 105 THR A CA  1 
ATOM   654  C C   . THR A 1 125 ? -11.117 -7.795  -2.778  1.00 14.15 ? 105 THR A C   1 
ATOM   655  O O   . THR A 1 125 ? -9.998  -8.106  -2.358  1.00 14.56 ? 105 THR A O   1 
ATOM   656  C CB  . THR A 1 125 ? -12.777 -9.791  -3.249  1.00 13.93 ? 105 THR A CB  1 
ATOM   657  O OG1 . THR A 1 125 ? -13.885 -10.422 -2.648  1.00 19.80 ? 105 THR A OG1 1 
ATOM   658  C CG2 . THR A 1 125 ? -11.559 -10.736 -3.339  1.00 19.53 ? 105 THR A CG2 1 
ATOM   659  N N   . GLY A 1 126 ? -11.285 -6.849  -3.713  1.00 15.39 ? 106 GLY A N   1 
ATOM   660  C CA  . GLY A 1 126 ? -10.162 -6.125  -4.219  1.00 17.46 ? 106 GLY A CA  1 
ATOM   661  C C   . GLY A 1 126 ? -9.663  -5.135  -3.226  1.00 15.02 ? 106 GLY A C   1 
ATOM   662  O O   . GLY A 1 126 ? -8.485  -4.971  -3.023  1.00 13.86 ? 106 GLY A O   1 
ATOM   663  N N   . ILE A 1 127 ? -10.559 -4.361  -2.588  1.00 12.57 ? 107 ILE A N   1 
ATOM   664  C CA  . ILE A 1 127 ? -10.048 -3.439  -1.570  1.00 11.34 ? 107 ILE A CA  1 
ATOM   665  C C   . ILE A 1 127 ? -9.320  -4.249  -0.439  1.00 9.57  ? 107 ILE A C   1 
ATOM   666  O O   . ILE A 1 127 ? -8.311  -3.784  0.158   1.00 12.11 ? 107 ILE A O   1 
ATOM   667  C CB  . ILE A 1 127 ? -11.271 -2.554  -0.978  1.00 10.33 ? 107 ILE A CB  1 
ATOM   668  C CG1 . ILE A 1 127 ? -11.814 -1.683  -2.089  1.00 12.04 ? 107 ILE A CG1 1 
ATOM   669  C CG2 . ILE A 1 127 ? -10.730 -1.726  0.249   1.00 12.72 ? 107 ILE A CG2 1 
ATOM   670  C CD1 . ILE A 1 127 ? -13.217 -1.057  -1.584  1.00 15.61 ? 107 ILE A CD1 1 
ATOM   671  N N   . ASN A 1 128 ? -9.791  -5.444  -0.204  1.00 10.16 ? 108 ASN A N   1 
ATOM   672  C CA  . ASN A 1 128 ? -9.196  -6.270  0.858   1.00 12.24 ? 108 ASN A CA  1 
ATOM   673  C C   . ASN A 1 128 ? -7.720  -6.631  0.573   1.00 12.60 ? 108 ASN A C   1 
ATOM   674  O O   . ASN A 1 128 ? -6.937  -6.882  1.463   1.00 12.50 ? 108 ASN A O   1 
ATOM   675  C CB  . ASN A 1 128 ? -10.039 -7.575  0.977   1.00 11.81 ? 108 ASN A CB  1 
ATOM   676  C CG  . ASN A 1 128 ? -9.525  -8.412  2.176   1.00 12.73 ? 108 ASN A CG  1 
ATOM   677  O OD1 . ASN A 1 128 ? -9.086  -9.606  1.954   1.00 17.83 ? 108 ASN A OD1 1 
ATOM   678  N ND2 . ASN A 1 128 ? -9.509  -7.856  3.390   1.00 10.00 ? 108 ASN A ND2 1 
ATOM   679  N N   . VAL A 1 129 ? -7.380  -6.623  -0.704  1.00 13.89 ? 109 VAL A N   1 
ATOM   680  C CA  . VAL A 1 129 ? -5.998  -6.928  -1.091  1.00 13.75 ? 109 VAL A CA  1 
ATOM   681  C C   . VAL A 1 129 ? -5.101  -5.902  -0.466  1.00 11.14 ? 109 VAL A C   1 
ATOM   682  O O   . VAL A 1 129 ? -4.017  -6.224  0.120   1.00 14.27 ? 109 VAL A O   1 
ATOM   683  C CB  . VAL A 1 129 ? -5.808  -6.849  -2.661  1.00 12.75 ? 109 VAL A CB  1 
ATOM   684  C CG1 . VAL A 1 129 ? -4.310  -6.753  -2.969  1.00 16.86 ? 109 VAL A CG1 1 
ATOM   685  C CG2 . VAL A 1 129 ? -6.478  -8.115  -3.251  1.00 16.14 ? 109 VAL A CG2 1 
ATOM   686  N N   . PHE A 1 130 ? -5.552  -4.604  -0.484  1.00 11.32 ? 110 PHE A N   1 
ATOM   687  C CA  . PHE A 1 130 ? -4.698  -3.574  0.098   1.00 10.78 ? 110 PHE A CA  1 
ATOM   688  C C   . PHE A 1 130 ? -4.817  -3.541  1.602   1.00 10.57 ? 110 PHE A C   1 
ATOM   689  O O   . PHE A 1 130 ? -3.794  -3.308  2.289   1.00 12.26 ? 110 PHE A O   1 
ATOM   690  C CB  . PHE A 1 130 ? -5.163  -2.210  -0.540  1.00 11.84 ? 110 PHE A CB  1 
ATOM   691  C CG  . PHE A 1 130 ? -4.838  -2.173  -1.970  1.00 10.56 ? 110 PHE A CG  1 
ATOM   692  C CD1 . PHE A 1 130 ? -5.834  -2.493  -2.903  1.00 11.20 ? 110 PHE A CD1 1 
ATOM   693  C CD2 . PHE A 1 130 ? -3.545  -1.921  -2.415  1.00 13.91 ? 110 PHE A CD2 1 
ATOM   694  C CE1 . PHE A 1 130 ? -5.532  -2.526  -4.243  1.00 16.14 ? 110 PHE A CE1 1 
ATOM   695  C CE2 . PHE A 1 130 ? -3.268  -1.926  -3.743  1.00 18.14 ? 110 PHE A CE2 1 
ATOM   696  C CZ  . PHE A 1 130 ? -4.254  -2.244  -4.639  1.00 18.43 ? 110 PHE A CZ  1 
ATOM   697  N N   . PHE A 1 131 ? -6.016  -3.782  2.116   1.00 10.04 ? 111 PHE A N   1 
ATOM   698  C CA  . PHE A 1 131 ? -6.200  -3.893  3.556   1.00 11.21 ? 111 PHE A CA  1 
ATOM   699  C C   . PHE A 1 131 ? -5.307  -4.980  4.128   1.00 10.83 ? 111 PHE A C   1 
ATOM   700  O O   . PHE A 1 131 ? -4.575  -4.747  5.063   1.00 12.77 ? 111 PHE A O   1 
ATOM   701  C CB  . PHE A 1 131 ? -7.655  -4.180  3.829   1.00 10.64 ? 111 PHE A CB  1 
ATOM   702  C CG  . PHE A 1 131 ? -8.007  -4.342  5.287   1.00 12.55 ? 111 PHE A CG  1 
ATOM   703  C CD1 . PHE A 1 131 ? -8.350  -5.604  5.761   1.00 14.81 ? 111 PHE A CD1 1 
ATOM   704  C CD2 . PHE A 1 131 ? -8.078  -3.255  6.149   1.00 12.22 ? 111 PHE A CD2 1 
ATOM   705  C CE1 . PHE A 1 131 ? -8.756  -5.792  7.152   1.00 16.20 ? 111 PHE A CE1 1 
ATOM   706  C CE2 . PHE A 1 131 ? -8.466  -3.448  7.522   1.00 14.25 ? 111 PHE A CE2 1 
ATOM   707  C CZ  . PHE A 1 131 ? -8.768  -4.716  8.016   1.00 17.44 ? 111 PHE A CZ  1 
ATOM   708  N N   . GLU A 1 132 ? -5.327  -6.167  3.562   1.00 11.95 ? 112 GLU A N   1 
ATOM   709  C CA  . GLU A 1 132 ? -4.486  -7.166  4.162   1.00 13.01 ? 112 GLU A CA  1 
ATOM   710  C C   . GLU A 1 132 ? -3.021  -7.044  3.842   1.00 14.89 ? 112 GLU A C   1 
ATOM   711  O O   . GLU A 1 132 ? -2.170  -7.401  4.654   1.00 15.52 ? 112 GLU A O   1 
ATOM   712  C CB  . GLU A 1 132 ? -4.934  -8.501  3.554   1.00 12.78 ? 112 GLU A CB  1 
ATOM   713  C CG  . GLU A 1 132 ? -6.219  -9.086  4.182   1.00 17.00 ? 112 GLU A CG  1 
ATOM   714  C CD  . GLU A 1 132 ? -6.033  -9.352  5.663   1.00 23.60 ? 112 GLU A CD  1 
ATOM   715  O OE1 . GLU A 1 132 ? -4.876  -9.656  6.089   1.00 26.57 ? 112 GLU A OE1 1 
ATOM   716  O OE2 . GLU A 1 132 ? -7.037  -9.250  6.430   1.00 25.76 ? 112 GLU A OE2 1 
ATOM   717  N N   . THR A 1 133 ? -2.688  -6.619  2.615   1.00 14.74 ? 113 THR A N   1 
ATOM   718  C CA  . THR A 1 133 ? -1.255  -6.461  2.318   1.00 14.66 ? 113 THR A CA  1 
ATOM   719  C C   . THR A 1 133 ? -0.564  -5.340  3.098   1.00 15.98 ? 113 THR A C   1 
ATOM   720  O O   . THR A 1 133 ? 0.469   -5.565  3.768   1.00 15.82 ? 113 THR A O   1 
ATOM   721  C CB  . THR A 1 133 ? -1.031  -6.257  0.775   1.00 12.11 ? 113 THR A CB  1 
ATOM   722  O OG1 . THR A 1 133 ? -1.606  -7.335  0.042   1.00 16.50 ? 113 THR A OG1 1 
ATOM   723  C CG2 . THR A 1 133 ? 0.476   -6.188  0.514   1.00 13.47 ? 113 THR A CG2 1 
ATOM   724  N N   . PHE A 1 134 ? -1.105  -4.116  3.071   1.00 14.55 ? 114 PHE A N   1 
ATOM   725  C CA  . PHE A 1 134 ? -0.481  -3.056  3.878   1.00 15.40 ? 114 PHE A CA  1 
ATOM   726  C C   . PHE A 1 134 ? -0.684  -3.339  5.372   1.00 12.18 ? 114 PHE A C   1 
ATOM   727  O O   . PHE A 1 134 ? 0.118   -2.920  6.155   1.00 17.17 ? 114 PHE A O   1 
ATOM   728  C CB  . PHE A 1 134 ? -1.039  -1.696  3.415   1.00 13.57 ? 114 PHE A CB  1 
ATOM   729  C CG  . PHE A 1 134 ? -0.714  -1.420  1.952   1.00 19.45 ? 114 PHE A CG  1 
ATOM   730  C CD1 . PHE A 1 134 ? 0.434   -1.856  1.409   1.00 33.90 ? 114 PHE A CD1 1 
ATOM   731  C CD2 . PHE A 1 134 ? -1.598  -0.773  1.160   1.00 27.18 ? 114 PHE A CD2 1 
ATOM   732  C CE1 . PHE A 1 134 ? 0.725   -1.605  0.031   1.00 35.20 ? 114 PHE A CE1 1 
ATOM   733  C CE2 . PHE A 1 134 ? -1.300  -0.523  -0.181  1.00 28.45 ? 114 PHE A CE2 1 
ATOM   734  C CZ  . PHE A 1 134 ? -0.148  -0.954  -0.706  1.00 27.48 ? 114 PHE A CZ  1 
ATOM   735  N N   . GLY A 1 135 ? -1.795  -3.988  5.721   1.00 14.14 ? 115 GLY A N   1 
ATOM   736  C CA  . GLY A 1 135 ? -2.093  -4.192  7.128   1.00 15.20 ? 115 GLY A CA  1 
ATOM   737  C C   . GLY A 1 135 ? -1.177  -5.260  7.722   1.00 16.24 ? 115 GLY A C   1 
ATOM   738  O O   . GLY A 1 135 ? -1.018  -5.270  8.953   1.00 19.04 ? 115 GLY A O   1 
ATOM   739  N N   . SER A 1 136 ? -0.595  -6.091  6.915   1.00 17.07 ? 116 SER A N   1 
ATOM   740  C CA  . SER A 1 136 ? 0.417   -7.004  7.423   1.00 17.22 ? 116 SER A CA  1 
ATOM   741  C C   . SER A 1 136 ? 1.776   -6.416  7.392   1.00 20.03 ? 116 SER A C   1 
ATOM   742  O O   . SER A 1 136 ? 2.717   -7.176  7.685   1.00 20.40 ? 116 SER A O   1 
ATOM   743  C CB  . SER A 1 136 ? 0.470   -8.185  6.506   1.00 18.99 ? 116 SER A CB  1 
ATOM   744  O OG  . SER A 1 136 ? -0.806  -8.829  6.575   1.00 22.88 ? 116 SER A OG  1 
ATOM   745  N N   . HIS A 1 137 ? 1.934   -5.137  7.015   1.00 15.99 ? 117 HIS A N   1 
ATOM   746  C CA  . HIS A 1 137 ? 3.215   -4.448  6.996   1.00 18.33 ? 117 HIS A CA  1 
ATOM   747  C C   . HIS A 1 137 ? 3.032   -3.086  7.430   1.00 18.08 ? 117 HIS A C   1 
ATOM   748  O O   . HIS A 1 137 ? 3.468   -2.175  6.756   1.00 17.95 ? 117 HIS A O   1 
ATOM   749  C CB  . HIS A 1 137 ? 3.942   -4.499  5.615   1.00 17.21 ? 117 HIS A CB  1 
ATOM   750  C CG  . HIS A 1 137 ? 4.177   -5.905  5.184   1.00 19.17 ? 117 HIS A CG  1 
ATOM   751  N ND1 . HIS A 1 137 ? 5.309   -6.595  5.578   1.00 22.29 ? 117 HIS A ND1 1 
ATOM   752  C CD2 . HIS A 1 137 ? 3.423   -6.778  4.483   1.00 22.24 ? 117 HIS A CD2 1 
ATOM   753  C CE1 . HIS A 1 137 ? 5.233   -7.840  5.148   1.00 22.50 ? 117 HIS A CE1 1 
ATOM   754  N NE2 . HIS A 1 137 ? 4.091   -7.990  4.506   1.00 23.00 ? 117 HIS A NE2 1 
ATOM   755  N N   . LYS A 1 138 ? 2.364   -2.935  8.591   1.00 18.82 ? 118 LYS A N   1 
ATOM   756  C CA  . LYS A 1 138 ? 2.116   -1.596  9.108   1.00 16.42 ? 118 LYS A CA  1 
ATOM   757  C C   . LYS A 1 138 ? 3.308   -0.682  9.307   1.00 18.44 ? 118 LYS A C   1 
ATOM   758  O O   . LYS A 1 138 ? 3.287   0.452   8.938   1.00 19.46 ? 118 LYS A O   1 
ATOM   759  C CB  . LYS A 1 138 ? 1.343   -1.658  10.408  1.00 19.36 ? 118 LYS A CB  1 
ATOM   760  C CG  . LYS A 1 138 ? -0.033  -2.285  10.168  1.00 20.74 ? 118 LYS A CG  1 
ATOM   761  C CD  . LYS A 1 138 ? -0.682  -2.470  11.574  1.00 23.14 ? 118 LYS A CD  1 
ATOM   762  C CE  . LYS A 1 138 ? -2.169  -2.612  11.506  1.00 26.76 ? 118 LYS A CE  1 
ATOM   763  N NZ  . LYS A 1 138 ? -2.612  -3.829  10.837  1.00 32.25 ? 118 LYS A NZ  1 
ATOM   764  N N   . ALA A 1 139 ? 4.374   -1.229  9.847   1.00 18.32 ? 119 ALA A N   1 
ATOM   765  C CA  . ALA A 1 139 ? 5.528   -0.353  10.146  1.00 19.15 ? 119 ALA A CA  1 
ATOM   766  C C   . ALA A 1 139 ? 6.204   0.125   8.874   1.00 18.96 ? 119 ALA A C   1 
ATOM   767  O O   . ALA A 1 139 ? 6.513   1.302   8.764   1.00 20.96 ? 119 ALA A O   1 
ATOM   768  C CB  . ALA A 1 139 ? 6.507   -1.163  11.000  1.00 20.63 ? 119 ALA A CB  1 
ATOM   769  N N   . VAL A 1 140 ? 6.271   -0.752  7.877   1.00 18.57 ? 120 VAL A N   1 
ATOM   770  C CA  . VAL A 1 140 ? 6.850   -0.346  6.608   1.00 20.44 ? 120 VAL A CA  1 
ATOM   771  C C   . VAL A 1 140 ? 5.926   0.687   5.979   1.00 20.56 ? 120 VAL A C   1 
ATOM   772  O O   . VAL A 1 140 ? 6.351   1.676   5.402   1.00 22.39 ? 120 VAL A O   1 
ATOM   773  C CB  . VAL A 1 140 ? 7.097   -1.550  5.659   1.00 20.78 ? 120 VAL A CB  1 
ATOM   774  C CG1 . VAL A 1 140 ? 7.462   -1.087  4.221   1.00 20.76 ? 120 VAL A CG1 1 
ATOM   775  C CG2 . VAL A 1 140 ? 8.227   -2.429  6.238   1.00 19.84 ? 120 VAL A CG2 1 
ATOM   776  N N   . THR A 1 141 ? 4.616   0.463   6.053   1.00 23.60 ? 121 THR A N   1 
ATOM   777  C CA  . THR A 1 141 ? 3.696   1.378   5.436   1.00 22.63 ? 121 THR A CA  1 
ATOM   778  C C   . THR A 1 141 ? 3.816   2.741   6.042   1.00 21.44 ? 121 THR A C   1 
ATOM   779  O O   . THR A 1 141 ? 3.780   3.757   5.326   1.00 21.76 ? 121 THR A O   1 
ATOM   780  C CB  . THR A 1 141 ? 2.236   0.832   5.755   1.00 20.15 ? 121 THR A CB  1 
ATOM   781  O OG1 . THR A 1 141 ? 2.066   -0.382  5.112   1.00 22.71 ? 121 THR A OG1 1 
ATOM   782  C CG2 . THR A 1 141 ? 1.067   1.816   5.355   1.00 25.83 ? 121 THR A CG2 1 
ATOM   783  N N   . ARG A 1 142 ? 3.794   2.767   7.369   1.00 20.37 ? 122 ARG A N   1 
ATOM   784  C CA  . ARG A 1 142 ? 3.836   4.025   8.076   1.00 21.14 ? 122 ARG A CA  1 
ATOM   785  C C   . ARG A 1 142 ? 5.130   4.784   7.723   1.00 21.27 ? 122 ARG A C   1 
ATOM   786  O O   . ARG A 1 142 ? 5.111   5.969   7.381   1.00 22.95 ? 122 ARG A O   1 
ATOM   787  C CB  . ARG A 1 142 ? 3.754   3.765   9.550   1.00 23.39 ? 122 ARG A CB  1 
ATOM   788  C CG  . ARG A 1 142 ? 3.663   5.015   10.374  1.00 28.36 ? 122 ARG A CG  1 
ATOM   789  C CD  . ARG A 1 142 ? 3.459   4.752   11.904  1.00 43.07 ? 122 ARG A CD  1 
ATOM   790  N NE  . ARG A 1 142 ? 3.816   3.403   12.361  1.00 50.17 ? 122 ARG A NE  1 
ATOM   791  C CZ  . ARG A 1 142 ? 2.930   2.423   12.606  1.00 53.41 ? 122 ARG A CZ  1 
ATOM   792  N NH1 . ARG A 1 142 ? 1.621   2.628   12.449  1.00 52.54 ? 122 ARG A NH1 1 
ATOM   793  N NH2 . ARG A 1 142 ? 3.354   1.222   12.995  1.00 53.54 ? 122 ARG A NH2 1 
ATOM   794  N N   . ALA A 1 143 ? 6.269   4.096   7.828   1.00 21.20 ? 123 ALA A N   1 
ATOM   795  C CA  . ALA A 1 143 ? 7.540   4.769   7.521   1.00 20.07 ? 123 ALA A CA  1 
ATOM   796  C C   . ALA A 1 143 ? 7.680   5.222   6.051   1.00 20.95 ? 123 ALA A C   1 
ATOM   797  O O   . ALA A 1 143 ? 8.214   6.325   5.719   1.00 21.56 ? 123 ALA A O   1 
ATOM   798  C CB  . ALA A 1 143 ? 8.738   3.789   7.951   1.00 19.70 ? 123 ALA A CB  1 
ATOM   799  N N   . GLY A 1 144 ? 7.208   4.393   5.140   1.00 22.70 ? 124 GLY A N   1 
ATOM   800  C CA  . GLY A 1 144 ? 7.142   4.745   3.718   1.00 23.48 ? 124 GLY A CA  1 
ATOM   801  C C   . GLY A 1 144 ? 6.264   5.981   3.489   1.00 25.54 ? 124 GLY A C   1 
ATOM   802  O O   . GLY A 1 144 ? 6.583   6.866   2.672   1.00 23.39 ? 124 GLY A O   1 
ATOM   803  N N   . GLN A 1 145 ? 5.170   6.122   4.218   1.00 25.48 ? 125 GLN A N   1 
ATOM   804  C CA  . GLN A 1 145 ? 4.406   7.355   4.015   1.00 27.31 ? 125 GLN A CA  1 
ATOM   805  C C   . GLN A 1 145 ? 5.135   8.555   4.547   1.00 28.62 ? 125 GLN A C   1 
ATOM   806  O O   . GLN A 1 145 ? 5.144   9.579   3.860   1.00 28.59 ? 125 GLN A O   1 
ATOM   807  C CB  . GLN A 1 145 ? 2.997   7.232   4.622   1.00 27.61 ? 125 GLN A CB  1 
ATOM   808  C CG  . GLN A 1 145 ? 2.202   6.166   3.846   1.00 28.81 ? 125 GLN A CG  1 
ATOM   809  C CD  . GLN A 1 145 ? 2.049   6.377   2.260   1.00 35.87 ? 125 GLN A CD  1 
ATOM   810  O OE1 . GLN A 1 145 ? 1.561   7.384   1.815   1.00 37.72 ? 125 GLN A OE1 1 
ATOM   811  N NE2 . GLN A 1 145 ? 2.417   5.344   1.457   1.00 38.79 ? 125 GLN A NE2 1 
ATOM   812  N N   . ALA A 1 146 ? 5.720   8.440   5.732   1.00 29.11 ? 126 ALA A N   1 
ATOM   813  C CA  . ALA A 1 146 ? 6.491   9.546   6.314   1.00 31.01 ? 126 ALA A CA  1 
ATOM   814  C C   . ALA A 1 146 ? 7.587   9.976   5.333   1.00 31.88 ? 126 ALA A C   1 
ATOM   815  O O   . ALA A 1 146 ? 7.813   11.163  5.093   1.00 32.81 ? 126 ALA A O   1 
ATOM   816  C CB  . ALA A 1 146 ? 7.101   9.158   7.657   1.00 31.70 ? 126 ALA A CB  1 
ATOM   817  N N   . ALA A 1 147 ? 8.224   9.017   4.717   1.00 29.18 ? 127 ALA A N   1 
ATOM   818  C CA  . ALA A 1 147 ? 9.290   9.296   3.763   1.00 29.61 ? 127 ALA A CA  1 
ATOM   819  C C   . ALA A 1 147 ? 8.901   9.988   2.482   1.00 30.56 ? 127 ALA A C   1 
ATOM   820  O O   . ALA A 1 147 ? 9.784   10.588  1.812   1.00 30.86 ? 127 ALA A O   1 
ATOM   821  C CB  . ALA A 1 147 ? 10.028  7.962   3.421   1.00 26.18 ? 127 ALA A CB  1 
ATOM   822  N N   . ARG A 1 148 ? 7.629   9.907   2.060   1.00 29.62 ? 128 ARG A N   1 
ATOM   823  C CA  . ARG A 1 148 ? 7.272   10.499  0.784   1.00 30.32 ? 128 ARG A CA  1 
ATOM   824  C C   . ARG A 1 148 ? 7.643   11.986  0.738   1.00 31.47 ? 128 ARG A C   1 
ATOM   825  O O   . ARG A 1 148 ? 7.910   12.518  -0.331  1.00 32.57 ? 128 ARG A O   1 
ATOM   826  C CB  . ARG A 1 148 ? 5.776   10.354  0.526   1.00 29.95 ? 128 ARG A CB  1 
ATOM   827  C CG  . ARG A 1 148 ? 5.480   8.938   0.018   1.00 31.31 ? 128 ARG A CG  1 
ATOM   828  C CD  . ARG A 1 148 ? 3.981   8.683   -0.074  1.00 34.95 ? 128 ARG A CD  1 
ATOM   829  N NE  . ARG A 1 148 ? 3.290   9.635   -0.911  1.00 37.15 ? 128 ARG A NE  1 
ATOM   830  C CZ  . ARG A 1 148 ? 1.994   9.895   -0.741  1.00 38.28 ? 128 ARG A CZ  1 
ATOM   831  N NH1 . ARG A 1 148 ? 1.314   9.254   0.222   1.00 33.67 ? 128 ARG A NH1 1 
ATOM   832  N NH2 . ARG A 1 148 ? 1.383   10.751  -1.533  1.00 37.20 ? 128 ARG A NH2 1 
ATOM   833  N N   . ALA A 1 149 ? 7.633   12.620  1.897   1.00 33.29 ? 129 ALA A N   1 
ATOM   834  C CA  . ALA A 1 149 ? 7.935   14.027  2.026   1.00 36.43 ? 129 ALA A CA  1 
ATOM   835  C C   . ALA A 1 149 ? 9.419   14.302  1.733   1.00 37.59 ? 129 ALA A C   1 
ATOM   836  O O   . ALA A 1 149 ? 9.782   15.326  1.161   1.00 40.63 ? 129 ALA A O   1 
ATOM   837  C CB  . ALA A 1 149 ? 7.563   14.502  3.432   1.00 35.80 ? 129 ALA A CB  1 
ATOM   838  N N   . THR A 1 150 ? 10.290  13.387  2.090   1.00 38.26 ? 130 THR A N   1 
ATOM   839  C CA  . THR A 1 150 ? 11.713  13.720  2.071   1.00 37.43 ? 130 THR A CA  1 
ATOM   840  C C   . THR A 1 150 ? 12.443  12.942  0.999   1.00 36.17 ? 130 THR A C   1 
ATOM   841  O O   . THR A 1 150 ? 13.617  13.196  0.700   1.00 36.34 ? 130 THR A O   1 
ATOM   842  C CB  . THR A 1 150 ? 12.333  13.397  3.393   1.00 38.18 ? 130 THR A CB  1 
ATOM   843  O OG1 . THR A 1 150 ? 12.210  12.002  3.617   1.00 40.16 ? 130 THR A OG1 1 
ATOM   844  C CG2 . THR A 1 150 ? 11.607  14.124  4.521   1.00 40.42 ? 130 THR A CG2 1 
ATOM   845  N N   . SER A 1 151 ? 11.799  11.947  0.411   1.00 32.23 ? 131 SER A N   1 
ATOM   846  C CA  . SER A 1 151 ? 12.535  11.096  -0.492  1.00 30.49 ? 131 SER A CA  1 
ATOM   847  C C   . SER A 1 151 ? 11.934  11.106  -1.886  1.00 31.26 ? 131 SER A C   1 
ATOM   848  O O   . SER A 1 151 ? 10.806  10.624  -2.104  1.00 27.98 ? 131 SER A O   1 
ATOM   849  C CB  . SER A 1 151 ? 12.553  9.646   0.005   1.00 30.63 ? 131 SER A CB  1 
ATOM   850  O OG  . SER A 1 151 ? 13.089  8.855   -1.026  1.00 30.26 ? 131 SER A OG  1 
ATOM   851  N N   . VAL A 1 152 ? 12.660  11.652  -2.855  1.00 29.97 ? 132 VAL A N   1 
ATOM   852  C CA  . VAL A 1 152 ? 12.119  11.578  -4.193  1.00 30.22 ? 132 VAL A CA  1 
ATOM   853  C C   . VAL A 1 152 ? 11.876  10.154  -4.606  1.00 27.71 ? 132 VAL A C   1 
ATOM   854  O O   . VAL A 1 152 ? 10.853  9.917   -5.222  1.00 27.53 ? 132 VAL A O   1 
ATOM   855  C CB  . VAL A 1 152 ? 12.968  12.313  -5.228  1.00 31.67 ? 132 VAL A CB  1 
ATOM   856  C CG1 . VAL A 1 152 ? 12.365  12.177  -6.628  1.00 33.12 ? 132 VAL A CG1 1 
ATOM   857  C CG2 . VAL A 1 152 ? 13.109  13.783  -4.794  1.00 35.44 ? 132 VAL A CG2 1 
ATOM   858  N N   . GLU A 1 153 ? 12.747  9.181   -4.319  1.00 23.79 ? 133 GLU A N   1 
ATOM   859  C CA  . GLU A 1 153 ? 12.469  7.864   -4.889  1.00 25.24 ? 133 GLU A CA  1 
ATOM   860  C C   . GLU A 1 153 ? 11.223  7.216   -4.242  1.00 22.09 ? 133 GLU A C   1 
ATOM   861  O O   . GLU A 1 153 ? 10.546  6.453   -4.889  1.00 20.86 ? 133 GLU A O   1 
ATOM   862  C CB  . GLU A 1 153 ? 13.645  6.893   -4.752  1.00 26.96 ? 133 GLU A CB  1 
ATOM   863  C CG  . GLU A 1 153 ? 14.957  7.474   -5.303  1.00 33.55 ? 133 GLU A CG  1 
ATOM   864  C CD  . GLU A 1 153 ? 15.774  8.274   -4.224  1.00 41.87 ? 133 GLU A CD  1 
ATOM   865  O OE1 . GLU A 1 153 ? 15.243  9.157   -3.506  1.00 45.63 ? 133 GLU A OE1 1 
ATOM   866  O OE2 . GLU A 1 153 ? 16.986  8.045   -4.097  1.00 47.83 ? 133 GLU A OE2 1 
ATOM   867  N N   . VAL A 1 154 ? 11.070  7.426   -2.951  1.00 22.79 ? 134 VAL A N   1 
ATOM   868  C CA  . VAL A 1 154 ? 9.900   6.864   -2.265  1.00 21.34 ? 134 VAL A CA  1 
ATOM   869  C C   . VAL A 1 154 ? 8.694   7.517   -2.889  1.00 20.48 ? 134 VAL A C   1 
ATOM   870  O O   . VAL A 1 154 ? 7.678   6.850   -3.260  1.00 19.70 ? 134 VAL A O   1 
ATOM   871  C CB  . VAL A 1 154 ? 9.932   7.076   -0.771  1.00 21.43 ? 134 VAL A CB  1 
ATOM   872  C CG1 . VAL A 1 154 ? 8.591   6.730   -0.130  1.00 21.19 ? 134 VAL A CG1 1 
ATOM   873  C CG2 . VAL A 1 154 ? 10.995  6.149   -0.182  1.00 25.41 ? 134 VAL A CG2 1 
ATOM   874  N N   . ALA A 1 155 ? 8.720   8.857   -2.930  1.00 19.17 ? 135 ALA A N   1 
ATOM   875  C CA  . ALA A 1 155 ? 7.582   9.505   -3.616  1.00 18.90 ? 135 ALA A CA  1 
ATOM   876  C C   . ALA A 1 155 ? 7.255   8.970   -5.022  1.00 18.89 ? 135 ALA A C   1 
ATOM   877  O O   . ALA A 1 155 ? 6.049   8.789   -5.435  1.00 18.31 ? 135 ALA A O   1 
ATOM   878  C CB  . ALA A 1 155 ? 7.688   11.086  -3.678  1.00 19.52 ? 135 ALA A CB  1 
ATOM   879  N N   . GLU A 1 156 ? 8.290   8.769   -5.834  1.00 18.85 ? 136 GLU A N   1 
ATOM   880  C CA  . GLU A 1 156 ? 8.109   8.214   -7.160  1.00 18.20 ? 136 GLU A CA  1 
ATOM   881  C C   . GLU A 1 156 ? 7.545   6.831   -7.190  1.00 17.84 ? 136 GLU A C   1 
ATOM   882  O O   . GLU A 1 156 ? 6.763   6.492   -8.053  1.00 17.01 ? 136 GLU A O   1 
ATOM   883  C CB  . GLU A 1 156 ? 9.464   8.294   -7.954  1.00 21.55 ? 136 GLU A CB  1 
ATOM   884  C CG  . GLU A 1 156 ? 9.728   9.758   -8.352  1.00 27.34 ? 136 GLU A CG  1 
ATOM   885  C CD  . GLU A 1 156 ? 10.910  9.907   -9.344  1.00 36.69 ? 136 GLU A CD  1 
ATOM   886  O OE1 . GLU A 1 156 ? 11.550  8.870   -9.706  1.00 40.32 ? 136 GLU A OE1 1 
ATOM   887  O OE2 . GLU A 1 156 ? 11.201  11.072  -9.757  1.00 42.74 ? 136 GLU A OE2 1 
ATOM   888  N N   . LEU A 1 157 ? 7.972   5.993   -6.224  1.00 17.88 ? 137 LEU A N   1 
ATOM   889  C CA  . LEU A 1 157 ? 7.593   4.619   -6.225  1.00 17.12 ? 137 LEU A CA  1 
ATOM   890  C C   . LEU A 1 157 ? 6.071   4.601   -5.884  1.00 17.41 ? 137 LEU A C   1 
ATOM   891  O O   . LEU A 1 157 ? 5.312   3.952   -6.559  1.00 15.25 ? 137 LEU A O   1 
ATOM   892  C CB  . LEU A 1 157 ? 8.397   3.845   -5.168  1.00 20.85 ? 137 LEU A CB  1 
ATOM   893  C CG  . LEU A 1 157 ? 7.846   2.450   -4.826  1.00 21.00 ? 137 LEU A CG  1 
ATOM   894  C CD1 . LEU A 1 157 ? 7.802   1.499   -6.004  1.00 23.37 ? 137 LEU A CD1 1 
ATOM   895  C CD2 . LEU A 1 157 ? 8.691   1.775   -3.662  1.00 21.24 ? 137 LEU A CD2 1 
ATOM   896  N N   . TRP A 1 158 ? 5.715   5.330   -4.874  1.00 17.54 ? 138 TRP A N   1 
ATOM   897  C CA  . TRP A 1 158 ? 4.259   5.442   -4.458  1.00 17.80 ? 138 TRP A CA  1 
ATOM   898  C C   . TRP A 1 158 ? 3.429   5.956   -5.648  1.00 16.19 ? 138 TRP A C   1 
ATOM   899  O O   . TRP A 1 158 ? 2.348   5.385   -5.985  1.00 15.84 ? 138 TRP A O   1 
ATOM   900  C CB  . TRP A 1 158 ? 4.091   6.296   -3.209  1.00 19.86 ? 138 TRP A CB  1 
ATOM   901  C CG  . TRP A 1 158 ? 2.701   6.131   -2.670  1.00 22.44 ? 138 TRP A CG  1 
ATOM   902  C CD1 . TRP A 1 158 ? 1.666   7.055   -2.678  1.00 22.24 ? 138 TRP A CD1 1 
ATOM   903  C CD2 . TRP A 1 158 ? 2.198   4.935   -2.099  1.00 24.06 ? 138 TRP A CD2 1 
ATOM   904  N NE1 . TRP A 1 158 ? 0.525   6.433   -2.129  1.00 20.82 ? 138 TRP A NE1 1 
ATOM   905  C CE2 . TRP A 1 158 ? 0.842   5.141   -1.792  1.00 19.76 ? 138 TRP A CE2 1 
ATOM   906  C CE3 . TRP A 1 158 ? 2.765   3.697   -1.832  1.00 26.16 ? 138 TRP A CE3 1 
ATOM   907  C CZ2 . TRP A 1 158 ? 0.044   4.135   -1.155  1.00 24.08 ? 138 TRP A CZ2 1 
ATOM   908  C CZ3 . TRP A 1 158 ? 1.977   2.699   -1.230  1.00 25.95 ? 138 TRP A CZ3 1 
ATOM   909  C CH2 . TRP A 1 158 ? 0.631   2.939   -0.910  1.00 21.99 ? 138 TRP A CH2 1 
ATOM   910  N N   . SER A 1 159 ? 3.912   7.017   -6.298  1.00 15.00 ? 139 SER A N   1 
ATOM   911  C CA  . SER A 1 159 ? 3.212   7.578   -7.437  1.00 15.67 ? 139 SER A CA  1 
ATOM   912  C C   . SER A 1 159 ? 2.937   6.583   -8.512  1.00 14.23 ? 139 SER A C   1 
ATOM   913  O O   . SER A 1 159 ? 1.824   6.505   -9.046  1.00 16.36 ? 139 SER A O   1 
ATOM   914  C CB  . SER A 1 159 ? 3.949   8.883   -7.933  1.00 15.80 ? 139 SER A CB  1 
ATOM   915  O OG  . SER A 1 159 ? 3.418   9.294   -9.191  1.00 20.91 ? 139 SER A OG  1 
ATOM   916  N N   . THR A 1 160 ? 3.974   5.860   -8.941  1.00 14.90 ? 140 THR A N   1 
ATOM   917  C CA  . THR A 1 160 ? 3.913   4.894   -10.013 1.00 16.26 ? 140 THR A CA  1 
ATOM   918  C C   . THR A 1 160 ? 2.808   3.885   -9.775  1.00 13.87 ? 140 THR A C   1 
ATOM   919  O O   . THR A 1 160 ? 1.957   3.605   -10.638 1.00 14.71 ? 140 THR A O   1 
ATOM   920  C CB  . THR A 1 160 ? 5.299   4.171   -10.081 1.00 18.19 ? 140 THR A CB  1 
ATOM   921  O OG1 . THR A 1 160 ? 6.208   5.138   -10.605 1.00 23.19 ? 140 THR A OG1 1 
ATOM   922  C CG2 . THR A 1 160 ? 5.289   3.033   -11.021 1.00 19.67 ? 140 THR A CG2 1 
ATOM   923  N N   . PHE A 1 161 ? 2.816   3.373   -8.517  1.00 11.86 ? 141 PHE A N   1 
ATOM   924  C CA  . PHE A 1 161 ? 1.836   2.331   -8.241  1.00 11.19 ? 141 PHE A CA  1 
ATOM   925  C C   . PHE A 1 161 ? 0.424   2.909   -8.064  1.00 9.39  ? 141 PHE A C   1 
ATOM   926  O O   . PHE A 1 161 ? -0.511  2.291   -8.540  1.00 10.34 ? 141 PHE A O   1 
ATOM   927  C CB  . PHE A 1 161 ? 2.217   1.517   -7.052  1.00 12.10 ? 141 PHE A CB  1 
ATOM   928  C CG  . PHE A 1 161 ? 3.232   0.443   -7.477  1.00 13.05 ? 141 PHE A CG  1 
ATOM   929  C CD1 . PHE A 1 161 ? 4.616   0.734   -7.467  1.00 17.65 ? 141 PHE A CD1 1 
ATOM   930  C CD2 . PHE A 1 161 ? 2.765   -0.719  -8.046  1.00 15.57 ? 141 PHE A CD2 1 
ATOM   931  C CE1 . PHE A 1 161 ? 5.537   -0.229  -7.957  1.00 18.61 ? 141 PHE A CE1 1 
ATOM   932  C CE2 . PHE A 1 161 ? 3.638   -1.744  -8.412  1.00 19.06 ? 141 PHE A CE2 1 
ATOM   933  C CZ  . PHE A 1 161 ? 5.016   -1.477  -8.396  1.00 15.91 ? 141 PHE A CZ  1 
ATOM   934  N N   . MET A 1 162 ? 0.345   4.074   -7.460  1.00 10.67 ? 142 MET A N   1 
ATOM   935  C CA  . MET A 1 162 ? -1.032  4.630   -7.362  1.00 13.66 ? 142 MET A CA  1 
ATOM   936  C C   . MET A 1 162 ? -1.564  4.906   -8.773  1.00 12.01 ? 142 MET A C   1 
ATOM   937  O O   . MET A 1 162 ? -2.792  4.741   -9.036  1.00 11.44 ? 142 MET A O   1 
ATOM   938  C CB  . MET A 1 162 ? -1.028  5.911   -6.533  1.00 10.51 ? 142 MET A CB  1 
ATOM   939  C CG  . MET A 1 162 ? -0.837  5.667   -4.991  1.00 11.75 ? 142 MET A CG  1 
ATOM   940  S SD  . MET A 1 162 ? -2.259  4.767   -4.274  1.00 15.67 ? 142 MET A SD  1 
ATOM   941  C CE  . MET A 1 162 ? -3.462  6.112   -4.144  1.00 14.40 ? 142 MET A CE  1 
ATOM   942  N N   . GLN A 1 163 ? -0.707  5.416   -9.678  1.00 13.45 ? 143 GLN A N   1 
ATOM   943  C CA  . GLN A 1 163 ? -1.173  5.649   -11.057 1.00 13.25 ? 143 GLN A CA  1 
ATOM   944  C C   . GLN A 1 163 ? -1.750  4.384   -11.686 1.00 11.55 ? 143 GLN A C   1 
ATOM   945  O O   . GLN A 1 163 ? -2.799  4.396   -12.341 1.00 12.19 ? 143 GLN A O   1 
ATOM   946  C CB  . GLN A 1 163 ? -0.089  6.143   -11.990 1.00 12.89 ? 143 GLN A CB  1 
ATOM   947  C CG  . GLN A 1 163 ? 0.333   7.452   -11.579 1.00 21.33 ? 143 GLN A CG  1 
ATOM   948  C CD  . GLN A 1 163 ? 1.361   8.019   -12.515 1.00 31.93 ? 143 GLN A CD  1 
ATOM   949  O OE1 . GLN A 1 163 ? 2.244   8.724   -12.074 1.00 43.36 ? 143 GLN A OE1 1 
ATOM   950  N NE2 . GLN A 1 163 ? 1.265   7.690   -13.815 1.00 30.97 ? 143 GLN A NE2 1 
ATOM   951  N N   . LYS A 1 164 ? -0.984  3.283   -11.515 1.00 12.56 ? 144 LYS A N   1 
ATOM   952  C CA  . LYS A 1 164 ? -1.465  2.008   -11.974 1.00 11.89 ? 144 LYS A CA  1 
ATOM   953  C C   . LYS A 1 164 ? -2.766  1.543   -11.389 1.00 11.25 ? 144 LYS A C   1 
ATOM   954  O O   . LYS A 1 164 ? -3.654  1.125   -12.134 1.00 10.63 ? 144 LYS A O   1 
ATOM   955  C CB  . LYS A 1 164 ? -0.325  0.984   -11.717 1.00 13.49 ? 144 LYS A CB  1 
ATOM   956  C CG  . LYS A 1 164 ? -0.663  -0.302  -12.374 1.00 15.98 ? 144 LYS A CG  1 
ATOM   957  C CD  . LYS A 1 164 ? 0.497   -1.376  -12.104 1.00 18.70 ? 144 LYS A CD  1 
ATOM   958  C CE  . LYS A 1 164 ? 0.087   -2.762  -12.700 1.00 27.21 ? 144 LYS A CE  1 
ATOM   959  N NZ  . LYS A 1 164 ? 1.400   -3.549  -12.575 1.00 27.11 ? 144 LYS A NZ  1 
ATOM   960  N N   . TRP A 1 165 ? -2.845  1.656   -10.068 1.00 11.42 ? 145 TRP A N   1 
ATOM   961  C CA  . TRP A 1 165 ? -4.061  1.208   -9.404  1.00 9.40  ? 145 TRP A CA  1 
ATOM   962  C C   . TRP A 1 165 ? -5.270  2.039   -9.771  1.00 11.20 ? 145 TRP A C   1 
ATOM   963  O O   . TRP A 1 165 ? -6.387  1.574   -9.931  1.00 10.11 ? 145 TRP A O   1 
ATOM   964  C CB  . TRP A 1 165 ? -3.914  1.131   -7.931  1.00 9.73  ? 145 TRP A CB  1 
ATOM   965  C CG  . TRP A 1 165 ? -2.729  0.193   -7.577  1.00 10.26 ? 145 TRP A CG  1 
ATOM   966  C CD1 . TRP A 1 165 ? -2.472  -0.950  -8.262  1.00 14.95 ? 145 TRP A CD1 1 
ATOM   967  C CD2 . TRP A 1 165 ? -1.902  0.226   -6.434  1.00 11.10 ? 145 TRP A CD2 1 
ATOM   968  N NE1 . TRP A 1 165 ? -1.409  -1.592  -7.655  1.00 12.16 ? 145 TRP A NE1 1 
ATOM   969  C CE2 . TRP A 1 165 ? -1.014  -0.912  -6.538  1.00 12.11 ? 145 TRP A CE2 1 
ATOM   970  C CE3 . TRP A 1 165 ? -1.744  1.119   -5.398  1.00 12.12 ? 145 TRP A CE3 1 
ATOM   971  C CZ2 . TRP A 1 165 ? -0.023  -1.204  -5.536  1.00 12.30 ? 145 TRP A CZ2 1 
ATOM   972  C CZ3 . TRP A 1 165 ? -0.725  0.899   -4.411  1.00 14.48 ? 145 TRP A CZ3 1 
ATOM   973  C CH2 . TRP A 1 165 ? 0.133   -0.251  -4.527  1.00 11.95 ? 145 TRP A CH2 1 
ATOM   974  N N   . ILE A 1 166 ? -5.052  3.332   -9.872  1.00 9.64  ? 146 ILE A N   1 
ATOM   975  C CA  . ILE A 1 166 ? -6.158  4.240   -10.335 1.00 9.82  ? 146 ILE A CA  1 
ATOM   976  C C   . ILE A 1 166 ? -6.561  4.014   -11.772 1.00 10.39 ? 146 ILE A C   1 
ATOM   977  O O   . ILE A 1 166 ? -7.759  3.975   -12.094 1.00 10.35 ? 146 ILE A O   1 
ATOM   978  C CB  . ILE A 1 166 ? -5.740  5.698   -10.129 1.00 9.52  ? 146 ILE A CB  1 
ATOM   979  C CG1 . ILE A 1 166 ? -5.747  6.020   -8.624  1.00 9.85  ? 146 ILE A CG1 1 
ATOM   980  C CG2 . ILE A 1 166 ? -6.719  6.666   -10.868 1.00 12.30 ? 146 ILE A CG2 1 
ATOM   981  C CD1 . ILE A 1 166 ? -4.998  7.343   -8.323  1.00 9.54  ? 146 ILE A CD1 1 
ATOM   982  N N   . ALA A 1 167 ? -5.552  3.784   -12.638 1.00 9.45  ? 147 ALA A N   1 
ATOM   983  C CA  . ALA A 1 167 ? -5.966  3.457   -14.033 1.00 12.26 ? 147 ALA A CA  1 
ATOM   984  C C   . ALA A 1 167 ? -6.788  2.164   -14.147 1.00 10.64 ? 147 ALA A C   1 
ATOM   985  O O   . ALA A 1 167 ? -7.728  2.070   -14.911 1.00 12.54 ? 147 ALA A O   1 
ATOM   986  C CB  . ALA A 1 167 ? -4.676  3.337   -14.966 1.00 10.92 ? 147 ALA A CB  1 
ATOM   987  N N   . TYR A 1 168 ? -6.361  1.135   -13.355 1.00 10.44 ? 148 TYR A N   1 
ATOM   988  C CA  . TYR A 1 168 ? -7.151  -0.071  -13.345 1.00 13.12 ? 148 TYR A CA  1 
ATOM   989  C C   . TYR A 1 168 ? -8.582  0.189   -12.791 1.00 12.05 ? 148 TYR A C   1 
ATOM   990  O O   . TYR A 1 168 ? -9.554  -0.258  -13.397 1.00 12.98 ? 148 TYR A O   1 
ATOM   991  C CB  . TYR A 1 168 ? -6.368  -1.102  -12.514 1.00 12.51 ? 148 TYR A CB  1 
ATOM   992  C CG  . TYR A 1 168 ? -7.137  -2.342  -12.329 1.00 14.63 ? 148 TYR A CG  1 
ATOM   993  C CD1 . TYR A 1 168 ? -7.407  -3.164  -13.424 1.00 16.01 ? 148 TYR A CD1 1 
ATOM   994  C CD2 . TYR A 1 168 ? -7.654  -2.640  -11.094 1.00 15.64 ? 148 TYR A CD2 1 
ATOM   995  C CE1 . TYR A 1 168 ? -8.201  -4.303  -13.286 1.00 14.22 ? 148 TYR A CE1 1 
ATOM   996  C CE2 . TYR A 1 168 ? -8.511  -3.792  -10.926 1.00 18.29 ? 148 TYR A CE2 1 
ATOM   997  C CZ  . TYR A 1 168 ? -8.729  -4.615  -12.014 1.00 19.10 ? 148 TYR A CZ  1 
ATOM   998  O OH  . TYR A 1 168 ? -9.548  -5.723  -11.841 1.00 21.22 ? 148 TYR A OH  1 
ATOM   999  N N   . THR A 1 169 ? -8.703  0.917   -11.654 1.00 10.99 ? 149 THR A N   1 
ATOM   1000 C CA  . THR A 1 169 ? -10.033 1.180   -11.124 1.00 10.04 ? 149 THR A CA  1 
ATOM   1001 C C   . THR A 1 169 ? -10.850 1.896   -12.208 1.00 9.86  ? 149 THR A C   1 
ATOM   1002 O O   . THR A 1 169 ? -12.015 1.583   -12.394 1.00 9.44  ? 149 THR A O   1 
ATOM   1003 C CB  . THR A 1 169 ? -9.852  2.108   -9.908  1.00 11.01 ? 149 THR A CB  1 
ATOM   1004 O OG1 . THR A 1 169 ? -9.099  1.449   -8.891  1.00 12.08 ? 149 THR A OG1 1 
ATOM   1005 C CG2 . THR A 1 169 ? -11.133 2.521   -9.340  1.00 11.72 ? 149 THR A CG2 1 
ATOM   1006 N N   . ALA A 1 170 ? -10.290 2.875   -12.857 1.00 10.52 ? 150 ALA A N   1 
ATOM   1007 C CA  . ALA A 1 170 ? -10.999 3.593   -13.915 1.00 12.10 ? 150 ALA A CA  1 
ATOM   1008 C C   . ALA A 1 170 ? -11.484 2.730   -15.105 1.00 11.20 ? 150 ALA A C   1 
ATOM   1009 O O   . ALA A 1 170 ? -12.598 2.810   -15.500 1.00 13.33 ? 150 ALA A O   1 
ATOM   1010 C CB  . ALA A 1 170 ? -10.130 4.750   -14.395 1.00 11.88 ? 150 ALA A CB  1 
ATOM   1011 N N   . ALA A 1 171 ? -10.668 1.760   -15.421 1.00 14.33 ? 151 ALA A N   1 
ATOM   1012 C CA  . ALA A 1 171 ? -11.051 0.856   -16.456 1.00 15.81 ? 151 ALA A CA  1 
ATOM   1013 C C   . ALA A 1 171 ? -12.125 -0.072  -16.044 1.00 15.51 ? 151 ALA A C   1 
ATOM   1014 O O   . ALA A 1 171 ? -12.973 -0.389  -16.875 1.00 16.34 ? 151 ALA A O   1 
ATOM   1015 C CB  . ALA A 1 171 ? -9.780  0.014   -16.812 1.00 15.17 ? 151 ALA A CB  1 
ATOM   1016 N N   . VAL A 1 172 ? -12.154 -0.542  -14.791 1.00 14.81 ? 152 VAL A N   1 
ATOM   1017 C CA  . VAL A 1 172 ? -13.311 -1.306  -14.303 1.00 14.75 ? 152 VAL A CA  1 
ATOM   1018 C C   . VAL A 1 172 ? -14.589 -0.510  -14.280 1.00 14.32 ? 152 VAL A C   1 
ATOM   1019 O O   . VAL A 1 172 ? -15.640 -0.962  -14.690 1.00 16.39 ? 152 VAL A O   1 
ATOM   1020 C CB  . VAL A 1 172 ? -12.983 -1.873  -12.905 1.00 13.59 ? 152 VAL A CB  1 
ATOM   1021 C CG1 . VAL A 1 172 ? -14.202 -2.676  -12.386 1.00 15.57 ? 152 VAL A CG1 1 
ATOM   1022 C CG2 . VAL A 1 172 ? -11.737 -2.837  -13.023 1.00 16.46 ? 152 VAL A CG2 1 
ATOM   1023 N N   . ILE A 1 173 ? -14.485 0.754   -13.822 1.00 12.55 ? 153 ILE A N   1 
ATOM   1024 C CA  . ILE A 1 173 ? -15.684 1.564   -13.790 1.00 13.22 ? 153 ILE A CA  1 
ATOM   1025 C C   . ILE A 1 173 ? -16.185 1.775   -15.247 1.00 14.47 ? 153 ILE A C   1 
ATOM   1026 O O   . ILE A 1 173 ? -17.394 1.663   -15.459 1.00 16.25 ? 153 ILE A O   1 
ATOM   1027 C CB  . ILE A 1 173 ? -15.309 2.938   -13.183 1.00 12.10 ? 153 ILE A CB  1 
ATOM   1028 C CG1 . ILE A 1 173 ? -15.114 2.641   -11.687 1.00 10.83 ? 153 ILE A CG1 1 
ATOM   1029 C CG2 . ILE A 1 173 ? -16.459 3.891   -13.407 1.00 13.25 ? 153 ILE A CG2 1 
ATOM   1030 C CD1 . ILE A 1 173 ? -14.535 3.900   -10.940 1.00 14.22 ? 153 ILE A CD1 1 
ATOM   1031 N N   . ASP A 1 174 ? -15.266 2.042   -16.146 1.00 14.11 ? 154 ASP A N   1 
ATOM   1032 C CA  . ASP A 1 174 ? -15.597 2.160   -17.586 1.00 16.58 ? 154 ASP A CA  1 
ATOM   1033 C C   . ASP A 1 174 ? -16.368 0.903   -18.063 1.00 17.61 ? 154 ASP A C   1 
ATOM   1034 O O   . ASP A 1 174 ? -17.410 1.050   -18.750 1.00 19.27 ? 154 ASP A O   1 
ATOM   1035 C CB  . ASP A 1 174 ? -14.348 2.318   -18.439 1.00 16.06 ? 154 ASP A CB  1 
ATOM   1036 C CG  . ASP A 1 174 ? -13.773 3.688   -18.396 1.00 22.56 ? 154 ASP A CG  1 
ATOM   1037 O OD1 . ASP A 1 174 ? -12.573 3.797   -18.816 1.00 29.99 ? 154 ASP A OD1 1 
ATOM   1038 O OD2 . ASP A 1 174 ? -14.542 4.620   -18.161 1.00 32.01 ? 154 ASP A OD2 1 
ATOM   1039 N N   . ALA A 1 175 ? -15.882 -0.270  -17.714 1.00 17.05 ? 155 ALA A N   1 
ATOM   1040 C CA  . ALA A 1 175 ? -16.463 -1.540  -18.202 1.00 20.97 ? 155 ALA A CA  1 
ATOM   1041 C C   . ALA A 1 175 ? -17.827 -1.665  -17.585 1.00 19.44 ? 155 ALA A C   1 
ATOM   1042 O O   . ALA A 1 175 ? -18.799 -2.049  -18.291 1.00 21.36 ? 155 ALA A O   1 
ATOM   1043 C CB  . ALA A 1 175 ? -15.627 -2.715  -17.788 1.00 20.23 ? 155 ALA A CB  1 
ATOM   1044 N N   . GLU A 1 176 ? -17.979 -1.277  -16.306 1.00 17.85 ? 156 GLU A N   1 
ATOM   1045 C CA  . GLU A 1 176 ? -19.248 -1.341  -15.640 1.00 18.08 ? 156 GLU A CA  1 
ATOM   1046 C C   . GLU A 1 176 ? -20.245 -0.406  -16.290 1.00 19.81 ? 156 GLU A C   1 
ATOM   1047 O O   . GLU A 1 176 ? -21.468 -0.754  -16.428 1.00 19.69 ? 156 GLU A O   1 
ATOM   1048 C CB  . GLU A 1 176 ? -19.109 -1.069  -14.084 1.00 13.89 ? 156 GLU A CB  1 
ATOM   1049 C CG  . GLU A 1 176 ? -18.395 -2.144  -13.291 1.00 18.80 ? 156 GLU A CG  1 
ATOM   1050 C CD  . GLU A 1 176 ? -19.304 -3.336  -13.130 1.00 19.41 ? 156 GLU A CD  1 
ATOM   1051 O OE1 . GLU A 1 176 ? -20.046 -3.395  -12.144 1.00 17.64 ? 156 GLU A OE1 1 
ATOM   1052 O OE2 . GLU A 1 176 ? -19.371 -4.219  -14.087 1.00 24.92 ? 156 GLU A OE2 1 
ATOM   1053 N N   . ARG A 1 177 ? -19.780 0.739   -16.760 1.00 17.96 ? 157 ARG A N   1 
ATOM   1054 C CA  . ARG A 1 177 ? -20.689 1.660   -17.413 1.00 18.49 ? 157 ARG A CA  1 
ATOM   1055 C C   . ARG A 1 177 ? -21.046 1.066   -18.797 1.00 19.13 ? 157 ARG A C   1 
ATOM   1056 O O   . ARG A 1 177 ? -22.182 1.195   -19.214 1.00 22.09 ? 157 ARG A O   1 
ATOM   1057 C CB  . ARG A 1 177 ? -20.004 3.003   -17.578 1.00 17.78 ? 157 ARG A CB  1 
ATOM   1058 C CG  . ARG A 1 177 ? -19.976 3.724   -16.233 1.00 14.48 ? 157 ARG A CG  1 
ATOM   1059 C CD  . ARG A 1 177 ? -18.996 4.957   -16.301 1.00 14.17 ? 157 ARG A CD  1 
ATOM   1060 N NE  . ARG A 1 177 ? -19.006 5.660   -14.993 1.00 13.14 ? 157 ARG A NE  1 
ATOM   1061 C CZ  . ARG A 1 177 ? -18.527 6.866   -14.839 1.00 14.34 ? 157 ARG A CZ  1 
ATOM   1062 N NH1 . ARG A 1 177 ? -18.591 7.391   -13.591 1.00 11.84 ? 157 ARG A NH1 1 
ATOM   1063 N NH2 . ARG A 1 177 ? -17.935 7.513   -15.848 1.00 17.20 ? 157 ARG A NH2 1 
ATOM   1064 N N   . ASP A 1 178 ? -20.078 0.469   -19.447 1.00 20.17 ? 158 ASP A N   1 
ATOM   1065 C CA  . ASP A 1 178 ? -20.316 -0.092  -20.842 1.00 23.65 ? 158 ASP A CA  1 
ATOM   1066 C C   . ASP A 1 178 ? -21.346 -1.231  -20.818 1.00 25.57 ? 158 ASP A C   1 
ATOM   1067 O O   . ASP A 1 178 ? -22.114 -1.341  -21.790 1.00 27.54 ? 158 ASP A O   1 
ATOM   1068 C CB  . ASP A 1 178 ? -18.986 -0.632  -21.373 1.00 23.45 ? 158 ASP A CB  1 
ATOM   1069 C CG  . ASP A 1 178 ? -18.102 0.455   -21.908 1.00 28.28 ? 158 ASP A CG  1 
ATOM   1070 O OD1 . ASP A 1 178 ? -16.931 0.158   -22.259 1.00 34.69 ? 158 ASP A OD1 1 
ATOM   1071 O OD2 . ASP A 1 178 ? -18.575 1.637   -21.974 1.00 31.02 ? 158 ASP A OD2 1 
ATOM   1072 N N   . ARG A 1 179 ? -21.381 -2.003  -19.722 1.00 25.38 ? 159 ARG A N   1 
ATOM   1073 C CA  . ARG A 1 179 ? -22.302 -3.136  -19.464 1.00 27.41 ? 159 ARG A CA  1 
ATOM   1074 C C   . ARG A 1 179 ? -23.651 -2.641  -19.043 1.00 25.86 ? 159 ARG A C   1 
ATOM   1075 O O   . ARG A 1 179 ? -24.554 -3.466  -18.934 1.00 28.80 ? 159 ARG A O   1 
ATOM   1076 C CB  . ARG A 1 179 ? -21.786 -4.056  -18.325 1.00 27.68 ? 159 ARG A CB  1 
ATOM   1077 C CG  . ARG A 1 179 ? -20.385 -4.474  -18.608 1.00 33.02 ? 159 ARG A CG  1 
ATOM   1078 C CD  . ARG A 1 179 ? -19.884 -5.606  -17.668 1.00 40.93 ? 159 ARG A CD  1 
ATOM   1079 N NE  . ARG A 1 179 ? -18.419 -5.632  -17.724 1.00 46.20 ? 159 ARG A NE  1 
ATOM   1080 C CZ  . ARG A 1 179 ? -17.661 -6.698  -17.490 1.00 48.04 ? 159 ARG A CZ  1 
ATOM   1081 N NH1 . ARG A 1 179 ? -18.218 -7.865  -17.186 1.00 51.22 ? 159 ARG A NH1 1 
ATOM   1082 N NH2 . ARG A 1 179 ? -16.340 -6.590  -17.553 1.00 48.67 ? 159 ARG A NH2 1 
ATOM   1083 N N   . GLY A 1 180 ? -23.789 -1.334  -18.766 1.00 23.09 ? 160 GLY A N   1 
ATOM   1084 C CA  . GLY A 1 180 ? -25.012 -0.720  -18.253 1.00 21.74 ? 160 GLY A CA  1 
ATOM   1085 C C   . GLY A 1 180 ? -25.276 -0.910  -16.763 1.00 24.36 ? 160 GLY A C   1 
ATOM   1086 O O   . GLY A 1 180 ? -26.387 -0.668  -16.304 1.00 24.64 ? 160 GLY A O   1 
ATOM   1087 N N   . ALA A 1 181 ? -24.249 -1.282  -15.991 1.00 23.19 ? 161 ALA A N   1 
ATOM   1088 C CA  . ALA A 1 181 ? -24.432 -1.595  -14.578 1.00 23.83 ? 161 ALA A CA  1 
ATOM   1089 C C   . ALA A 1 181 ? -24.140 -0.356  -13.716 1.00 22.19 ? 161 ALA A C   1 
ATOM   1090 O O   . ALA A 1 181 ? -24.706 -0.248  -12.655 1.00 22.67 ? 161 ALA A O   1 
ATOM   1091 C CB  . ALA A 1 181 ? -23.533 -2.718  -14.142 1.00 25.94 ? 161 ALA A CB  1 
ATOM   1092 N N   . ALA A 1 182 ? -23.377 0.574   -14.268 1.00 18.87 ? 162 ALA A N   1 
ATOM   1093 C CA  . ALA A 1 182 ? -23.039 1.828   -13.522 1.00 19.57 ? 162 ALA A CA  1 
ATOM   1094 C C   . ALA A 1 182 ? -23.445 3.017   -14.394 1.00 18.03 ? 162 ALA A C   1 
ATOM   1095 O O   . ALA A 1 182 ? -23.223 3.015   -15.614 1.00 18.64 ? 162 ALA A O   1 
ATOM   1096 C CB  . ALA A 1 182 ? -21.572 1.859   -13.183 1.00 16.95 ? 162 ALA A CB  1 
ATOM   1097 N N   . PRO A 1 183 ? -23.972 4.060   -13.794 1.00 18.19 ? 163 PRO A N   1 
ATOM   1098 C CA  . PRO A 1 183 ? -24.312 5.227   -14.572 1.00 17.46 ? 163 PRO A CA  1 
ATOM   1099 C C   . PRO A 1 183 ? -23.145 6.098   -14.961 1.00 19.15 ? 163 PRO A C   1 
ATOM   1100 O O   . PRO A 1 183 ? -22.140 6.131   -14.302 1.00 16.12 ? 163 PRO A O   1 
ATOM   1101 C CB  . PRO A 1 183 ? -25.274 5.969   -13.646 1.00 14.83 ? 163 PRO A CB  1 
ATOM   1102 C CG  . PRO A 1 183 ? -24.592 5.713   -12.233 1.00 16.85 ? 163 PRO A CG  1 
ATOM   1103 C CD  . PRO A 1 183 ? -24.239 4.214   -12.347 1.00 17.54 ? 163 PRO A CD  1 
ATOM   1104 N N   . ARG A 1 184 ? -23.282 6.891   -16.047 1.00 18.65 ? 164 ARG A N   1 
ATOM   1105 C CA  . ARG A 1 184 ? -22.215 7.730   -16.506 1.00 17.34 ? 164 ARG A CA  1 
ATOM   1106 C C   . ARG A 1 184 ? -22.292 9.082   -15.804 1.00 20.06 ? 164 ARG A C   1 
ATOM   1107 O O   . ARG A 1 184 ? -22.929 10.040  -16.254 1.00 21.67 ? 164 ARG A O   1 
ATOM   1108 C CB  . ARG A 1 184 ? -22.250 7.890   -18.033 1.00 19.67 ? 164 ARG A CB  1 
ATOM   1109 C CG  . ARG A 1 184 ? -22.285 6.551   -18.692 1.00 23.52 ? 164 ARG A CG  1 
ATOM   1110 C CD  . ARG A 1 184 ? -22.035 6.713   -20.273 1.00 26.53 ? 164 ARG A CD  1 
ATOM   1111 N NE  . ARG A 1 184 ? -21.950 5.357   -20.852 1.00 32.77 ? 164 ARG A NE  1 
ATOM   1112 C CZ  . ARG A 1 184 ? -20.769 4.713   -20.982 1.00 28.96 ? 164 ARG A CZ  1 
ATOM   1113 N NH1 . ARG A 1 184 ? -20.684 3.437   -21.449 1.00 33.54 ? 164 ARG A NH1 1 
ATOM   1114 N NH2 . ARG A 1 184 ? -19.682 5.335   -20.543 1.00 32.92 ? 164 ARG A NH2 1 
ATOM   1115 N N   . THR A 1 185 ? -21.730 9.130   -14.617 1.00 15.66 ? 165 THR A N   1 
ATOM   1116 C CA  . THR A 1 185 ? -21.782 10.338  -13.805 1.00 13.94 ? 165 THR A CA  1 
ATOM   1117 C C   . THR A 1 185 ? -20.519 11.112  -13.861 1.00 16.00 ? 165 THR A C   1 
ATOM   1118 O O   . THR A 1 185 ? -20.317 11.831  -14.907 1.00 19.43 ? 165 THR A O   1 
ATOM   1119 C CB  . THR A 1 185 ? -22.132 9.969   -12.302 1.00 14.75 ? 165 THR A CB  1 
ATOM   1120 O OG1 . THR A 1 185 ? -21.195 8.977   -11.937 1.00 15.51 ? 165 THR A OG1 1 
ATOM   1121 C CG2 . THR A 1 185 ? -23.494 9.332   -12.252 1.00 14.76 ? 165 THR A CG2 1 
ATOM   1122 N N   . LEU A 1 186 ? -19.592 11.001  -12.909 1.00 14.18 ? 166 LEU A N   1 
ATOM   1123 C CA  . LEU A 1 186 ? -18.322 11.720  -13.023 1.00 14.12 ? 166 LEU A CA  1 
ATOM   1124 C C   . LEU A 1 186 ? -17.412 11.057  -14.032 1.00 13.08 ? 166 LEU A C   1 
ATOM   1125 O O   . LEU A 1 186 ? -17.484 9.828   -14.225 1.00 12.51 ? 166 LEU A O   1 
ATOM   1126 C CB  . LEU A 1 186 ? -17.501 11.557  -11.693 1.00 13.23 ? 166 LEU A CB  1 
ATOM   1127 C CG  . LEU A 1 186 ? -18.024 12.152  -10.409 1.00 15.19 ? 166 LEU A CG  1 
ATOM   1128 C CD1 . LEU A 1 186 ? -17.055 11.938  -9.269  1.00 16.34 ? 166 LEU A CD1 1 
ATOM   1129 C CD2 . LEU A 1 186 ? -18.284 13.733  -10.625 1.00 18.04 ? 166 LEU A CD2 1 
ATOM   1130 N N   . PRO A 1 187 ? -16.421 11.761  -14.553 1.00 12.51 ? 167 PRO A N   1 
ATOM   1131 C CA  . PRO A 1 187 ? -15.304 11.145  -15.346 1.00 12.97 ? 167 PRO A CA  1 
ATOM   1132 C C   . PRO A 1 187 ? -14.695 9.987   -14.521 1.00 13.14 ? 167 PRO A C   1 
ATOM   1133 O O   . PRO A 1 187 ? -14.392 10.172  -13.293 1.00 11.75 ? 167 PRO A O   1 
ATOM   1134 C CB  . PRO A 1 187 ? -14.314 12.253  -15.418 1.00 13.85 ? 167 PRO A CB  1 
ATOM   1135 C CG  . PRO A 1 187 ? -15.209 13.541  -15.593 1.00 12.79 ? 167 PRO A CG  1 
ATOM   1136 C CD  . PRO A 1 187 ? -16.310 13.222  -14.467 1.00 10.38 ? 167 PRO A CD  1 
ATOM   1137 N N   . ALA A 1 188 ? -14.601 8.796   -15.140 1.00 12.44 ? 168 ALA A N   1 
ATOM   1138 C CA  . ALA A 1 188 ? -14.238 7.657   -14.376 1.00 13.08 ? 168 ALA A CA  1 
ATOM   1139 C C   . ALA A 1 188 ? -12.873 7.802   -13.762 1.00 11.81 ? 168 ALA A C   1 
ATOM   1140 O O   . ALA A 1 188 ? -12.612 7.257   -12.625 1.00 11.49 ? 168 ALA A O   1 
ATOM   1141 C CB  . ALA A 1 188 ? -14.262 6.432   -15.286 1.00 12.89 ? 168 ALA A CB  1 
ATOM   1142 N N   . HIS A 1 189 ? -11.921 8.437   -14.437 1.00 12.85 ? 169 HIS A N   1 
ATOM   1143 C CA  . HIS A 1 189 ? -10.602 8.506   -13.812 1.00 9.92  ? 169 HIS A CA  1 
ATOM   1144 C C   . HIS A 1 189 ? -10.478 9.459   -12.654 1.00 11.41 ? 169 HIS A C   1 
ATOM   1145 O O   . HIS A 1 189 ? -9.766  9.205   -11.730 1.00 10.49 ? 169 HIS A O   1 
ATOM   1146 C CB  . HIS A 1 189 ? -9.604  8.942   -14.937 1.00 12.13 ? 169 HIS A CB  1 
ATOM   1147 C CG  . HIS A 1 189 ? -8.182  8.776   -14.572 1.00 12.83 ? 169 HIS A CG  1 
ATOM   1148 N ND1 . HIS A 1 189 ? -7.493  9.702   -13.904 1.00 13.83 ? 169 HIS A ND1 1 
ATOM   1149 C CD2 . HIS A 1 189 ? -7.349  7.710   -14.693 1.00 14.73 ? 169 HIS A CD2 1 
ATOM   1150 C CE1 . HIS A 1 189 ? -6.263  9.329   -13.680 1.00 12.73 ? 169 HIS A CE1 1 
ATOM   1151 N NE2 . HIS A 1 189 ? -6.139  8.110   -14.160 1.00 14.72 ? 169 HIS A NE2 1 
ATOM   1152 N N   . GLU A 1 190 ? -11.331 10.490  -12.657 1.00 10.63 ? 170 GLU A N   1 
ATOM   1153 C CA  . GLU A 1 190 ? -11.357 11.400  -11.502 1.00 9.81  ? 170 GLU A CA  1 
ATOM   1154 C C   . GLU A 1 190 ? -12.062 10.725  -10.304 1.00 9.46  ? 170 GLU A C   1 
ATOM   1155 O O   . GLU A 1 190 ? -11.558 10.860  -9.195  1.00 11.37 ? 170 GLU A O   1 
ATOM   1156 C CB  . GLU A 1 190 ? -12.172 12.736  -11.826 1.00 11.62 ? 170 GLU A CB  1 
ATOM   1157 C CG  . GLU A 1 190 ? -11.377 13.444  -12.997 1.00 13.27 ? 170 GLU A CG  1 
ATOM   1158 C CD  . GLU A 1 190 ? -12.102 14.648  -13.627 1.00 18.22 ? 170 GLU A CD  1 
ATOM   1159 O OE1 . GLU A 1 190 ? -11.533 15.223  -14.631 1.00 17.42 ? 170 GLU A OE1 1 
ATOM   1160 O OE2 . GLU A 1 190 ? -13.227 14.938  -13.178 1.00 16.22 ? 170 GLU A OE2 1 
ATOM   1161 N N   . LEU A 1 191 ? -13.171 10.028  -10.570 1.00 9.57  ? 171 LEU A N   1 
ATOM   1162 C CA  . LEU A 1 191 ? -13.830 9.265   -9.491  1.00 7.04  ? 171 LEU A CA  1 
ATOM   1163 C C   . LEU A 1 191 ? -12.776 8.251   -8.969  1.00 8.41  ? 171 LEU A C   1 
ATOM   1164 O O   . LEU A 1 191 ? -12.608 8.151   -7.700  1.00 8.58  ? 171 LEU A O   1 
ATOM   1165 C CB  . LEU A 1 191 ? -15.038 8.574   -10.050 1.00 10.19 ? 171 LEU A CB  1 
ATOM   1166 C CG  . LEU A 1 191 ? -15.711 7.561   -9.113  1.00 8.85  ? 171 LEU A CG  1 
ATOM   1167 C CD1 . LEU A 1 191 ? -16.132 8.180   -7.824  1.00 14.59 ? 171 LEU A CD1 1 
ATOM   1168 C CD2 . LEU A 1 191 ? -16.928 7.082   -9.846  1.00 12.27 ? 171 LEU A CD2 1 
ATOM   1169 N N   . ALA A 1 192 ? -12.111 7.496   -9.865  1.00 10.42 ? 172 ALA A N   1 
ATOM   1170 C CA  . ALA A 1 192 ? -11.173 6.506   -9.362  1.00 8.19  ? 172 ALA A CA  1 
ATOM   1171 C C   . ALA A 1 192 ? -10.064 7.116   -8.518  1.00 8.98  ? 172 ALA A C   1 
ATOM   1172 O O   . ALA A 1 192 ? -9.624  6.524   -7.571  1.00 9.50  ? 172 ALA A O   1 
ATOM   1173 C CB  . ALA A 1 192 ? -10.577 5.761   -10.607 1.00 8.96  ? 172 ALA A CB  1 
ATOM   1174 N N   . THR A 1 193 ? -9.574  8.265   -8.954  1.00 6.53  ? 173 THR A N   1 
ATOM   1175 C CA  . THR A 1 193 ? -8.492  8.903   -8.219  1.00 7.92  ? 173 THR A CA  1 
ATOM   1176 C C   . THR A 1 193 ? -8.985  9.249   -6.769  1.00 7.84  ? 173 THR A C   1 
ATOM   1177 O O   . THR A 1 193 ? -8.235  8.954   -5.800  1.00 8.96  ? 173 THR A O   1 
ATOM   1178 C CB  . THR A 1 193 ? -8.106  10.227  -8.925  1.00 9.77  ? 173 THR A CB  1 
ATOM   1179 O OG1 . THR A 1 193 ? -7.486  9.897   -10.173 1.00 10.30 ? 173 THR A OG1 1 
ATOM   1180 C CG2 . THR A 1 193 ? -7.017  10.897  -8.153  1.00 10.60 ? 173 THR A CG2 1 
ATOM   1181 N N   . ALA A 1 194 ? -10.151 9.918   -6.629  1.00 9.06  ? 174 ALA A N   1 
ATOM   1182 C CA  . ALA A 1 194 ? -10.577 10.279  -5.229  1.00 8.43  ? 174 ALA A CA  1 
ATOM   1183 C C   . ALA A 1 194 ? -10.803 9.021   -4.442  1.00 6.72  ? 174 ALA A C   1 
ATOM   1184 O O   . ALA A 1 194 ? -10.474 9.035   -3.225  1.00 7.74  ? 174 ALA A O   1 
ATOM   1185 C CB  . ALA A 1 194 ? -11.822 11.072  -5.292  1.00 7.98  ? 174 ALA A CB  1 
ATOM   1186 N N   . LEU A 1 195 ? -11.485 8.032   -5.045  1.00 7.39  ? 175 LEU A N   1 
ATOM   1187 C CA  . LEU A 1 195 ? -11.718 6.809   -4.187  1.00 8.58  ? 175 LEU A CA  1 
ATOM   1188 C C   . LEU A 1 195 ? -10.346 6.089   -3.773  1.00 8.84  ? 175 LEU A C   1 
ATOM   1189 O O   . LEU A 1 195 ? -10.219 5.554   -2.652  1.00 9.16  ? 175 LEU A O   1 
ATOM   1190 C CB  . LEU A 1 195 ? -12.487 5.753   -4.994  1.00 8.68  ? 175 LEU A CB  1 
ATOM   1191 C CG  . LEU A 1 195 ? -13.945 6.209   -5.241  1.00 9.61  ? 175 LEU A CG  1 
ATOM   1192 C CD1 . LEU A 1 195 ? -14.688 5.148   -6.134  1.00 10.16 ? 175 LEU A CD1 1 
ATOM   1193 C CD2 . LEU A 1 195 ? -14.709 6.361   -3.892  1.00 9.23  ? 175 LEU A CD2 1 
ATOM   1194 N N   . ASN A 1 196 ? -9.310  6.108   -4.647  1.00 8.90  ? 176 ASN A N   1 
ATOM   1195 C CA  . ASN A 1 196 ? -8.078  5.468   -4.267  1.00 8.80  ? 176 ASN A CA  1 
ATOM   1196 C C   . ASN A 1 196 ? -7.358  6.277   -3.230  1.00 9.35  ? 176 ASN A C   1 
ATOM   1197 O O   . ASN A 1 196 ? -6.688  5.772   -2.321  1.00 9.92  ? 176 ASN A O   1 
ATOM   1198 C CB  . ASN A 1 196 ? -7.184  5.229   -5.534  1.00 9.96  ? 176 ASN A CB  1 
ATOM   1199 C CG  . ASN A 1 196 ? -7.445  3.935   -6.179  1.00 14.88 ? 176 ASN A CG  1 
ATOM   1200 O OD1 . ASN A 1 196 ? -6.701  3.005   -5.972  1.00 18.52 ? 176 ASN A OD1 1 
ATOM   1201 N ND2 . ASN A 1 196 ? -8.396  3.864   -7.015  1.00 8.64  ? 176 ASN A ND2 1 
ATOM   1202 N N   . LEU A 1 197 ? -7.409  7.603   -3.398  1.00 8.05  ? 177 LEU A N   1 
ATOM   1203 C CA  . LEU A 1 197 ? -6.862  8.508   -2.361  1.00 7.71  ? 177 LEU A CA  1 
ATOM   1204 C C   . LEU A 1 197 ? -7.540  8.347   -1.003  1.00 7.76  ? 177 LEU A C   1 
ATOM   1205 O O   . LEU A 1 197 ? -6.914  8.411   0.045   1.00 9.01  ? 177 LEU A O   1 
ATOM   1206 C CB  . LEU A 1 197 ? -6.777  9.989   -2.793  1.00 9.23  ? 177 LEU A CB  1 
ATOM   1207 C CG  . LEU A 1 197 ? -5.836  10.218  -4.000  1.00 8.85  ? 177 LEU A CG  1 
ATOM   1208 C CD1 . LEU A 1 197 ? -6.039  11.681  -4.448  1.00 10.22 ? 177 LEU A CD1 1 
ATOM   1209 C CD2 . LEU A 1 197 ? -4.352  9.883   -3.607  1.00 9.72  ? 177 LEU A CD2 1 
ATOM   1210 N N   . MET A 1 198 ? -8.861  8.225   -1.012  1.00 6.99  ? 178 MET A N   1 
ATOM   1211 C CA  . MET A 1 198 ? -9.594  7.967   0.207   1.00 7.65  ? 178 MET A CA  1 
ATOM   1212 C C   . MET A 1 198 ? -9.072  6.677   0.799   1.00 9.42  ? 178 MET A C   1 
ATOM   1213 O O   . MET A 1 198 ? -8.814  6.664   2.026   1.00 8.60  ? 178 MET A O   1 
ATOM   1214 C CB  . MET A 1 198 ? -11.094 7.776   -0.046  1.00 10.13 ? 178 MET A CB  1 
ATOM   1215 C CG  . MET A 1 198 ? -11.867 7.336   1.248   1.00 8.67  ? 178 MET A CG  1 
ATOM   1216 S SD  . MET A 1 198 ? -13.606 7.127   0.879   1.00 13.28 ? 178 MET A SD  1 
ATOM   1217 C CE  . MET A 1 198 ? -13.573 5.710   -0.308  1.00 12.80 ? 178 MET A CE  1 
ATOM   1218 N N   . ASN A 1 199 ? -8.898  5.655   -0.018  1.00 9.42  ? 179 ASN A N   1 
ATOM   1219 C CA  . ASN A 1 199 ? -8.477  4.420   0.606   1.00 10.39 ? 179 ASN A CA  1 
ATOM   1220 C C   . ASN A 1 199 ? -7.110  4.559   1.216   1.00 10.32 ? 179 ASN A C   1 
ATOM   1221 O O   . ASN A 1 199 ? -6.848  4.008   2.339   1.00 10.49 ? 179 ASN A O   1 
ATOM   1222 C CB  . ASN A 1 199 ? -8.369  3.325   -0.413  1.00 9.07  ? 179 ASN A CB  1 
ATOM   1223 C CG  . ASN A 1 199 ? -9.699  2.716   -0.742  1.00 9.02  ? 179 ASN A CG  1 
ATOM   1224 O OD1 . ASN A 1 199 ? -10.758 3.278   -0.447  1.00 13.16 ? 179 ASN A OD1 1 
ATOM   1225 N ND2 . ASN A 1 199 ? -9.654  1.587   -1.524  1.00 12.86 ? 179 ASN A ND2 1 
ATOM   1226 N N   . GLU A 1 200 ? -6.193  5.237   0.485   1.00 10.90 ? 180 GLU A N   1 
ATOM   1227 C CA  . GLU A 1 200 ? -4.825  5.423   0.982   1.00 11.14 ? 180 GLU A CA  1 
ATOM   1228 C C   . GLU A 1 200 ? -4.835  6.108   2.381   1.00 12.92 ? 180 GLU A C   1 
ATOM   1229 O O   . GLU A 1 200 ? -4.280  5.625   3.385   1.00 12.11 ? 180 GLU A O   1 
ATOM   1230 C CB  . GLU A 1 200 ? -4.088  6.322   0.007   1.00 11.06 ? 180 GLU A CB  1 
ATOM   1231 C CG  . GLU A 1 200 ? -2.602  6.669   0.533   1.00 16.03 ? 180 GLU A CG  1 
ATOM   1232 C CD  . GLU A 1 200 ? -1.983  7.775   -0.293  1.00 15.90 ? 180 GLU A CD  1 
ATOM   1233 O OE1 . GLU A 1 200 ? -1.952  7.702   -1.523  1.00 18.02 ? 180 GLU A OE1 1 
ATOM   1234 O OE2 . GLU A 1 200 ? -1.563  8.799   0.303   1.00 20.18 ? 180 GLU A OE2 1 
ATOM   1235 N N   . ARG A 1 201 ? -5.536  7.242   2.483   1.00 7.54  ? 181 ARG A N   1 
ATOM   1236 C CA  . ARG A 1 201 ? -5.528  8.009   3.712   1.00 10.54 ? 181 ARG A CA  1 
ATOM   1237 C C   . ARG A 1 201 ? -6.295  7.278   4.851   1.00 8.97  ? 181 ARG A C   1 
ATOM   1238 O O   . ARG A 1 201 ? -5.920  7.316   6.016   1.00 12.26 ? 181 ARG A O   1 
ATOM   1239 C CB  . ARG A 1 201 ? -6.081  9.438   3.406   1.00 9.25  ? 181 ARG A CB  1 
ATOM   1240 C CG  . ARG A 1 201 ? -6.061  10.391  4.625   1.00 9.49  ? 181 ARG A CG  1 
ATOM   1241 C CD  . ARG A 1 201 ? -4.604  10.805  4.919   1.00 16.56 ? 181 ARG A CD  1 
ATOM   1242 N NE  . ARG A 1 201 ? -4.730  11.749  6.022   1.00 27.18 ? 181 ARG A NE  1 
ATOM   1243 C CZ  . ARG A 1 201 ? -4.479  11.389  7.271   1.00 30.60 ? 181 ARG A CZ  1 
ATOM   1244 N NH1 . ARG A 1 201 ? -4.044  10.159  7.463   1.00 24.62 ? 181 ARG A NH1 1 
ATOM   1245 N NH2 . ARG A 1 201 ? -4.704  12.271  8.286   1.00 33.03 ? 181 ARG A NH2 1 
ATOM   1246 N N   . THR A 1 202 ? -7.372  6.577   4.477   1.00 7.96  ? 182 THR A N   1 
ATOM   1247 C CA  . THR A 1 202 ? -8.281  5.959   5.491   1.00 8.03  ? 182 THR A CA  1 
ATOM   1248 C C   . THR A 1 202 ? -7.576  4.706   6.020   1.00 11.47 ? 182 THR A C   1 
ATOM   1249 O O   . THR A 1 202 ? -7.537  4.466   7.251   1.00 12.72 ? 182 THR A O   1 
ATOM   1250 C CB  . THR A 1 202 ? -9.660  5.666   4.868   1.00 11.06 ? 182 THR A CB  1 
ATOM   1251 O OG1 . THR A 1 202 ? -10.234 6.961   4.483   1.00 12.41 ? 182 THR A OG1 1 
ATOM   1252 C CG2 . THR A 1 202 ? -10.519 5.219   6.028   1.00 13.07 ? 182 THR A CG2 1 
ATOM   1253 N N   . LEU A 1 203 ? -7.097  3.842   5.111   1.00 10.84 ? 183 LEU A N   1 
ATOM   1254 C CA  . LEU A 1 203 ? -6.381  2.631   5.546   1.00 11.79 ? 183 LEU A CA  1 
ATOM   1255 C C   . LEU A 1 203 ? -5.231  3.081   6.435   1.00 13.10 ? 183 LEU A C   1 
ATOM   1256 O O   . LEU A 1 203 ? -5.094  2.519   7.524   1.00 14.74 ? 183 LEU A O   1 
ATOM   1257 C CB  . LEU A 1 203 ? -5.839  1.822   4.342   1.00 10.30 ? 183 LEU A CB  1 
ATOM   1258 C CG  . LEU A 1 203 ? -6.915  1.101   3.553   1.00 12.73 ? 183 LEU A CG  1 
ATOM   1259 C CD1 . LEU A 1 203 ? -6.140  0.546   2.286   1.00 12.62 ? 183 LEU A CD1 1 
ATOM   1260 C CD2 . LEU A 1 203 ? -7.643  -0.074  4.456   1.00 19.00 ? 183 LEU A CD2 1 
ATOM   1261 N N   . PHE A 1 204 ? -4.390  4.016   6.008   1.00 11.83 ? 184 PHE A N   1 
ATOM   1262 C CA  . PHE A 1 204 ? -3.194  4.297   6.758   1.00 14.61 ? 184 PHE A CA  1 
ATOM   1263 C C   . PHE A 1 204 ? -3.488  5.008   8.108   1.00 13.98 ? 184 PHE A C   1 
ATOM   1264 O O   . PHE A 1 204 ? -2.828  4.691   9.174   1.00 14.31 ? 184 PHE A O   1 
ATOM   1265 C CB  . PHE A 1 204 ? -2.230  5.057   5.892   1.00 18.53 ? 184 PHE A CB  1 
ATOM   1266 C CG  . PHE A 1 204 ? -1.790  4.256   4.708   1.00 18.53 ? 184 PHE A CG  1 
ATOM   1267 C CD1 . PHE A 1 204 ? -2.168  2.887   4.543   1.00 23.75 ? 184 PHE A CD1 1 
ATOM   1268 C CD2 . PHE A 1 204 ? -1.088  4.854   3.687   1.00 22.34 ? 184 PHE A CD2 1 
ATOM   1269 C CE1 . PHE A 1 204 ? -1.774  2.104   3.365   1.00 24.17 ? 184 PHE A CE1 1 
ATOM   1270 C CE2 . PHE A 1 204 ? -0.719  4.121   2.544   1.00 19.24 ? 184 PHE A CE2 1 
ATOM   1271 C CZ  . PHE A 1 204 ? -1.024  2.779   2.363   1.00 22.58 ? 184 PHE A CZ  1 
ATOM   1272 N N   . ALA A 1 205 ? -4.542  5.853   8.136   1.00 14.46 ? 185 ALA A N   1 
ATOM   1273 C CA  . ALA A 1 205 ? -4.962  6.381   9.447   1.00 15.05 ? 185 ALA A CA  1 
ATOM   1274 C C   . ALA A 1 205 ? -5.388  5.244   10.374  1.00 14.35 ? 185 ALA A C   1 
ATOM   1275 O O   . ALA A 1 205 ? -5.106  5.259   11.613  1.00 16.69 ? 185 ALA A O   1 
ATOM   1276 C CB  . ALA A 1 205 ? -6.087  7.452   9.292   1.00 13.75 ? 185 ALA A CB  1 
ATOM   1277 N N   . SER A 1 206 ? -6.111  4.278   9.827   1.00 12.36 ? 186 SER A N   1 
ATOM   1278 C CA  . SER A 1 206 ? -6.625  3.195   10.634  1.00 13.52 ? 186 SER A CA  1 
ATOM   1279 C C   . SER A 1 206 ? -5.456  2.384   11.159  1.00 16.42 ? 186 SER A C   1 
ATOM   1280 O O   . SER A 1 206 ? -5.484  2.032   12.400  1.00 19.68 ? 186 SER A O   1 
ATOM   1281 C CB  . SER A 1 206 ? -7.590  2.347   9.818   1.00 16.14 ? 186 SER A CB  1 
ATOM   1282 O OG  . SER A 1 206 ? -8.100  1.407   10.701  1.00 28.51 ? 186 SER A OG  1 
ATOM   1283 N N   . PHE A 1 207 ? -4.441  2.118   10.332  1.00 15.17 ? 187 PHE A N   1 
ATOM   1284 C CA  . PHE A 1 207 ? -3.428  1.148   10.794  1.00 16.84 ? 187 PHE A CA  1 
ATOM   1285 C C   . PHE A 1 207 ? -2.543  1.903   11.792  1.00 21.92 ? 187 PHE A C   1 
ATOM   1286 O O   . PHE A 1 207 ? -1.963  1.250   12.648  1.00 24.89 ? 187 PHE A O   1 
ATOM   1287 C CB  . PHE A 1 207 ? -2.512  0.799   9.658   1.00 15.74 ? 187 PHE A CB  1 
ATOM   1288 C CG  . PHE A 1 207 ? -3.154  -0.021  8.569   1.00 16.28 ? 187 PHE A CG  1 
ATOM   1289 C CD1 . PHE A 1 207 ? -2.661  0.011   7.226   1.00 16.23 ? 187 PHE A CD1 1 
ATOM   1290 C CD2 . PHE A 1 207 ? -4.239  -0.809  8.844   1.00 19.72 ? 187 PHE A CD2 1 
ATOM   1291 C CE1 . PHE A 1 207 ? -3.299  -0.756  6.265   1.00 18.65 ? 187 PHE A CE1 1 
ATOM   1292 C CE2 . PHE A 1 207 ? -4.800  -1.590  7.881   1.00 19.24 ? 187 PHE A CE2 1 
ATOM   1293 C CZ  . PHE A 1 207 ? -4.293  -1.565  6.579   1.00 20.64 ? 187 PHE A CZ  1 
ATOM   1294 N N   . ALA A 1 208 ? -2.465  3.205   11.687  1.00 21.89 ? 188 ALA A N   1 
ATOM   1295 C CA  . ALA A 1 208 ? -1.635  4.015   12.641  1.00 24.49 ? 188 ALA A CA  1 
ATOM   1296 C C   . ALA A 1 208 ? -2.426  4.357   13.922  1.00 25.69 ? 188 ALA A C   1 
ATOM   1297 O O   . ALA A 1 208 ? -1.827  4.928   14.830  1.00 29.90 ? 188 ALA A O   1 
ATOM   1298 C CB  . ALA A 1 208 ? -1.111  5.222   11.979  1.00 23.83 ? 188 ALA A CB  1 
ATOM   1299 N N   . GLY A 1 209 ? -3.695  3.944   14.062  1.00 25.22 ? 189 GLY A N   1 
ATOM   1300 C CA  . GLY A 1 209 ? -4.575  4.391   15.145  1.00 25.41 ? 189 GLY A CA  1 
ATOM   1301 C C   . GLY A 1 209 ? -4.511  5.933   15.319  1.00 27.52 ? 189 GLY A C   1 
ATOM   1302 O O   . GLY A 1 209 ? -4.612  6.421   16.463  1.00 27.41 ? 189 GLY A O   1 
ATOM   1303 N N   . GLU A 1 210 ? -4.419  6.692   14.207  1.00 24.43 ? 190 GLU A N   1 
ATOM   1304 C CA  . GLU A 1 210 ? -4.485  8.183   14.284  1.00 23.34 ? 190 GLU A CA  1 
ATOM   1305 C C   . GLU A 1 210 ? -5.801  8.567   14.926  1.00 21.71 ? 190 GLU A C   1 
ATOM   1306 O O   . GLU A 1 210 ? -6.785  7.818   14.891  1.00 23.30 ? 190 GLU A O   1 
ATOM   1307 C CB  . GLU A 1 210 ? -4.430  8.840   12.852  1.00 21.54 ? 190 GLU A CB  1 
ATOM   1308 C CG  . GLU A 1 210 ? -3.071  8.601   12.163  1.00 25.01 ? 190 GLU A CG  1 
ATOM   1309 C CD  . GLU A 1 210 ? -3.040  9.301   10.820  1.00 30.47 ? 190 GLU A CD  1 
ATOM   1310 O OE1 . GLU A 1 210 ? -2.140  9.009   10.031  1.00 40.76 ? 190 GLU A OE1 1 
ATOM   1311 O OE2 . GLU A 1 210 ? -3.935  10.127  10.570  1.00 31.72 ? 190 GLU A OE2 1 
ATOM   1312 N N   . GLN A 1 211 ? -5.860  9.784   15.507  1.00 23.09 ? 191 GLN A N   1 
ATOM   1313 C CA  . GLN A 1 211 ? -7.074  10.384  15.948  1.00 24.10 ? 191 GLN A CA  1 
ATOM   1314 C C   . GLN A 1 211 ? -7.193  11.543  14.985  1.00 24.61 ? 191 GLN A C   1 
ATOM   1315 O O   . GLN A 1 211 ? -6.358  12.458  14.988  1.00 25.77 ? 191 GLN A O   1 
ATOM   1316 C CB  . GLN A 1 211 ? -6.915  10.913  17.382  1.00 26.34 ? 191 GLN A CB  1 
ATOM   1317 C CG  . GLN A 1 211 ? -8.170  11.517  17.977  1.00 32.43 ? 191 GLN A CG  1 
ATOM   1318 C CD  . GLN A 1 211 ? -8.241  11.234  19.459  1.00 40.84 ? 191 GLN A CD  1 
ATOM   1319 O OE1 . GLN A 1 211 ? -7.213  10.941  20.099  1.00 42.30 ? 191 GLN A OE1 1 
ATOM   1320 N NE2 . GLN A 1 211 ? -9.451  11.312  20.023  1.00 41.77 ? 191 GLN A NE2 1 
ATOM   1321 N N   . PRO A 1 212 ? -8.195  11.526  14.099  1.00 23.35 ? 192 PRO A N   1 
ATOM   1322 C CA  . PRO A 1 212 ? -9.316  10.645  13.895  1.00 21.35 ? 192 PRO A CA  1 
ATOM   1323 C C   . PRO A 1 212 ? -8.983  9.482   12.942  1.00 17.00 ? 192 PRO A C   1 
ATOM   1324 O O   . PRO A 1 212 ? -8.033  9.542   12.119  1.00 20.33 ? 192 PRO A O   1 
ATOM   1325 C CB  . PRO A 1 212 ? -10.338 11.593  13.160  1.00 22.32 ? 192 PRO A CB  1 
ATOM   1326 C CG  . PRO A 1 212 ? -9.524  12.417  12.308  1.00 22.99 ? 192 PRO A CG  1 
ATOM   1327 C CD  . PRO A 1 212 ? -8.184  12.636  13.093  1.00 24.80 ? 192 PRO A CD  1 
ATOM   1328 N N   . SER A 1 213 ? -9.637  8.356   13.204  1.00 15.50 ? 193 SER A N   1 
ATOM   1329 C CA  . SER A 1 213 ? -9.542  7.223   12.249  1.00 13.31 ? 193 SER A CA  1 
ATOM   1330 C C   . SER A 1 213 ? -10.701 6.307   12.432  1.00 12.89 ? 193 SER A C   1 
ATOM   1331 O O   . SER A 1 213 ? -11.296 6.168   13.501  1.00 16.78 ? 193 SER A O   1 
ATOM   1332 C CB  . SER A 1 213 ? -8.273  6.368   12.359  1.00 15.48 ? 193 SER A CB  1 
ATOM   1333 O OG  . SER A 1 213 ? -8.130  5.910   13.705  1.00 17.80 ? 193 SER A OG  1 
ATOM   1334 N N   . VAL A 1 214 ? -10.979 5.564   11.362  1.00 11.90 ? 194 VAL A N   1 
ATOM   1335 C CA  . VAL A 1 214 ? -12.021 4.520   11.464  1.00 12.05 ? 194 VAL A CA  1 
ATOM   1336 C C   . VAL A 1 214 ? -11.359 3.311   12.141  1.00 13.91 ? 194 VAL A C   1 
ATOM   1337 O O   . VAL A 1 214 ? -10.221 3.018   11.781  1.00 12.24 ? 194 VAL A O   1 
ATOM   1338 C CB  . VAL A 1 214 ? -12.467 4.067   9.997   1.00 13.08 ? 194 VAL A CB  1 
ATOM   1339 C CG1 . VAL A 1 214 ? -13.540 2.958   10.001  1.00 14.14 ? 194 VAL A CG1 1 
ATOM   1340 C CG2 . VAL A 1 214 ? -13.092 5.332   9.217   1.00 15.81 ? 194 VAL A CG2 1 
ATOM   1341 N N   . PRO A 1 215 ? -12.046 2.605   13.056  1.00 13.94 ? 195 PRO A N   1 
ATOM   1342 C CA  . PRO A 1 215 ? -11.373 1.429   13.597  1.00 14.58 ? 195 PRO A CA  1 
ATOM   1343 C C   . PRO A 1 215 ? -10.975 0.408   12.529  1.00 11.59 ? 195 PRO A C   1 
ATOM   1344 O O   . PRO A 1 215 ? -11.715 0.228   11.585  1.00 10.99 ? 195 PRO A O   1 
ATOM   1345 C CB  . PRO A 1 215 ? -12.492 0.780   14.429  1.00 16.07 ? 195 PRO A CB  1 
ATOM   1346 C CG  . PRO A 1 215 ? -13.282 1.986   14.844  1.00 17.83 ? 195 PRO A CG  1 
ATOM   1347 C CD  . PRO A 1 215 ? -13.403 2.815   13.602  1.00 14.92 ? 195 PRO A CD  1 
ATOM   1348 N N   . GLU A 1 216 ? -9.808  -0.181  12.694  1.00 13.45 ? 196 GLU A N   1 
ATOM   1349 C CA  . GLU A 1 216 ? -9.377  -1.145  11.702  1.00 11.97 ? 196 GLU A CA  1 
ATOM   1350 C C   . GLU A 1 216 ? -10.432 -2.192  11.376  1.00 13.84 ? 196 GLU A C   1 
ATOM   1351 O O   . GLU A 1 216 ? -10.611 -2.582  10.234  1.00 13.86 ? 196 GLU A O   1 
ATOM   1352 C CB  . GLU A 1 216 ? -7.989  -1.684  12.129  1.00 12.69 ? 196 GLU A CB  1 
ATOM   1353 C CG  . GLU A 1 216 ? -7.516  -2.763  11.346  1.00 20.38 ? 196 GLU A CG  1 
ATOM   1354 C CD  . GLU A 1 216 ? -6.049  -3.095  11.669  1.00 27.01 ? 196 GLU A CD  1 
ATOM   1355 O OE1 . GLU A 1 216 ? -5.662  -4.159  11.238  1.00 36.99 ? 196 GLU A OE1 1 
ATOM   1356 O OE2 . GLU A 1 216 ? -5.368  -2.290  12.334  1.00 31.80 ? 196 GLU A OE2 1 
ATOM   1357 N N   . ALA A 1 217 ? -11.174 -2.646  12.406  1.00 10.57 ? 197 ALA A N   1 
ATOM   1358 C CA  . ALA A 1 217 ? -12.229 -3.646  12.127  1.00 12.63 ? 197 ALA A CA  1 
ATOM   1359 C C   . ALA A 1 217 ? -13.468 -3.174  11.433  1.00 13.02 ? 197 ALA A C   1 
ATOM   1360 O O   . ALA A 1 217 ? -14.393 -3.955  11.055  1.00 14.02 ? 197 ALA A O   1 
ATOM   1361 C CB  . ALA A 1 217 ? -12.641 -4.207  13.529  1.00 14.12 ? 197 ALA A CB  1 
ATOM   1362 N N   . ARG A 1 218 ? -13.563 -1.875  11.142  1.00 10.79 ? 198 ARG A N   1 
ATOM   1363 C CA  . ARG A 1 218 ? -14.670 -1.271  10.440  1.00 10.82 ? 198 ARG A CA  1 
ATOM   1364 C C   . ARG A 1 218 ? -14.300 -0.693  9.111   1.00 8.85  ? 198 ARG A C   1 
ATOM   1365 O O   . ARG A 1 218 ? -15.125 -0.250  8.342   1.00 11.12 ? 198 ARG A O   1 
ATOM   1366 C CB  . ARG A 1 218 ? -15.198 -0.107  11.320  1.00 9.86  ? 198 ARG A CB  1 
ATOM   1367 C CG  . ARG A 1 218 ? -15.912 -0.726  12.543  1.00 12.58 ? 198 ARG A CG  1 
ATOM   1368 C CD  . ARG A 1 218 ? -17.245 -1.481  12.204  1.00 13.82 ? 198 ARG A CD  1 
ATOM   1369 N NE  . ARG A 1 218 ? -18.074 -0.734  11.216  1.00 20.00 ? 198 ARG A NE  1 
ATOM   1370 C CZ  . ARG A 1 218 ? -18.870 -1.326  10.342  1.00 21.41 ? 198 ARG A CZ  1 
ATOM   1371 N NH1 . ARG A 1 218 ? -18.981 -2.655  10.407  1.00 25.26 ? 198 ARG A NH1 1 
ATOM   1372 N NH2 . ARG A 1 218 ? -19.566 -0.643  9.447   1.00 20.14 ? 198 ARG A NH2 1 
ATOM   1373 N N   . VAL A 1 219 ? -12.996 -0.639  8.823   1.00 9.37  ? 199 VAL A N   1 
ATOM   1374 C CA  . VAL A 1 219 ? -12.573 0.132   7.639   1.00 11.46 ? 199 VAL A CA  1 
ATOM   1375 C C   . VAL A 1 219 ? -12.962 -0.501  6.327   1.00 11.32 ? 199 VAL A C   1 
ATOM   1376 O O   . VAL A 1 219 ? -13.358 0.212   5.419   1.00 11.57 ? 199 VAL A O   1 
ATOM   1377 C CB  . VAL A 1 219 ? -11.116 0.696   7.858   1.00 13.89 ? 199 VAL A CB  1 
ATOM   1378 C CG1 . VAL A 1 219 ? -10.190 -0.381  7.662   1.00 14.01 ? 199 VAL A CG1 1 
ATOM   1379 C CG2 . VAL A 1 219 ? -10.799 1.848   6.850   1.00 17.44 ? 199 VAL A CG2 1 
ATOM   1380 N N   . LEU A 1 220 ? -12.883 -1.825  6.182   1.00 10.76 ? 200 LEU A N   1 
ATOM   1381 C CA  . LEU A 1 220 ? -13.331 -2.368  4.899   1.00 11.53 ? 200 LEU A CA  1 
ATOM   1382 C C   . LEU A 1 220 ? -14.785 -2.085  4.566   1.00 13.22 ? 200 LEU A C   1 
ATOM   1383 O O   . LEU A 1 220 ? -15.116 -1.765  3.437   1.00 13.92 ? 200 LEU A O   1 
ATOM   1384 C CB  . LEU A 1 220 ? -13.106 -3.895  4.961   1.00 14.43 ? 200 LEU A CB  1 
ATOM   1385 C CG  . LEU A 1 220 ? -12.024 -4.490  4.147   1.00 23.20 ? 200 LEU A CG  1 
ATOM   1386 C CD1 . LEU A 1 220 ? -12.359 -6.056  4.249   1.00 19.88 ? 200 LEU A CD1 1 
ATOM   1387 C CD2 . LEU A 1 220 ? -11.974 -3.918  2.677   1.00 19.31 ? 200 LEU A CD2 1 
ATOM   1388 N N   . ASP A 1 221 ? -15.675 -2.268  5.508   1.00 10.98 ? 201 ASP A N   1 
ATOM   1389 C CA  . ASP A 1 221 ? -17.100 -2.032  5.317   1.00 10.64 ? 201 ASP A CA  1 
ATOM   1390 C C   . ASP A 1 221 ? -17.292 -0.540  4.894   1.00 10.99 ? 201 ASP A C   1 
ATOM   1391 O O   . ASP A 1 221 ? -18.188 -0.258  4.066   1.00 10.63 ? 201 ASP A O   1 
ATOM   1392 C CB  . ASP A 1 221 ? -17.894 -2.205  6.614   1.00 15.31 ? 201 ASP A CB  1 
ATOM   1393 C CG  . ASP A 1 221 ? -18.387 -3.680  6.856   1.00 25.06 ? 201 ASP A CG  1 
ATOM   1394 O OD1 . ASP A 1 221 ? -19.079 -3.923  7.911   1.00 28.24 ? 201 ASP A OD1 1 
ATOM   1395 O OD2 . ASP A 1 221 ? -18.147 -4.530  5.974   1.00 24.08 ? 201 ASP A OD2 1 
ATOM   1396 N N   . THR A 1 222 ? -16.559 0.274   5.594   1.00 10.41 ? 202 THR A N   1 
ATOM   1397 C CA  . THR A 1 222 ? -16.724 1.744   5.365   1.00 7.78  ? 202 THR A CA  1 
ATOM   1398 C C   . THR A 1 222 ? -16.334 2.050   3.923   1.00 7.54  ? 202 THR A C   1 
ATOM   1399 O O   . THR A 1 222 ? -17.080 2.755   3.150   1.00 9.07  ? 202 THR A O   1 
ATOM   1400 C CB  . THR A 1 222 ? -15.880 2.517   6.310   1.00 9.06  ? 202 THR A CB  1 
ATOM   1401 O OG1 . THR A 1 222 ? -16.214 2.203   7.682   1.00 10.87 ? 202 THR A OG1 1 
ATOM   1402 C CG2 . THR A 1 222 ? -16.021 4.063   6.173   1.00 10.14 ? 202 THR A CG2 1 
ATOM   1403 N N   . LEU A 1 223 ? -15.145 1.609   3.560   1.00 9.19  ? 203 LEU A N   1 
ATOM   1404 C CA  . LEU A 1 223 ? -14.655 1.936   2.164   1.00 7.95  ? 203 LEU A CA  1 
ATOM   1405 C C   . LEU A 1 223 ? -15.524 1.233   1.121   1.00 10.30 ? 203 LEU A C   1 
ATOM   1406 O O   . LEU A 1 223 ? -15.821 1.877   0.092   1.00 9.73  ? 203 LEU A O   1 
ATOM   1407 C CB  . LEU A 1 223 ? -13.181 1.494   2.037   1.00 7.57  ? 203 LEU A CB  1 
ATOM   1408 C CG  . LEU A 1 223 ? -12.245 2.270   3.019   1.00 9.86  ? 203 LEU A CG  1 
ATOM   1409 C CD1 . LEU A 1 223 ? -10.912 1.523   2.802   1.00 14.38 ? 203 LEU A CD1 1 
ATOM   1410 C CD2 . LEU A 1 223 ? -12.173 3.740   2.568   1.00 11.28 ? 203 LEU A CD2 1 
ATOM   1411 N N   . VAL A 1 224 ? -15.960 -0.010  1.341   1.00 8.98  ? 204 VAL A N   1 
ATOM   1412 C CA  . VAL A 1 224 ? -16.682 -0.638  0.300   1.00 10.24 ? 204 VAL A CA  1 
ATOM   1413 C C   . VAL A 1 224 ? -18.066 0.087   0.116   1.00 10.09 ? 204 VAL A C   1 
ATOM   1414 O O   . VAL A 1 224 ? -18.487 0.284   -1.016  1.00 10.91 ? 204 VAL A O   1 
ATOM   1415 C CB  . VAL A 1 224 ? -17.007 -2.060  0.708   1.00 10.98 ? 204 VAL A CB  1 
ATOM   1416 C CG1 . VAL A 1 224 ? -18.090 -2.714  -0.297  1.00 14.56 ? 204 VAL A CG1 1 
ATOM   1417 C CG2 . VAL A 1 224 ? -15.707 -2.901  0.631   1.00 13.10 ? 204 VAL A CG2 1 
ATOM   1418 N N   . HIS A 1 225 ? -18.666 0.557   1.202   1.00 9.80  ? 205 HIS A N   1 
ATOM   1419 C CA  . HIS A 1 225 ? -19.917 1.302   1.035   1.00 8.87  ? 205 HIS A CA  1 
ATOM   1420 C C   . HIS A 1 225 ? -19.706 2.549   0.159   1.00 10.30 ? 205 HIS A C   1 
ATOM   1421 O O   . HIS A 1 225 ? -20.579 2.871   -0.675  1.00 10.47 ? 205 HIS A O   1 
ATOM   1422 C CB  . HIS A 1 225 ? -20.372 1.792   2.438   1.00 9.43  ? 205 HIS A CB  1 
ATOM   1423 C CG  . HIS A 1 225 ? -21.608 2.710   2.368   1.00 8.96  ? 205 HIS A CG  1 
ATOM   1424 N ND1 . HIS A 1 225 ? -21.517 4.096   2.369   1.00 15.04 ? 205 HIS A ND1 1 
ATOM   1425 C CD2 . HIS A 1 225 ? -22.912 2.407   2.235   1.00 13.44 ? 205 HIS A CD2 1 
ATOM   1426 C CE1 . HIS A 1 225 ? -22.735 4.611   2.283   1.00 9.84  ? 205 HIS A CE1 1 
ATOM   1427 N NE2 . HIS A 1 225 ? -23.590 3.611   2.190   1.00 15.80 ? 205 HIS A NE2 1 
ATOM   1428 N N   . ILE A 1 226 ? -18.673 3.307   0.475   1.00 9.17  ? 206 ILE A N   1 
ATOM   1429 C CA  . ILE A 1 226 ? -18.441 4.559   -0.297  1.00 8.87  ? 206 ILE A CA  1 
ATOM   1430 C C   . ILE A 1 226 ? -18.061 4.263   -1.748  1.00 7.81  ? 206 ILE A C   1 
ATOM   1431 O O   . ILE A 1 226 ? -18.536 4.968   -2.675  1.00 9.13  ? 206 ILE A O   1 
ATOM   1432 C CB  . ILE A 1 226 ? -17.253 5.374   0.404   1.00 7.04  ? 206 ILE A CB  1 
ATOM   1433 C CG1 . ILE A 1 226 ? -17.875 5.821   1.777   1.00 9.66  ? 206 ILE A CG1 1 
ATOM   1434 C CG2 . ILE A 1 226 ? -17.008 6.632   -0.449  1.00 10.90 ? 206 ILE A CG2 1 
ATOM   1435 C CD1 . ILE A 1 226 ? -16.688 6.356   2.644   1.00 10.76 ? 206 ILE A CD1 1 
ATOM   1436 N N   . TRP A 1 227 ? -17.347 3.166   -2.038  1.00 8.53  ? 207 TRP A N   1 
ATOM   1437 C CA  . TRP A 1 227 ? -17.061 2.810   -3.426  1.00 7.61  ? 207 TRP A CA  1 
ATOM   1438 C C   . TRP A 1 227 ? -18.338 2.396   -4.149  1.00 8.79  ? 207 TRP A C   1 
ATOM   1439 O O   . TRP A 1 227 ? -18.583 2.916   -5.279  1.00 10.86 ? 207 TRP A O   1 
ATOM   1440 C CB  . TRP A 1 227 ? -16.108 1.614   -3.497  1.00 10.06 ? 207 TRP A CB  1 
ATOM   1441 C CG  . TRP A 1 227 ? -14.684 2.070   -3.334  1.00 8.43  ? 207 TRP A CG  1 
ATOM   1442 C CD1 . TRP A 1 227 ? -14.075 2.738   -2.232  1.00 10.35 ? 207 TRP A CD1 1 
ATOM   1443 C CD2 . TRP A 1 227 ? -13.607 1.822   -4.273  1.00 9.17  ? 207 TRP A CD2 1 
ATOM   1444 N NE1 . TRP A 1 227 ? -12.694 2.903   -2.496  1.00 10.58 ? 207 TRP A NE1 1 
ATOM   1445 C CE2 . TRP A 1 227 ? -12.375 2.392   -3.719  1.00 8.27  ? 207 TRP A CE2 1 
ATOM   1446 C CE3 . TRP A 1 227 ? -13.550 1.248   -5.505  1.00 11.79 ? 207 TRP A CE3 1 
ATOM   1447 C CZ2 . TRP A 1 227 ? -11.183 2.368   -4.402  1.00 11.17 ? 207 TRP A CZ2 1 
ATOM   1448 C CZ3 . TRP A 1 227 ? -12.334 1.156   -6.149  1.00 12.82 ? 207 TRP A CZ3 1 
ATOM   1449 C CH2 . TRP A 1 227 ? -11.184 1.781   -5.667  1.00 12.52 ? 207 TRP A CH2 1 
ATOM   1450 N N   . VAL A 1 228 ? -19.127 1.551   -3.527  1.00 8.82  ? 208 VAL A N   1 
ATOM   1451 C CA  . VAL A 1 228 ? -20.331 1.045   -4.265  1.00 11.27 ? 208 VAL A CA  1 
ATOM   1452 C C   . VAL A 1 228 ? -21.310 2.168   -4.456  1.00 12.45 ? 208 VAL A C   1 
ATOM   1453 O O   . VAL A 1 228 ? -21.876 2.257   -5.548  1.00 13.73 ? 208 VAL A O   1 
ATOM   1454 C CB  . VAL A 1 228 ? -20.984 -0.124  -3.530  1.00 12.06 ? 208 VAL A CB  1 
ATOM   1455 C CG1 . VAL A 1 228 ? -22.117 -0.601  -4.322  1.00 18.74 ? 208 VAL A CG1 1 
ATOM   1456 C CG2 . VAL A 1 228 ? -19.908 -1.227  -3.535  1.00 16.03 ? 208 VAL A CG2 1 
ATOM   1457 N N   . THR A 1 229 ? -21.582 3.002   -3.447  1.00 11.12 ? 209 THR A N   1 
ATOM   1458 C CA  . THR A 1 229 ? -22.593 4.008   -3.608  1.00 9.88  ? 209 THR A CA  1 
ATOM   1459 C C   . THR A 1 229 ? -22.070 5.019   -4.635  1.00 13.01 ? 209 THR A C   1 
ATOM   1460 O O   . THR A 1 229 ? -22.842 5.502   -5.471  1.00 12.74 ? 209 THR A O   1 
ATOM   1461 C CB  . THR A 1 229 ? -22.963 4.658   -2.334  1.00 11.32 ? 209 THR A CB  1 
ATOM   1462 O OG1 . THR A 1 229 ? -21.798 5.201   -1.697  1.00 11.46 ? 209 THR A OG1 1 
ATOM   1463 C CG2 . THR A 1 229 ? -23.620 3.752   -1.449  1.00 13.13 ? 209 THR A CG2 1 
ATOM   1464 N N   . SER A 1 230 ? -20.759 5.327   -4.634  1.00 9.41  ? 210 SER A N   1 
ATOM   1465 C CA  . SER A 1 230 ? -20.400 6.404   -5.556  1.00 8.41  ? 210 SER A CA  1 
ATOM   1466 C C   . SER A 1 230 ? -20.228 5.887   -7.006  1.00 10.01 ? 210 SER A C   1 
ATOM   1467 O O   . SER A 1 230 ? -20.405 6.651   -7.984  1.00 11.31 ? 210 SER A O   1 
ATOM   1468 C CB  . SER A 1 230 ? -19.069 7.082   -5.062  1.00 11.69 ? 210 SER A CB  1 
ATOM   1469 O OG  . SER A 1 230 ? -18.024 6.201   -5.177  1.00 13.61 ? 210 SER A OG  1 
ATOM   1470 N N   . ILE A 1 231 ? -19.962 4.591   -7.181  1.00 9.73  ? 211 ILE A N   1 
ATOM   1471 C CA  . ILE A 1 231 ? -19.776 4.089   -8.528  1.00 10.06 ? 211 ILE A CA  1 
ATOM   1472 C C   . ILE A 1 231 ? -21.137 3.719   -9.152  1.00 10.63 ? 211 ILE A C   1 
ATOM   1473 O O   . ILE A 1 231 ? -21.306 4.000   -10.347 1.00 12.22 ? 211 ILE A O   1 
ATOM   1474 C CB  . ILE A 1 231 ? -18.873 2.826   -8.521  1.00 10.31 ? 211 ILE A CB  1 
ATOM   1475 C CG1 . ILE A 1 231 ? -17.467 3.249   -8.162  1.00 10.65 ? 211 ILE A CG1 1 
ATOM   1476 C CG2 . ILE A 1 231 ? -18.977 2.025   -9.885  1.00 10.56 ? 211 ILE A CG2 1 
ATOM   1477 C CD1 . ILE A 1 231 ? -16.453 2.048   -7.864  1.00 11.20 ? 211 ILE A CD1 1 
ATOM   1478 N N   . TYR A 1 232 ? -22.107 3.284   -8.355  1.00 11.79 ? 212 TYR A N   1 
ATOM   1479 C CA  . TYR A 1 232 ? -23.378 2.801   -8.941  1.00 11.65 ? 212 TYR A CA  1 
ATOM   1480 C C   . TYR A 1 232 ? -24.454 3.756   -8.673  1.00 13.59 ? 212 TYR A C   1 
ATOM   1481 O O   . TYR A 1 232 ? -25.561 3.587   -9.273  1.00 16.75 ? 212 TYR A O   1 
ATOM   1482 C CB  . TYR A 1 232 ? -23.747 1.415   -8.374  1.00 11.76 ? 212 TYR A CB  1 
ATOM   1483 C CG  . TYR A 1 232 ? -22.731 0.378   -8.785  1.00 14.28 ? 212 TYR A CG  1 
ATOM   1484 C CD1 . TYR A 1 232 ? -21.653 0.059   -7.950  1.00 12.34 ? 212 TYR A CD1 1 
ATOM   1485 C CD2 . TYR A 1 232 ? -22.672 -0.127  -10.097 1.00 14.45 ? 212 TYR A CD2 1 
ATOM   1486 C CE1 . TYR A 1 232 ? -20.642 -0.883  -8.298  1.00 15.72 ? 212 TYR A CE1 1 
ATOM   1487 C CE2 . TYR A 1 232 ? -21.737 -1.047  -10.429 1.00 11.61 ? 212 TYR A CE2 1 
ATOM   1488 C CZ  . TYR A 1 232 ? -20.685 -1.450  -9.543  1.00 14.49 ? 212 TYR A CZ  1 
ATOM   1489 O OH  . TYR A 1 232 ? -19.698 -2.286  -9.940  1.00 15.74 ? 212 TYR A OH  1 
ATOM   1490 N N   . GLY A 1 233 ? -24.223 4.824   -7.860  1.00 14.85 ? 213 GLY A N   1 
ATOM   1491 C CA  . GLY A 1 233 ? -25.359 5.731   -7.490  1.00 18.82 ? 213 GLY A CA  1 
ATOM   1492 C C   . GLY A 1 233 ? -25.582 6.800   -8.522  1.00 22.56 ? 213 GLY A C   1 
ATOM   1493 O O   . GLY A 1 233 ? -24.675 7.265   -9.176  1.00 21.85 ? 213 GLY A O   1 
ATOM   1494 N N   . GLU A 1 234 ? -26.880 7.074   -8.743  1.00 26.98 ? 214 GLU A N   1 
ATOM   1495 C CA  . GLU A 1 234 ? -27.348 8.270   -9.477  1.00 33.03 ? 214 GLU A CA  1 
ATOM   1496 C C   . GLU A 1 234 ? -27.605 9.293   -8.366  1.00 33.34 ? 214 GLU A C   1 
ATOM   1497 O O   . GLU A 1 234 ? -27.211 10.448  -8.499  1.00 39.95 ? 214 GLU A O   1 
ATOM   1498 C CB  . GLU A 1 234 ? -28.663 7.893   -10.195 1.00 34.15 ? 214 GLU A CB  1 
ATOM   1499 C CG  . GLU A 1 234 ? -28.413 6.653   -11.071 1.00 39.11 ? 214 GLU A CG  1 
ATOM   1500 C CD  . GLU A 1 234 ? -29.585 5.734   -11.232 1.00 48.15 ? 214 GLU A CD  1 
ATOM   1501 O OE1 . GLU A 1 234 ? -30.624 5.941   -10.543 1.00 53.42 ? 214 GLU A OE1 1 
ATOM   1502 O OE2 . GLU A 1 234 ? -29.460 4.787   -12.053 1.00 49.29 ? 214 GLU A OE2 1 
HETATM 1503 C C22 . LL5 B 2 .   ? -15.477 -5.446  -9.090  1.00 33.02 ? 217 LL5 A C22 1 
HETATM 1504 C C20 . LL5 B 2 .   ? -16.301 -5.923  -10.266 1.00 28.23 ? 217 LL5 A C20 1 
HETATM 1505 C C21 . LL5 B 2 .   ? -16.963 -4.822  -11.149 1.00 23.43 ? 217 LL5 A C21 1 
HETATM 1506 C C19 . LL5 B 2 .   ? -15.452 -6.885  -11.153 1.00 29.51 ? 217 LL5 A C19 1 
HETATM 1507 N N33 . LL5 B 2 .   ? -16.456 -7.868  -11.669 1.00 32.64 ? 217 LL5 A N33 1 
HETATM 1508 C C7  . LL5 B 2 .   ? -14.404 -7.605  -10.282 1.00 30.29 ? 217 LL5 A C7  1 
HETATM 1509 O O32 . LL5 B 2 .   ? -14.661 -8.629  -9.613  1.00 31.69 ? 217 LL5 A O32 1 
HETATM 1510 N N1  . LL5 B 2 .   ? -13.160 -7.185  -10.208 1.00 24.15 ? 217 LL5 A N1  1 
HETATM 1511 C C2  . LL5 B 2 .   ? -12.668 -5.936  -10.849 1.00 27.78 ? 217 LL5 A C2  1 
HETATM 1512 C C3  . LL5 B 2 .   ? -12.422 -4.964  -9.678  1.00 24.00 ? 217 LL5 A C3  1 
HETATM 1513 C C6  . LL5 B 2 .   ? -12.185 -7.834  -9.301  1.00 24.52 ? 217 LL5 A C6  1 
HETATM 1514 C C5  . LL5 B 2 .   ? -11.784 -6.853  -8.174  1.00 24.65 ? 217 LL5 A C5  1 
HETATM 1515 C C4  . LL5 B 2 .   ? -11.305 -5.497  -8.806  1.00 22.42 ? 217 LL5 A C4  1 
HETATM 1516 C C14 . LL5 B 2 .   ? -11.008 -4.521  -7.681  1.00 24.38 ? 217 LL5 A C14 1 
HETATM 1517 N N23 . LL5 B 2 .   ? -10.082 -3.643  -7.738  1.00 23.03 ? 217 LL5 A N23 1 
HETATM 1518 O O26 . LL5 B 2 .   ? -11.673 -4.466  -6.546  1.00 25.63 ? 217 LL5 A O26 1 
HETATM 1519 N N25 . LL5 B 2 .   ? -11.071 -3.334  -5.814  1.00 25.54 ? 217 LL5 A N25 1 
HETATM 1520 C C24 . LL5 B 2 .   ? -10.081 -2.937  -6.581  1.00 21.63 ? 217 LL5 A C24 1 
HETATM 1521 C C27 . LL5 B 2 .   ? -9.238  -1.907  -6.297  1.00 21.30 ? 217 LL5 A C27 1 
HETATM 1522 C C31 . LL5 B 2 .   ? -8.470  -1.245  -7.133  1.00 17.52 ? 217 LL5 A C31 1 
HETATM 1523 C C30 . LL5 B 2 .   ? -7.851  -0.211  -6.457  1.00 17.28 ? 217 LL5 A C30 1 
HETATM 1524 C C29 . LL5 B 2 .   ? -8.067  -0.014  -5.113  1.00 17.94 ? 217 LL5 A C29 1 
HETATM 1525 S S28 . LL5 B 2 .   ? -9.154  -1.209  -4.735  1.00 25.27 ? 217 LL5 A S28 1 
HETATM 1526 C C1  . GOL C 3 .   ? -4.706  2.646   -1.654  1.00 19.83 ? 218 GOL A C1  1 
HETATM 1527 O O1  . GOL C 3 .   ? -3.497  2.334   -0.984  1.00 36.29 ? 218 GOL A O1  1 
HETATM 1528 C C2  . GOL C 3 .   ? -5.106  1.161   -1.990  1.00 13.21 ? 218 GOL A C2  1 
HETATM 1529 O O2  . GOL C 3 .   ? -4.925  1.262   -3.472  1.00 31.32 ? 218 GOL A O2  1 
HETATM 1530 C C3  . GOL C 3 .   ? -6.539  1.010   -1.953  1.00 22.03 ? 218 GOL A C3  1 
HETATM 1531 O O3  . GOL C 3 .   ? -6.975  1.678   -3.154  1.00 31.18 ? 218 GOL A O3  1 
HETATM 1532 O O   . HOH D 4 .   ? -15.040 -3.701  8.038   1.00 14.57 ? 219 HOH A O   1 
HETATM 1533 O O   . HOH D 4 .   ? -19.959 -2.276  3.409   1.00 21.44 ? 220 HOH A O   1 
HETATM 1534 O O   . HOH D 4 .   ? 32.044  -3.574  2.374   1.00 15.14 ? 221 HOH A O   1 
HETATM 1535 O O   . HOH D 4 .   ? -7.927  1.077   14.396  1.00 26.89 ? 222 HOH A O   1 
HETATM 1536 O O   . HOH D 4 .   ? -8.677  -0.360  15.389  1.00 36.08 ? 223 HOH A O   1 
HETATM 1537 O O   . HOH D 4 .   ? -2.736  -11.152 5.050   1.00 35.51 ? 224 HOH A O   1 
HETATM 1538 O O   . HOH D 4 .   ? -3.799  6.678   -13.593 1.00 17.47 ? 225 HOH A O   1 
HETATM 1539 O O   . HOH D 4 .   ? -9.386  5.834   9.147   1.00 16.81 ? 226 HOH A O   1 
HETATM 1540 O O   . HOH D 4 .   ? -9.153  14.196  -15.594 0.50 18.82 ? 227 HOH A O   1 
HETATM 1541 O O   . HOH D 4 .   ? -13.191 16.483  -16.636 1.00 21.59 ? 228 HOH A O   1 
HETATM 1542 O O   . HOH D 4 .   ? -15.055 14.325  -11.556 1.00 20.90 ? 229 HOH A O   1 
HETATM 1543 O O   . HOH D 4 .   ? 30.385  -8.503  8.184   1.00 17.28 ? 230 HOH A O   1 
HETATM 1544 O O   . HOH D 4 .   ? -15.892 -10.153 -0.110  1.00 25.12 ? 231 HOH A O   1 
HETATM 1545 O O   . HOH D 4 .   ? -7.890  3.444   -17.230 1.00 20.51 ? 232 HOH A O   1 
HETATM 1546 O O   . HOH D 4 .   ? -21.548 -1.820  7.985   1.00 32.85 ? 233 HOH A O   1 
HETATM 1547 O O   . HOH D 4 .   ? 2.282   3.709   -13.427 1.00 23.19 ? 234 HOH A O   1 
HETATM 1548 O O   . HOH D 4 .   ? -25.713 6.803   -17.613 1.00 31.95 ? 235 HOH A O   1 
HETATM 1549 O O   . HOH D 4 .   ? -23.135 11.820  -18.382 1.00 33.13 ? 236 HOH A O   1 
HETATM 1550 O O   . HOH D 4 .   ? -18.908 7.615   -19.094 1.00 29.20 ? 237 HOH A O   1 
HETATM 1551 O O   . HOH D 4 .   ? -24.076 5.181   -22.276 1.00 56.39 ? 238 HOH A O   1 
HETATM 1552 O O   . HOH D 4 .   ? 10.372  7.107   7.236   1.00 31.36 ? 239 HOH A O   1 
HETATM 1553 O O   . HOH D 4 .   ? 25.587  4.177   12.668  1.00 39.65 ? 240 HOH A O   1 
HETATM 1554 O O   . HOH D 4 .   ? -23.762 -6.056  -5.263  1.00 28.75 ? 241 HOH A O   1 
HETATM 1555 O O   . HOH D 4 .   ? -21.468 -1.974  1.231   1.00 26.83 ? 242 HOH A O   1 
HETATM 1556 O O   . HOH D 4 .   ? -6.157  11.300  10.891  1.00 24.41 ? 243 HOH A O   1 
HETATM 1557 O O   . HOH D 4 .   ? -12.533 -0.767  -19.543 1.00 26.22 ? 244 HOH A O   1 
HETATM 1558 O O   . HOH D 4 .   ? -3.274  -0.096  -14.663 1.00 26.03 ? 245 HOH A O   1 
HETATM 1559 O O   . HOH D 4 .   ? 1.253   -10.971 -3.821  1.00 29.27 ? 246 HOH A O   1 
HETATM 1560 O O   . HOH D 4 .   ? -5.029  10.805  -11.090 1.00 25.71 ? 247 HOH A O   1 
HETATM 1561 O O   . HOH D 4 .   ? -10.471 -6.972  -14.000 1.00 25.82 ? 248 HOH A O   1 
HETATM 1562 O O   . HOH D 4 .   ? -24.137 2.997   -18.215 1.00 30.38 ? 249 HOH A O   1 
HETATM 1563 O O   . HOH D 4 .   ? -11.377 6.194   -18.159 1.00 28.23 ? 250 HOH A O   1 
HETATM 1564 O O   . HOH D 4 .   ? -16.139 5.810   -18.185 1.00 28.67 ? 251 HOH A O   1 
HETATM 1565 O O   . HOH D 4 .   ? 0.652   1.910   9.974   1.00 33.35 ? 252 HOH A O   1 
HETATM 1566 O O   . HOH D 4 .   ? 3.413   -1.388  14.157  1.00 94.38 ? 253 HOH A O   1 
HETATM 1567 O O   . HOH D 4 .   ? 7.245   -8.369  -3.397  1.00 31.51 ? 254 HOH A O   1 
HETATM 1568 O O   . HOH D 4 .   ? 4.130   9.970   -4.050  1.00 32.04 ? 255 HOH A O   1 
HETATM 1569 O O   . HOH D 4 .   ? 10.035  6.507   9.994   1.00 37.22 ? 256 HOH A O   1 
HETATM 1570 O O   . HOH D 4 .   ? 21.686  5.974   6.149   1.00 31.93 ? 257 HOH A O   1 
HETATM 1571 O O   . HOH D 4 .   ? 18.265  9.595   10.040  1.00 75.10 ? 258 HOH A O   1 
HETATM 1572 O O   . HOH D 4 .   ? -2.091  9.325   3.067   1.00 34.14 ? 259 HOH A O   1 
HETATM 1573 O O   . HOH D 4 .   ? 12.067  9.093   10.915  1.00 42.65 ? 260 HOH A O   1 
HETATM 1574 O O   . HOH D 4 .   ? -13.199 -15.980 -11.156 1.00 45.32 ? 261 HOH A O   1 
HETATM 1575 O O   . HOH D 4 .   ? -14.148 -6.564  10.228  1.00 28.50 ? 262 HOH A O   1 
HETATM 1576 O O   . HOH D 4 .   ? 4.246   -4.357  11.036  1.00 38.77 ? 263 HOH A O   1 
HETATM 1577 O O   . HOH D 4 .   ? -29.080 5.596   -7.466  1.00 35.88 ? 264 HOH A O   1 
HETATM 1578 O O   . HOH D 4 .   ? -28.785 12.182  -9.310  1.00 59.70 ? 265 HOH A O   1 
HETATM 1579 O O   . HOH D 4 .   ? 26.038  0.120   -1.524  1.00 36.01 ? 266 HOH A O   1 
HETATM 1580 O O   . HOH D 4 .   ? 14.483  10.759  2.941   1.00 43.58 ? 267 HOH A O   1 
HETATM 1581 O O   . HOH D 4 .   ? 3.991   -5.950  -9.593  1.00 35.22 ? 268 HOH A O   1 
HETATM 1582 O O   . HOH D 4 .   ? -6.695  3.186   14.601  1.00 42.00 ? 269 HOH A O   1 
HETATM 1583 O O   . HOH D 4 .   ? 11.589  4.993   -7.005  1.00 43.74 ? 270 HOH A O   1 
HETATM 1584 O O   . HOH D 4 .   ? 29.100  -3.889  20.092  1.00 45.71 ? 271 HOH A O   1 
HETATM 1585 O O   . HOH D 4 .   ? 15.310  12.357  -2.756  1.00 50.16 ? 272 HOH A O   1 
HETATM 1586 O O   . HOH D 4 .   ? 19.808  -4.181  16.143  1.00 40.75 ? 273 HOH A O   1 
HETATM 1587 O O   . HOH D 4 .   ? -6.085  13.474  9.508   1.00 39.94 ? 274 HOH A O   1 
HETATM 1588 O O   . HOH D 4 .   ? 4.830   5.725   0.199   1.00 42.88 ? 275 HOH A O   1 
HETATM 1589 O O   . HOH D 4 .   ? 20.917  6.474   -0.251  1.00 63.80 ? 276 HOH A O   1 
HETATM 1590 O O   . HOH D 4 .   ? -26.733 1.733   -10.791 1.00 41.20 ? 277 HOH A O   1 
HETATM 1591 O O   . HOH D 4 .   ? 0.173   0.735   14.256  1.00 49.00 ? 278 HOH A O   1 
HETATM 1592 O O   . HOH D 4 .   ? 27.551  -2.502  -3.502  1.00 40.58 ? 279 HOH A O   1 
HETATM 1593 O O   . HOH D 4 .   ? -10.257 -2.283  15.287  1.00 17.63 ? 280 HOH A O   1 
HETATM 1594 O O   . HOH D 4 .   ? -9.717  0.205   17.146  1.00 35.67 ? 281 HOH A O   1 
HETATM 1595 O O   . HOH D 4 .   ? -7.575  16.290  -17.007 1.00 19.45 ? 282 HOH A O   1 
HETATM 1596 O O   . HOH D 4 .   ? 2.113   -5.198  10.630  1.00 24.52 ? 283 HOH A O   1 
HETATM 1597 O O   . HOH D 4 .   ? 0.047   3.942   8.674   1.00 26.04 ? 284 HOH A O   1 
HETATM 1598 O O   . HOH D 4 .   ? -11.948 -6.516  8.665   1.00 23.93 ? 285 HOH A O   1 
HETATM 1599 O O   . HOH D 4 .   ? -16.185 -6.651  8.470   1.00 53.63 ? 286 HOH A O   1 
HETATM 1600 O O   . HOH D 4 .   ? -3.607  12.307  -12.595 1.00 40.19 ? 287 HOH A O   1 
HETATM 1601 O O   . HOH D 4 .   ? -3.152  9.033   -12.144 1.00 33.12 ? 288 HOH A O   1 
HETATM 1602 O O   . HOH D 4 .   ? 12.233  8.597   6.028   1.00 40.67 ? 289 HOH A O   1 
HETATM 1603 O O   . HOH D 4 .   ? -11.738 -8.485  7.299   1.00 25.97 ? 290 HOH A O   1 
HETATM 1604 O O   . HOH D 4 .   ? 24.501  -1.660  -2.890  1.00 45.70 ? 291 HOH A O   1 
HETATM 1605 O O   . HOH D 4 .   ? -23.446 -0.766  9.103   1.00 46.82 ? 292 HOH A O   1 
HETATM 1606 O O   . HOH D 4 .   ? -1.276  11.860  3.213   0.50 30.24 ? 293 HOH A O   1 
HETATM 1607 O O   . HOH D 4 .   ? 7.747   5.859   10.961  1.00 45.44 ? 294 HOH A O   1 
HETATM 1608 O O   . HOH D 4 .   ? 29.500  -11.000 7.030   1.00 51.59 ? 295 HOH A O   1 
HETATM 1609 O O   . HOH D 4 .   ? 4.099   5.765   -14.295 1.00 59.71 ? 296 HOH A O   1 
HETATM 1610 O O   . HOH D 4 .   ? -14.272 -8.987  6.269   1.00 39.63 ? 297 HOH A O   1 
HETATM 1611 O O   . HOH D 4 .   ? 0.968   6.494   7.827   1.00 34.70 ? 298 HOH A O   1 
HETATM 1612 O O   . HOH D 4 .   ? 13.656  7.864   4.175   1.00 38.75 ? 299 HOH A O   1 
HETATM 1613 O O   . HOH D 4 .   ? 1.041   12.899  1.793   1.00 44.66 ? 300 HOH A O   1 
HETATM 1614 O O   . HOH D 4 .   ? -15.518 8.890   -18.148 1.00 17.35 ? 301 HOH A O   1 
HETATM 1615 O O   . HOH D 4 .   ? 31.227  -2.346  12.346  1.00 28.08 ? 302 HOH A O   1 
HETATM 1616 O O   . HOH D 4 .   ? -5.143  -6.084  8.308   1.00 42.65 ? 303 HOH A O   1 
HETATM 1617 O O   . HOH D 4 .   ? -25.515 5.540   -4.039  0.50 18.76 ? 304 HOH A O   1 
HETATM 1618 O O   . HOH D 4 .   ? -13.857 8.772   -18.331 1.00 37.36 ? 305 HOH A O   1 
HETATM 1619 O O   . HOH D 4 .   ? -3.279  11.562  15.462  1.00 38.53 ? 306 HOH A O   1 
HETATM 1620 O O   . HOH D 4 .   ? -0.299  3.427   -15.029 1.00 43.09 ? 307 HOH A O   1 
HETATM 1621 O O   . HOH D 4 .   ? -14.188 -5.836  -14.657 1.00 34.39 ? 308 HOH A O   1 
HETATM 1622 O O   . HOH D 4 .   ? 22.614  6.500   10.827  1.00 53.18 ? 309 HOH A O   1 
HETATM 1623 O O   . HOH D 4 .   ? -0.514  -13.213 -5.762  1.00 35.15 ? 310 HOH A O   1 
HETATM 1624 O O   . HOH D 4 .   ? -22.787 13.435  -9.943  1.00 40.03 ? 311 HOH A O   1 
HETATM 1625 O O   . HOH D 4 .   ? -5.805  -1.183  -16.277 1.00 41.18 ? 312 HOH A O   1 
HETATM 1626 O O   . HOH D 4 .   ? -18.378 11.555  -17.664 1.00 45.15 ? 313 HOH A O   1 
HETATM 1627 O O   . HOH D 4 .   ? -9.799  -6.405  11.084  1.00 33.29 ? 314 HOH A O   1 
HETATM 1628 O O   . HOH D 4 .   ? -27.206 8.037   -5.377  1.00 49.25 ? 315 HOH A O   1 
HETATM 1629 O O   . HOH D 4 .   ? -24.802 -7.355  -8.666  1.00 32.85 ? 316 HOH A O   1 
HETATM 1630 O O   . HOH D 4 .   ? -17.912 -4.108  -20.356 1.00 38.98 ? 317 HOH A O   1 
HETATM 1631 O O   . HOH D 4 .   ? 27.560  -7.797  14.201  1.00 44.39 ? 318 HOH A O   1 
HETATM 1632 O O   . HOH D 4 .   ? 25.489  -5.473  -3.277  1.00 34.89 ? 319 HOH A O   1 
HETATM 1633 O O   . HOH D 4 .   ? -25.464 11.978  -10.782 1.00 49.40 ? 320 HOH A O   1 
HETATM 1634 O O   . HOH D 4 .   ? -22.499 13.263  -12.751 1.00 43.44 ? 321 HOH A O   1 
HETATM 1635 O O   . HOH D 4 .   ? -3.601  -3.752  -11.397 1.00 32.82 ? 322 HOH A O   1 
HETATM 1636 O O   . HOH D 4 .   ? 31.839  -8.214  1.016   1.00 34.73 ? 323 HOH A O   1 
HETATM 1637 O O   . HOH D 4 .   ? -11.200 -10.378 9.693   1.00 32.51 ? 324 HOH A O   1 
HETATM 1638 O O   . HOH D 4 .   ? -5.274  -8.155  9.136   1.00 51.89 ? 325 HOH A O   1 
HETATM 1639 O O   . HOH D 4 .   ? 9.703   14.149  -2.352  1.00 60.60 ? 326 HOH A O   1 
HETATM 1640 O O   . HOH D 4 .   ? -0.195  8.328   5.642   1.00 44.14 ? 327 HOH A O   1 
HETATM 1641 O O   . HOH D 4 .   ? -23.630 -3.262  -7.746  1.00 51.06 ? 328 HOH A O   1 
HETATM 1642 O O   . HOH D 4 .   ? 32.628  1.018   11.058  1.00 38.69 ? 329 HOH A O   1 
HETATM 1643 O O   . HOH D 4 .   ? 25.696  -13.845 2.110   1.00 72.34 ? 330 HOH A O   1 
HETATM 1644 O O   . HOH D 4 .   ? 3.806   13.200  1.721   1.00 64.58 ? 331 HOH A O   1 
HETATM 1645 O O   . HOH D 4 .   ? -0.291  -10.241 3.536   1.00 49.97 ? 332 HOH A O   1 
# 
